data_1ILC
# 
_entry.id   1ILC 
# 
_audit_conform.dict_name       mmcif_pdbx.dic 
_audit_conform.dict_version    5.389 
_audit_conform.dict_location   http://mmcif.pdb.org/dictionaries/ascii/mmcif_pdbx.dic 
# 
loop_
_database_2.database_id 
_database_2.database_code 
_database_2.pdbx_database_accession 
_database_2.pdbx_DOI 
PDB   1ILC         pdb_00001ilc 10.2210/pdb1ilc/pdb 
NDB   BD0052       ?            ?                   
RCSB  RCSB013387   ?            ?                   
WWPDB D_1000013387 ?            ?                   
# 
loop_
_pdbx_audit_revision_history.ordinal 
_pdbx_audit_revision_history.data_content_type 
_pdbx_audit_revision_history.major_revision 
_pdbx_audit_revision_history.minor_revision 
_pdbx_audit_revision_history.revision_date 
1 'Structure model' 1 0 2002-05-08 
2 'Structure model' 1 1 2008-04-27 
3 'Structure model' 1 2 2011-07-13 
4 'Structure model' 1 3 2024-02-07 
5 'Structure model' 1 4 2024-04-03 
# 
_pdbx_audit_revision_details.ordinal             1 
_pdbx_audit_revision_details.revision_ordinal    1 
_pdbx_audit_revision_details.data_content_type   'Structure model' 
_pdbx_audit_revision_details.provider            repository 
_pdbx_audit_revision_details.type                'Initial release' 
_pdbx_audit_revision_details.description         ? 
_pdbx_audit_revision_details.details             ? 
# 
loop_
_pdbx_audit_revision_group.ordinal 
_pdbx_audit_revision_group.revision_ordinal 
_pdbx_audit_revision_group.data_content_type 
_pdbx_audit_revision_group.group 
1 2 'Structure model' 'Version format compliance' 
2 3 'Structure model' 'Version format compliance' 
3 4 'Structure model' 'Data collection'           
4 4 'Structure model' 'Database references'       
5 5 'Structure model' 'Refinement description'    
# 
loop_
_pdbx_audit_revision_category.ordinal 
_pdbx_audit_revision_category.revision_ordinal 
_pdbx_audit_revision_category.data_content_type 
_pdbx_audit_revision_category.category 
1 4 'Structure model' chem_comp_atom                
2 4 'Structure model' chem_comp_bond                
3 4 'Structure model' database_2                    
4 5 'Structure model' pdbx_initial_refinement_model 
# 
loop_
_pdbx_audit_revision_item.ordinal 
_pdbx_audit_revision_item.revision_ordinal 
_pdbx_audit_revision_item.data_content_type 
_pdbx_audit_revision_item.item 
1 4 'Structure model' '_database_2.pdbx_DOI'                
2 4 'Structure model' '_database_2.pdbx_database_accession' 
# 
_pdbx_database_status.status_code                     REL 
_pdbx_database_status.entry_id                        1ILC 
_pdbx_database_status.recvd_initial_deposition_date   2001-05-08 
_pdbx_database_status.deposit_site                    RCSB 
_pdbx_database_status.process_site                    RCSB 
_pdbx_database_status.SG_entry                        . 
_pdbx_database_status.status_code_sf                  REL 
_pdbx_database_status.pdb_format_compatible           Y 
_pdbx_database_status.status_code_mr                  ? 
_pdbx_database_status.status_code_cs                  ? 
_pdbx_database_status.status_code_nmr_data            ? 
_pdbx_database_status.methods_development_category    ? 
# 
loop_
_audit_author.name 
_audit_author.pdbx_ordinal 
'Hizver, J.'     1 
'Rozenberg, H.'  2 
'Frolow, F.'     3 
'Rabinovich, D.' 4 
'Shakked, Z.'    5 
# 
_citation.id                        primary 
_citation.title                     'DNA bending by an adenine--thymine tract and its role in gene regulation.' 
_citation.journal_abbrev            Proc.Natl.Acad.Sci.USA 
_citation.journal_volume            98 
_citation.page_first                8490 
_citation.page_last                 8495 
_citation.year                      2001 
_citation.journal_id_ASTM           PNASA6 
_citation.country                   US 
_citation.journal_id_ISSN           0027-8424 
_citation.journal_id_CSD            0040 
_citation.book_publisher            ? 
_citation.pdbx_database_id_PubMed   11438706 
_citation.pdbx_database_id_DOI      10.1073/pnas.151247298 
# 
loop_
_citation_author.citation_id 
_citation_author.name 
_citation_author.ordinal 
_citation_author.identifier_ORCID 
primary 'Hizver, J.'     1 ? 
primary 'Rozenberg, H.'  2 ? 
primary 'Frolow, F.'     3 ? 
primary 'Rabinovich, D.' 4 ? 
primary 'Shakked, Z.'    5 ? 
# 
loop_
_entity.id 
_entity.type 
_entity.src_method 
_entity.pdbx_description 
_entity.formula_weight 
_entity.pdbx_number_of_molecules 
_entity.pdbx_ec 
_entity.pdbx_mutation 
_entity.pdbx_fragment 
_entity.details 
1 polymer syn "5'-D(*AP*CP*CP*GP*AP*AP*TP*TP*CP*GP*GP*T)-3'" 3662.404 6   ? ? ? 'Human papillomavirus E2 DNA target' 
2 water   nat water                                          18.015   114 ? ? ? ?                                    
# 
_entity_poly.entity_id                      1 
_entity_poly.type                           polydeoxyribonucleotide 
_entity_poly.nstd_linkage                   no 
_entity_poly.nstd_monomer                   no 
_entity_poly.pdbx_seq_one_letter_code       '(DA)(DC)(DC)(DG)(DA)(DA)(DT)(DT)(DC)(DG)(DG)(DT)' 
_entity_poly.pdbx_seq_one_letter_code_can   ACCGAATTCGGT 
_entity_poly.pdbx_strand_id                 A,B,C,D,E,F 
_entity_poly.pdbx_target_identifier         ? 
# 
_pdbx_entity_nonpoly.entity_id   2 
_pdbx_entity_nonpoly.name        water 
_pdbx_entity_nonpoly.comp_id     HOH 
# 
loop_
_entity_poly_seq.entity_id 
_entity_poly_seq.num 
_entity_poly_seq.mon_id 
_entity_poly_seq.hetero 
1 1  DA n 
1 2  DC n 
1 3  DC n 
1 4  DG n 
1 5  DA n 
1 6  DA n 
1 7  DT n 
1 8  DT n 
1 9  DC n 
1 10 DG n 
1 11 DG n 
1 12 DT n 
# 
loop_
_chem_comp.id 
_chem_comp.type 
_chem_comp.mon_nstd_flag 
_chem_comp.name 
_chem_comp.pdbx_synonyms 
_chem_comp.formula 
_chem_comp.formula_weight 
DA  'DNA linking' y "2'-DEOXYADENOSINE-5'-MONOPHOSPHATE" ? 'C10 H14 N5 O6 P' 331.222 
DC  'DNA linking' y "2'-DEOXYCYTIDINE-5'-MONOPHOSPHATE"  ? 'C9 H14 N3 O7 P'  307.197 
DG  'DNA linking' y "2'-DEOXYGUANOSINE-5'-MONOPHOSPHATE" ? 'C10 H14 N5 O7 P' 347.221 
DT  'DNA linking' y "THYMIDINE-5'-MONOPHOSPHATE"         ? 'C10 H15 N2 O8 P' 322.208 
HOH non-polymer   . WATER                                ? 'H2 O'            18.015  
# 
loop_
_pdbx_poly_seq_scheme.asym_id 
_pdbx_poly_seq_scheme.entity_id 
_pdbx_poly_seq_scheme.seq_id 
_pdbx_poly_seq_scheme.mon_id 
_pdbx_poly_seq_scheme.ndb_seq_num 
_pdbx_poly_seq_scheme.pdb_seq_num 
_pdbx_poly_seq_scheme.auth_seq_num 
_pdbx_poly_seq_scheme.pdb_mon_id 
_pdbx_poly_seq_scheme.auth_mon_id 
_pdbx_poly_seq_scheme.pdb_strand_id 
_pdbx_poly_seq_scheme.pdb_ins_code 
_pdbx_poly_seq_scheme.hetero 
A 1 1  DA 1  1  1  DA A A . n 
A 1 2  DC 2  2  2  DC C A . n 
A 1 3  DC 3  3  3  DC C A . n 
A 1 4  DG 4  4  4  DG G A . n 
A 1 5  DA 5  5  5  DA A A . n 
A 1 6  DA 6  6  6  DA A A . n 
A 1 7  DT 7  7  7  DT T A . n 
A 1 8  DT 8  8  8  DT T A . n 
A 1 9  DC 9  9  9  DC C A . n 
A 1 10 DG 10 10 10 DG G A . n 
A 1 11 DG 11 11 11 DG G A . n 
A 1 12 DT 12 12 12 DT T A . n 
B 1 1  DA 1  13 13 DA A B . n 
B 1 2  DC 2  14 14 DC C B . n 
B 1 3  DC 3  15 15 DC C B . n 
B 1 4  DG 4  16 16 DG G B . n 
B 1 5  DA 5  17 17 DA A B . n 
B 1 6  DA 6  18 18 DA A B . n 
B 1 7  DT 7  19 19 DT T B . n 
B 1 8  DT 8  20 20 DT T B . n 
B 1 9  DC 9  21 21 DC C B . n 
B 1 10 DG 10 22 22 DG G B . n 
B 1 11 DG 11 23 23 DG G B . n 
B 1 12 DT 12 24 24 DT T B . n 
C 1 1  DA 1  25 25 DA A C . n 
C 1 2  DC 2  26 26 DC C C . n 
C 1 3  DC 3  27 27 DC C C . n 
C 1 4  DG 4  28 28 DG G C . n 
C 1 5  DA 5  29 29 DA A C . n 
C 1 6  DA 6  30 30 DA A C . n 
C 1 7  DT 7  31 31 DT T C . n 
C 1 8  DT 8  32 32 DT T C . n 
C 1 9  DC 9  33 33 DC C C . n 
C 1 10 DG 10 34 34 DG G C . n 
C 1 11 DG 11 35 35 DG G C . n 
C 1 12 DT 12 36 36 DT T C . n 
D 1 1  DA 1  37 37 DA A D . n 
D 1 2  DC 2  38 38 DC C D . n 
D 1 3  DC 3  39 39 DC C D . n 
D 1 4  DG 4  40 40 DG G D . n 
D 1 5  DA 5  41 41 DA A D . n 
D 1 6  DA 6  42 42 DA A D . n 
D 1 7  DT 7  43 43 DT T D . n 
D 1 8  DT 8  44 44 DT T D . n 
D 1 9  DC 9  45 45 DC C D . n 
D 1 10 DG 10 46 46 DG G D . n 
D 1 11 DG 11 47 47 DG G D . n 
D 1 12 DT 12 48 48 DT T D . n 
E 1 1  DA 1  49 49 DA A E . n 
E 1 2  DC 2  50 50 DC C E . n 
E 1 3  DC 3  51 51 DC C E . n 
E 1 4  DG 4  52 52 DG G E . n 
E 1 5  DA 5  53 53 DA A E . n 
E 1 6  DA 6  54 54 DA A E . n 
E 1 7  DT 7  55 55 DT T E . n 
E 1 8  DT 8  56 56 DT T E . n 
E 1 9  DC 9  57 57 DC C E . n 
E 1 10 DG 10 58 58 DG G E . n 
E 1 11 DG 11 59 59 DG G E . n 
E 1 12 DT 12 60 60 DT T E . n 
F 1 1  DA 1  61 61 DA A F . n 
F 1 2  DC 2  62 62 DC C F . n 
F 1 3  DC 3  63 63 DC C F . n 
F 1 4  DG 4  64 64 DG G F . n 
F 1 5  DA 5  65 65 DA A F . n 
F 1 6  DA 6  66 66 DA A F . n 
F 1 7  DT 7  67 67 DT T F . n 
F 1 8  DT 8  68 68 DT T F . n 
F 1 9  DC 9  69 69 DC C F . n 
F 1 10 DG 10 70 70 DG G F . n 
F 1 11 DG 11 71 71 DG G F . n 
F 1 12 DT 12 72 72 DT T F . n 
# 
loop_
_pdbx_nonpoly_scheme.asym_id 
_pdbx_nonpoly_scheme.entity_id 
_pdbx_nonpoly_scheme.mon_id 
_pdbx_nonpoly_scheme.ndb_seq_num 
_pdbx_nonpoly_scheme.pdb_seq_num 
_pdbx_nonpoly_scheme.auth_seq_num 
_pdbx_nonpoly_scheme.pdb_mon_id 
_pdbx_nonpoly_scheme.auth_mon_id 
_pdbx_nonpoly_scheme.pdb_strand_id 
_pdbx_nonpoly_scheme.pdb_ins_code 
G 2 HOH 1  73  73  HOH HOH A . 
G 2 HOH 2  79  79  HOH HOH A . 
G 2 HOH 3  82  82  HOH HOH A . 
G 2 HOH 4  86  86  HOH HOH A . 
G 2 HOH 5  87  87  HOH HOH A . 
G 2 HOH 6  89  89  HOH HOH A . 
G 2 HOH 7  90  90  HOH HOH A . 
G 2 HOH 8  99  99  HOH HOH A . 
G 2 HOH 9  116 116 HOH HOH A . 
G 2 HOH 10 117 117 HOH HOH A . 
G 2 HOH 11 121 121 HOH HOH A . 
G 2 HOH 12 133 133 HOH HOH A . 
G 2 HOH 13 134 134 HOH HOH A . 
G 2 HOH 14 151 151 HOH HOH A . 
G 2 HOH 15 156 156 HOH HOH A . 
G 2 HOH 16 173 173 HOH HOH A . 
G 2 HOH 17 174 174 HOH HOH A . 
G 2 HOH 18 175 175 HOH HOH A . 
G 2 HOH 19 176 176 HOH HOH A . 
G 2 HOH 20 182 182 HOH HOH A . 
G 2 HOH 21 183 183 HOH HOH A . 
H 2 HOH 1  74  74  HOH HOH B . 
H 2 HOH 2  75  75  HOH HOH B . 
H 2 HOH 3  76  76  HOH HOH B . 
H 2 HOH 4  77  77  HOH HOH B . 
H 2 HOH 5  78  78  HOH HOH B . 
H 2 HOH 6  80  80  HOH HOH B . 
H 2 HOH 7  81  81  HOH HOH B . 
H 2 HOH 8  83  83  HOH HOH B . 
H 2 HOH 9  84  84  HOH HOH B . 
H 2 HOH 10 85  85  HOH HOH B . 
H 2 HOH 11 88  88  HOH HOH B . 
H 2 HOH 12 113 113 HOH HOH B . 
H 2 HOH 13 118 118 HOH HOH B . 
H 2 HOH 14 119 119 HOH HOH B . 
H 2 HOH 15 120 120 HOH HOH B . 
H 2 HOH 16 123 123 HOH HOH B . 
H 2 HOH 17 124 124 HOH HOH B . 
H 2 HOH 18 139 139 HOH HOH B . 
H 2 HOH 19 142 142 HOH HOH B . 
H 2 HOH 20 152 152 HOH HOH B . 
H 2 HOH 21 157 157 HOH HOH B . 
H 2 HOH 22 181 181 HOH HOH B . 
H 2 HOH 23 184 184 HOH HOH B . 
H 2 HOH 24 185 185 HOH HOH B . 
I 2 HOH 1  91  91  HOH HOH C . 
I 2 HOH 2  92  92  HOH HOH C . 
I 2 HOH 3  93  93  HOH HOH C . 
I 2 HOH 4  94  94  HOH HOH C . 
I 2 HOH 5  95  95  HOH HOH C . 
I 2 HOH 6  97  97  HOH HOH C . 
I 2 HOH 7  107 107 HOH HOH C . 
I 2 HOH 8  108 108 HOH HOH C . 
I 2 HOH 9  109 109 HOH HOH C . 
I 2 HOH 10 112 112 HOH HOH C . 
I 2 HOH 11 114 114 HOH HOH C . 
I 2 HOH 12 115 115 HOH HOH C . 
I 2 HOH 13 125 125 HOH HOH C . 
I 2 HOH 14 130 130 HOH HOH C . 
I 2 HOH 15 131 131 HOH HOH C . 
I 2 HOH 16 146 146 HOH HOH C . 
I 2 HOH 17 150 150 HOH HOH C . 
I 2 HOH 18 159 159 HOH HOH C . 
I 2 HOH 19 172 172 HOH HOH C . 
I 2 HOH 20 177 177 HOH HOH C . 
I 2 HOH 21 178 178 HOH HOH C . 
I 2 HOH 22 180 180 HOH HOH C . 
J 2 HOH 1  96  96  HOH HOH D . 
J 2 HOH 2  98  98  HOH HOH D . 
J 2 HOH 3  122 122 HOH HOH D . 
J 2 HOH 4  126 126 HOH HOH D . 
J 2 HOH 5  140 140 HOH HOH D . 
J 2 HOH 6  141 141 HOH HOH D . 
J 2 HOH 7  145 145 HOH HOH D . 
J 2 HOH 8  153 153 HOH HOH D . 
J 2 HOH 9  158 158 HOH HOH D . 
J 2 HOH 10 162 162 HOH HOH D . 
J 2 HOH 11 163 163 HOH HOH D . 
J 2 HOH 12 164 164 HOH HOH D . 
J 2 HOH 13 168 168 HOH HOH D . 
J 2 HOH 14 170 170 HOH HOH D . 
J 2 HOH 15 179 179 HOH HOH D . 
K 2 HOH 1  102 102 HOH HOH E . 
K 2 HOH 2  103 103 HOH HOH E . 
K 2 HOH 3  127 127 HOH HOH E . 
K 2 HOH 4  128 128 HOH HOH E . 
K 2 HOH 5  135 135 HOH HOH E . 
K 2 HOH 6  138 138 HOH HOH E . 
K 2 HOH 7  143 143 HOH HOH E . 
K 2 HOH 8  149 149 HOH HOH E . 
K 2 HOH 9  155 155 HOH HOH E . 
K 2 HOH 10 161 161 HOH HOH E . 
K 2 HOH 11 171 171 HOH HOH E . 
K 2 HOH 12 186 186 HOH HOH E . 
L 2 HOH 1  100 100 HOH HOH F . 
L 2 HOH 2  101 101 HOH HOH F . 
L 2 HOH 3  104 104 HOH HOH F . 
L 2 HOH 4  105 105 HOH HOH F . 
L 2 HOH 5  106 106 HOH HOH F . 
L 2 HOH 6  110 110 HOH HOH F . 
L 2 HOH 7  111 111 HOH HOH F . 
L 2 HOH 8  129 129 HOH HOH F . 
L 2 HOH 9  132 132 HOH HOH F . 
L 2 HOH 10 136 136 HOH HOH F . 
L 2 HOH 11 137 137 HOH HOH F . 
L 2 HOH 12 144 144 HOH HOH F . 
L 2 HOH 13 147 147 HOH HOH F . 
L 2 HOH 14 148 148 HOH HOH F . 
L 2 HOH 15 154 154 HOH HOH F . 
L 2 HOH 16 160 160 HOH HOH F . 
L 2 HOH 17 165 165 HOH HOH F . 
L 2 HOH 18 166 166 HOH HOH F . 
L 2 HOH 19 167 167 HOH HOH F . 
L 2 HOH 20 169 169 HOH HOH F . 
# 
loop_
_software.name 
_software.classification 
_software.version 
_software.citation_id 
_software.pdbx_ordinal 
MFT       'model building' .   ? 1 
ULTIMA    'model building' .   ? 2 
X-PLOR    refinement       3.1 ? 3 
DENZO     'data reduction' .   ? 4 
SCALEPACK 'data scaling'   .   ? 5 
MFT       phasing          .   ? 6 
ULTIMA    phasing          .   ? 7 
# 
_cell.entry_id           1ILC 
_cell.length_a           39.821 
_cell.length_b           40.160 
_cell.length_c           39.460 
_cell.angle_alpha        74.42 
_cell.angle_beta         76.44 
_cell.angle_gamma        59.90 
_cell.Z_PDB              6 
_cell.pdbx_unique_axis   ? 
# 
_symmetry.entry_id                         1ILC 
_symmetry.space_group_name_H-M             'P 1' 
_symmetry.pdbx_full_space_group_name_H-M   ? 
_symmetry.cell_setting                     ? 
_symmetry.Int_Tables_number                1 
# 
_exptl.entry_id          1ILC 
_exptl.method            'X-RAY DIFFRACTION' 
_exptl.crystals_number   1 
# 
_exptl_crystal.id                    1 
_exptl_crystal.density_meas          ? 
_exptl_crystal.density_Matthews      2.29 
_exptl_crystal.density_percent_sol   57 
_exptl_crystal.description           ? 
# 
_exptl_crystal_grow.crystal_id      1 
_exptl_crystal_grow.method          'VAPOR DIFFUSION, HANGING DROP' 
_exptl_crystal_grow.temp            292.0 
_exptl_crystal_grow.temp_details    ? 
_exptl_crystal_grow.pH              7.0 
_exptl_crystal_grow.pdbx_details    
'MPD, magnesium chloride, spermine.4HCl, Na cacodylate, pH 7.0, VAPOR DIFFUSION, HANGING DROP, temperature 292.0K' 
_exptl_crystal_grow.pdbx_pH_range   . 
# 
loop_
_exptl_crystal_grow_comp.crystal_id 
_exptl_crystal_grow_comp.id 
_exptl_crystal_grow_comp.sol_id 
_exptl_crystal_grow_comp.name 
_exptl_crystal_grow_comp.volume 
_exptl_crystal_grow_comp.conc 
_exptl_crystal_grow_comp.details 
1 1 1 MPD             ? ? ? 
1 2 1 Mg2Cl           ? ? ? 
1 3 1 spermine.4HCl   ? ? ? 
1 4 1 'Na cacodylate' ? ? ? 
1 5 2 MPD             ? ? ? 
# 
_diffrn.id                     1 
_diffrn.ambient_temp           100 
_diffrn.ambient_temp_details   ? 
_diffrn.crystal_id             1 
# 
_diffrn_detector.diffrn_id              1 
_diffrn_detector.detector               'IMAGE PLATE' 
_diffrn_detector.type                   'RIGAKU RAXIS IIC' 
_diffrn_detector.pdbx_collection_date   1997-11-10 
_diffrn_detector.details                'Yale-type mirrors' 
# 
_diffrn_radiation.diffrn_id                        1 
_diffrn_radiation.wavelength_id                    1 
_diffrn_radiation.pdbx_monochromatic_or_laue_m_l   M 
_diffrn_radiation.monochromator                    'Ni filter + Yale-type mirrors' 
_diffrn_radiation.pdbx_diffrn_protocol             'SINGLE WAVELENGTH' 
_diffrn_radiation.pdbx_scattering_type             x-ray 
# 
_diffrn_radiation_wavelength.id           1 
_diffrn_radiation_wavelength.wavelength   1.5418 
_diffrn_radiation_wavelength.wt           1.0 
# 
_diffrn_source.diffrn_id                   1 
_diffrn_source.source                      'ROTATING ANODE' 
_diffrn_source.type                        'RIGAKU FR-C' 
_diffrn_source.pdbx_synchrotron_site       ? 
_diffrn_source.pdbx_synchrotron_beamline   ? 
_diffrn_source.pdbx_wavelength             ? 
_diffrn_source.pdbx_wavelength_list        1.5418 
# 
_reflns.entry_id                     1ILC 
_reflns.observed_criterion_sigma_I   0 
_reflns.observed_criterion_sigma_F   0 
_reflns.d_resolution_low             19.0 
_reflns.d_resolution_high            2.2 
_reflns.number_obs                   9810 
_reflns.number_all                   9810 
_reflns.percent_possible_obs         95.7 
_reflns.pdbx_Rmerge_I_obs            0.0510000 
_reflns.pdbx_Rsym_value              0.0510000 
_reflns.pdbx_netI_over_sigmaI        25.8 
_reflns.B_iso_Wilson_estimate        ? 
_reflns.pdbx_redundancy              3.7 
_reflns.R_free_details               ? 
_reflns.pdbx_diffrn_id               1 
_reflns.pdbx_ordinal                 1 
# 
_reflns_shell.d_res_high             2.2 
_reflns_shell.d_res_low              2.24 
_reflns_shell.percent_possible_all   95.0 
_reflns_shell.Rmerge_I_obs           0.6540000 
_reflns_shell.pdbx_Rsym_value        0.6540000 
_reflns_shell.meanI_over_sigI_obs    2.0 
_reflns_shell.pdbx_redundancy        3.6 
_reflns_shell.percent_possible_obs   ? 
_reflns_shell.number_unique_all      491 
_reflns_shell.pdbx_diffrn_id         ? 
_reflns_shell.pdbx_ordinal           1 
# 
_refine.entry_id                                 1ILC 
_refine.ls_number_reflns_obs                     8475 
_refine.ls_number_reflns_all                     9810 
_refine.pdbx_ls_sigma_I                          0.0 
_refine.pdbx_ls_sigma_F                          0.0 
_refine.pdbx_data_cutoff_high_absF               ? 
_refine.pdbx_data_cutoff_low_absF                ? 
_refine.ls_d_res_low                             19.0 
_refine.ls_d_res_high                            2.2 
_refine.ls_percent_reflns_obs                    86.4 
_refine.ls_R_factor_obs                          0.2240000 
_refine.ls_R_factor_all                          ? 
_refine.ls_R_factor_R_work                       0.2220000 
_refine.ls_R_factor_R_free                       0.2920000 
_refine.ls_R_factor_R_free_error                 ? 
_refine.ls_R_factor_R_free_error_details         ? 
_refine.ls_percent_reflns_R_free                 ? 
_refine.ls_number_reflns_R_free                  456 
_refine.ls_number_parameters                     ? 
_refine.ls_number_restraints                     ? 
_refine.occupancy_min                            ? 
_refine.occupancy_max                            ? 
_refine.B_iso_mean                               30.1 
_refine.aniso_B[1][1]                            ? 
_refine.aniso_B[2][2]                            ? 
_refine.aniso_B[3][3]                            ? 
_refine.aniso_B[1][2]                            ? 
_refine.aniso_B[1][3]                            ? 
_refine.aniso_B[2][3]                            ? 
_refine.solvent_model_details                    ? 
_refine.solvent_model_param_ksol                 ? 
_refine.solvent_model_param_bsol                 ? 
_refine.pdbx_ls_cross_valid_method               THROUGHOUT 
_refine.details                                  
;REFINEMENT STARTED WITH X-PLOR 3.1 USING B-DNA FIBER MODEL 
ALL DATA INCLUDED. REFINEMENT CONTINUED IN SHELXL-97 WITH 
THE OPTION HOPE FOR ANISOTROPIC SCALING TO CORRECT SIGNIFICANT 
ANISOTROPY IN THE DATA.  THE CORRECTED OBSERVED STRUCTURE 
FACTORS WITH F<0 WERE EXCLUDED FROM REFINEMENT.  REFINEMENT 
FURTHER CONTINUED WITH X-PLOR 3.1.
;
_refine.pdbx_starting_model                      'Fiber model of B-DNA' 
_refine.pdbx_method_to_determine_struct          'MOLECULAR REPLACEMENT' 
_refine.pdbx_isotropic_thermal_model             isotropic 
_refine.pdbx_stereochemistry_target_values       'Parkinson et al.' 
_refine.pdbx_stereochem_target_val_spec_case     ? 
_refine.pdbx_R_Free_selection_details            random 
_refine.pdbx_overall_ESU_R_Free                  ? 
_refine.overall_SU_B                             ? 
_refine.ls_redundancy_reflns_obs                 ? 
_refine.correlation_coeff_Fo_to_Fc               ? 
_refine.overall_SU_R_Cruickshank_DPI             ? 
_refine.overall_SU_R_free                        ? 
_refine.overall_SU_ML                            ? 
_refine.pdbx_overall_ESU_R                       ? 
_refine.pdbx_data_cutoff_high_rms_absF           ? 
_refine.correlation_coeff_Fo_to_Fc_free          ? 
_refine.pdbx_solvent_vdw_probe_radii             ? 
_refine.pdbx_solvent_ion_probe_radii             ? 
_refine.pdbx_solvent_shrinkage_radii             ? 
_refine.pdbx_refine_id                           'X-RAY DIFFRACTION' 
_refine.pdbx_diffrn_id                           1 
_refine.pdbx_TLS_residual_ADP_flag               ? 
_refine.pdbx_overall_phase_error                 ? 
_refine.pdbx_overall_SU_R_free_Cruickshank_DPI   ? 
_refine.pdbx_overall_SU_R_Blow_DPI               ? 
_refine.pdbx_overall_SU_R_free_Blow_DPI          ? 
# 
_refine_hist.pdbx_refine_id                   'X-RAY DIFFRACTION' 
_refine_hist.cycle_id                         LAST 
_refine_hist.pdbx_number_atoms_protein        0 
_refine_hist.pdbx_number_atoms_nucleic_acid   1458 
_refine_hist.pdbx_number_atoms_ligand         0 
_refine_hist.number_atoms_solvent             114 
_refine_hist.number_atoms_total               1572 
_refine_hist.d_res_high                       2.2 
_refine_hist.d_res_low                        19.0 
# 
loop_
_refine_ls_restr.type 
_refine_ls_restr.dev_ideal 
_refine_ls_restr.dev_ideal_target 
_refine_ls_restr.weight 
_refine_ls_restr.number 
_refine_ls_restr.pdbx_refine_id 
_refine_ls_restr.pdbx_restraint_function 
x_bond_d           0.01 ? ? ? 'X-RAY DIFFRACTION' ? 
x_angle_deg        1.6  ? ? ? 'X-RAY DIFFRACTION' ? 
x_dihedral_angle_d 17.7 ? ? ? 'X-RAY DIFFRACTION' ? 
# 
_refine_ls_shell.pdbx_total_number_of_bins_used   ? 
_refine_ls_shell.d_res_high                       2.2 
_refine_ls_shell.d_res_low                        2.3 
_refine_ls_shell.number_reflns_R_work             ? 
_refine_ls_shell.R_factor_R_work                  0.3300000 
_refine_ls_shell.percent_reflns_obs               ? 
_refine_ls_shell.R_factor_R_free                  0.3700000 
_refine_ls_shell.R_factor_R_free_error            ? 
_refine_ls_shell.percent_reflns_R_free            ? 
_refine_ls_shell.number_reflns_R_free             37 
_refine_ls_shell.redundancy_reflns_obs            ? 
_refine_ls_shell.pdbx_refine_id                   'X-RAY DIFFRACTION' 
_refine_ls_shell.number_reflns_all                ? 
_refine_ls_shell.R_factor_all                     ? 
# 
_pdbx_xplor_file.serial_no        1 
_pdbx_xplor_file.param_file       PARAM_NDBX.DNA 
_pdbx_xplor_file.topol_file       TOP_NDBX.DNA 
_pdbx_xplor_file.pdbx_refine_id   'X-RAY DIFFRACTION' 
# 
_struct.entry_id                  1ILC 
_struct.title                     'DNA Bending by an Adenine-Thymine Tract and Its Role in Gene Regulation.' 
_struct.pdbx_model_details        ? 
_struct.pdbx_CASP_flag            ? 
_struct.pdbx_model_type_details   ? 
# 
_struct_keywords.entry_id        1ILC 
_struct_keywords.pdbx_keywords   DNA 
_struct_keywords.text            'B-DNA DOUBLE HELIX, DODECAMER DUPLEX, HPV E2 DNA TARGET, DNA' 
# 
loop_
_struct_asym.id 
_struct_asym.pdbx_blank_PDB_chainid_flag 
_struct_asym.pdbx_modified 
_struct_asym.entity_id 
_struct_asym.details 
A N N 1 ? 
B N N 1 ? 
C N N 1 ? 
D N N 1 ? 
E N N 1 ? 
F N N 1 ? 
G N N 2 ? 
H N N 2 ? 
I N N 2 ? 
J N N 2 ? 
K N N 2 ? 
L N N 2 ? 
# 
_struct_ref.id                         1 
_struct_ref.entity_id                  1 
_struct_ref.db_name                    PDB 
_struct_ref.db_code                    1ILC 
_struct_ref.pdbx_db_accession          1ILC 
_struct_ref.pdbx_db_isoform            ? 
_struct_ref.pdbx_seq_one_letter_code   ? 
_struct_ref.pdbx_align_begin           ? 
# 
loop_
_struct_ref_seq.align_id 
_struct_ref_seq.ref_id 
_struct_ref_seq.pdbx_PDB_id_code 
_struct_ref_seq.pdbx_strand_id 
_struct_ref_seq.seq_align_beg 
_struct_ref_seq.pdbx_seq_align_beg_ins_code 
_struct_ref_seq.seq_align_end 
_struct_ref_seq.pdbx_seq_align_end_ins_code 
_struct_ref_seq.pdbx_db_accession 
_struct_ref_seq.db_align_beg 
_struct_ref_seq.pdbx_db_align_beg_ins_code 
_struct_ref_seq.db_align_end 
_struct_ref_seq.pdbx_db_align_end_ins_code 
_struct_ref_seq.pdbx_auth_seq_align_beg 
_struct_ref_seq.pdbx_auth_seq_align_end 
1 1 1ILC A 1 ? 12 ? 1ILC 1  ? 12 ? 1  12 
2 1 1ILC B 1 ? 12 ? 1ILC 13 ? 24 ? 13 24 
3 1 1ILC C 1 ? 12 ? 1ILC 25 ? 36 ? 25 36 
4 1 1ILC D 1 ? 12 ? 1ILC 37 ? 48 ? 37 48 
5 1 1ILC E 1 ? 12 ? 1ILC 49 ? 60 ? 49 60 
6 1 1ILC F 1 ? 12 ? 1ILC 61 ? 72 ? 61 72 
# 
loop_
_pdbx_struct_assembly.id 
_pdbx_struct_assembly.details 
_pdbx_struct_assembly.method_details 
_pdbx_struct_assembly.oligomeric_details 
_pdbx_struct_assembly.oligomeric_count 
1 author_defined_assembly ? dimeric 2 
2 author_defined_assembly ? dimeric 2 
3 author_defined_assembly ? dimeric 2 
# 
loop_
_pdbx_struct_assembly_gen.assembly_id 
_pdbx_struct_assembly_gen.oper_expression 
_pdbx_struct_assembly_gen.asym_id_list 
1 1 A,B,G,H 
2 1 C,D,I,J 
3 1 E,F,K,L 
# 
_pdbx_struct_oper_list.id                   1 
_pdbx_struct_oper_list.type                 'identity operation' 
_pdbx_struct_oper_list.name                 1_555 
_pdbx_struct_oper_list.symmetry_operation   x,y,z 
_pdbx_struct_oper_list.matrix[1][1]         1.0000000000 
_pdbx_struct_oper_list.matrix[1][2]         0.0000000000 
_pdbx_struct_oper_list.matrix[1][3]         0.0000000000 
_pdbx_struct_oper_list.vector[1]            0.0000000000 
_pdbx_struct_oper_list.matrix[2][1]         0.0000000000 
_pdbx_struct_oper_list.matrix[2][2]         1.0000000000 
_pdbx_struct_oper_list.matrix[2][3]         0.0000000000 
_pdbx_struct_oper_list.vector[2]            0.0000000000 
_pdbx_struct_oper_list.matrix[3][1]         0.0000000000 
_pdbx_struct_oper_list.matrix[3][2]         0.0000000000 
_pdbx_struct_oper_list.matrix[3][3]         1.0000000000 
_pdbx_struct_oper_list.vector[3]            0.0000000000 
# 
loop_
_struct_biol.id 
_struct_biol.pdbx_parent_biol_id 
_struct_biol.details 
1 ? ? 
2 ? ? 
3 ? ? 
# 
loop_
_struct_conn.id 
_struct_conn.conn_type_id 
_struct_conn.pdbx_leaving_atom_flag 
_struct_conn.pdbx_PDB_id 
_struct_conn.ptnr1_label_asym_id 
_struct_conn.ptnr1_label_comp_id 
_struct_conn.ptnr1_label_seq_id 
_struct_conn.ptnr1_label_atom_id 
_struct_conn.pdbx_ptnr1_label_alt_id 
_struct_conn.pdbx_ptnr1_PDB_ins_code 
_struct_conn.pdbx_ptnr1_standard_comp_id 
_struct_conn.ptnr1_symmetry 
_struct_conn.ptnr2_label_asym_id 
_struct_conn.ptnr2_label_comp_id 
_struct_conn.ptnr2_label_seq_id 
_struct_conn.ptnr2_label_atom_id 
_struct_conn.pdbx_ptnr2_label_alt_id 
_struct_conn.pdbx_ptnr2_PDB_ins_code 
_struct_conn.ptnr1_auth_asym_id 
_struct_conn.ptnr1_auth_comp_id 
_struct_conn.ptnr1_auth_seq_id 
_struct_conn.ptnr2_auth_asym_id 
_struct_conn.ptnr2_auth_comp_id 
_struct_conn.ptnr2_auth_seq_id 
_struct_conn.ptnr2_symmetry 
_struct_conn.pdbx_ptnr3_label_atom_id 
_struct_conn.pdbx_ptnr3_label_seq_id 
_struct_conn.pdbx_ptnr3_label_comp_id 
_struct_conn.pdbx_ptnr3_label_asym_id 
_struct_conn.pdbx_ptnr3_label_alt_id 
_struct_conn.pdbx_ptnr3_PDB_ins_code 
_struct_conn.details 
_struct_conn.pdbx_dist_value 
_struct_conn.pdbx_value_order 
_struct_conn.pdbx_role 
hydrog1  hydrog ? ? A DA 1  N1 ? ? ? 1_555 B DT 12 N3 ? ? A DA 1  B DT 24 1_555 ? ? ? ? ? ? WATSON-CRICK ? ? ? 
hydrog2  hydrog ? ? A DA 1  N6 ? ? ? 1_555 B DT 12 O4 ? ? A DA 1  B DT 24 1_555 ? ? ? ? ? ? WATSON-CRICK ? ? ? 
hydrog3  hydrog ? ? A DC 2  N3 ? ? ? 1_555 B DG 11 N1 ? ? A DC 2  B DG 23 1_555 ? ? ? ? ? ? WATSON-CRICK ? ? ? 
hydrog4  hydrog ? ? A DC 2  N4 ? ? ? 1_555 B DG 11 O6 ? ? A DC 2  B DG 23 1_555 ? ? ? ? ? ? WATSON-CRICK ? ? ? 
hydrog5  hydrog ? ? A DC 2  O2 ? ? ? 1_555 B DG 11 N2 ? ? A DC 2  B DG 23 1_555 ? ? ? ? ? ? WATSON-CRICK ? ? ? 
hydrog6  hydrog ? ? A DC 3  N3 ? ? ? 1_555 B DG 10 N1 ? ? A DC 3  B DG 22 1_555 ? ? ? ? ? ? WATSON-CRICK ? ? ? 
hydrog7  hydrog ? ? A DC 3  N4 ? ? ? 1_555 B DG 10 O6 ? ? A DC 3  B DG 22 1_555 ? ? ? ? ? ? WATSON-CRICK ? ? ? 
hydrog8  hydrog ? ? A DC 3  O2 ? ? ? 1_555 B DG 10 N2 ? ? A DC 3  B DG 22 1_555 ? ? ? ? ? ? WATSON-CRICK ? ? ? 
hydrog9  hydrog ? ? A DG 4  N1 ? ? ? 1_555 B DC 9  N3 ? ? A DG 4  B DC 21 1_555 ? ? ? ? ? ? WATSON-CRICK ? ? ? 
hydrog10 hydrog ? ? A DG 4  N2 ? ? ? 1_555 B DC 9  O2 ? ? A DG 4  B DC 21 1_555 ? ? ? ? ? ? WATSON-CRICK ? ? ? 
hydrog11 hydrog ? ? A DG 4  O6 ? ? ? 1_555 B DC 9  N4 ? ? A DG 4  B DC 21 1_555 ? ? ? ? ? ? WATSON-CRICK ? ? ? 
hydrog12 hydrog ? ? A DA 5  N1 ? ? ? 1_555 B DT 8  N3 ? ? A DA 5  B DT 20 1_555 ? ? ? ? ? ? WATSON-CRICK ? ? ? 
hydrog13 hydrog ? ? A DA 5  N6 ? ? ? 1_555 B DT 8  O4 ? ? A DA 5  B DT 20 1_555 ? ? ? ? ? ? WATSON-CRICK ? ? ? 
hydrog14 hydrog ? ? A DA 6  N1 ? ? ? 1_555 B DT 7  N3 ? ? A DA 6  B DT 19 1_555 ? ? ? ? ? ? WATSON-CRICK ? ? ? 
hydrog15 hydrog ? ? A DA 6  N6 ? ? ? 1_555 B DT 7  O4 ? ? A DA 6  B DT 19 1_555 ? ? ? ? ? ? WATSON-CRICK ? ? ? 
hydrog16 hydrog ? ? A DT 7  N3 ? ? ? 1_555 B DA 6  N1 ? ? A DT 7  B DA 18 1_555 ? ? ? ? ? ? WATSON-CRICK ? ? ? 
hydrog17 hydrog ? ? A DT 7  O4 ? ? ? 1_555 B DA 6  N6 ? ? A DT 7  B DA 18 1_555 ? ? ? ? ? ? WATSON-CRICK ? ? ? 
hydrog18 hydrog ? ? A DT 8  N3 ? ? ? 1_555 B DA 5  N1 ? ? A DT 8  B DA 17 1_555 ? ? ? ? ? ? WATSON-CRICK ? ? ? 
hydrog19 hydrog ? ? A DT 8  O4 ? ? ? 1_555 B DA 5  N6 ? ? A DT 8  B DA 17 1_555 ? ? ? ? ? ? WATSON-CRICK ? ? ? 
hydrog20 hydrog ? ? A DC 9  N3 ? ? ? 1_555 B DG 4  N1 ? ? A DC 9  B DG 16 1_555 ? ? ? ? ? ? WATSON-CRICK ? ? ? 
hydrog21 hydrog ? ? A DC 9  N4 ? ? ? 1_555 B DG 4  O6 ? ? A DC 9  B DG 16 1_555 ? ? ? ? ? ? WATSON-CRICK ? ? ? 
hydrog22 hydrog ? ? A DC 9  O2 ? ? ? 1_555 B DG 4  N2 ? ? A DC 9  B DG 16 1_555 ? ? ? ? ? ? WATSON-CRICK ? ? ? 
hydrog23 hydrog ? ? A DG 10 N1 ? ? ? 1_555 B DC 3  N3 ? ? A DG 10 B DC 15 1_555 ? ? ? ? ? ? WATSON-CRICK ? ? ? 
hydrog24 hydrog ? ? A DG 10 N2 ? ? ? 1_555 B DC 3  O2 ? ? A DG 10 B DC 15 1_555 ? ? ? ? ? ? WATSON-CRICK ? ? ? 
hydrog25 hydrog ? ? A DG 10 O6 ? ? ? 1_555 B DC 3  N4 ? ? A DG 10 B DC 15 1_555 ? ? ? ? ? ? WATSON-CRICK ? ? ? 
hydrog26 hydrog ? ? A DG 11 N1 ? ? ? 1_555 B DC 2  N3 ? ? A DG 11 B DC 14 1_555 ? ? ? ? ? ? WATSON-CRICK ? ? ? 
hydrog27 hydrog ? ? A DG 11 N2 ? ? ? 1_555 B DC 2  O2 ? ? A DG 11 B DC 14 1_555 ? ? ? ? ? ? WATSON-CRICK ? ? ? 
hydrog28 hydrog ? ? A DG 11 O6 ? ? ? 1_555 B DC 2  N4 ? ? A DG 11 B DC 14 1_555 ? ? ? ? ? ? WATSON-CRICK ? ? ? 
hydrog29 hydrog ? ? A DT 12 N3 ? ? ? 1_555 B DA 1  N1 ? ? A DT 12 B DA 13 1_555 ? ? ? ? ? ? WATSON-CRICK ? ? ? 
hydrog30 hydrog ? ? A DT 12 O4 ? ? ? 1_555 B DA 1  N6 ? ? A DT 12 B DA 13 1_555 ? ? ? ? ? ? WATSON-CRICK ? ? ? 
hydrog31 hydrog ? ? C DA 1  N1 ? ? ? 1_555 D DT 12 N3 ? ? C DA 25 D DT 48 1_555 ? ? ? ? ? ? WATSON-CRICK ? ? ? 
hydrog32 hydrog ? ? C DA 1  N6 ? ? ? 1_555 D DT 12 O4 ? ? C DA 25 D DT 48 1_555 ? ? ? ? ? ? WATSON-CRICK ? ? ? 
hydrog33 hydrog ? ? C DC 2  N3 ? ? ? 1_555 D DG 11 N1 ? ? C DC 26 D DG 47 1_555 ? ? ? ? ? ? WATSON-CRICK ? ? ? 
hydrog34 hydrog ? ? C DC 2  N4 ? ? ? 1_555 D DG 11 O6 ? ? C DC 26 D DG 47 1_555 ? ? ? ? ? ? WATSON-CRICK ? ? ? 
hydrog35 hydrog ? ? C DC 2  O2 ? ? ? 1_555 D DG 11 N2 ? ? C DC 26 D DG 47 1_555 ? ? ? ? ? ? WATSON-CRICK ? ? ? 
hydrog36 hydrog ? ? C DC 3  N3 ? ? ? 1_555 D DG 10 N1 ? ? C DC 27 D DG 46 1_555 ? ? ? ? ? ? WATSON-CRICK ? ? ? 
hydrog37 hydrog ? ? C DC 3  N4 ? ? ? 1_555 D DG 10 O6 ? ? C DC 27 D DG 46 1_555 ? ? ? ? ? ? WATSON-CRICK ? ? ? 
hydrog38 hydrog ? ? C DC 3  O2 ? ? ? 1_555 D DG 10 N2 ? ? C DC 27 D DG 46 1_555 ? ? ? ? ? ? WATSON-CRICK ? ? ? 
hydrog39 hydrog ? ? C DG 4  N1 ? ? ? 1_555 D DC 9  N3 ? ? C DG 28 D DC 45 1_555 ? ? ? ? ? ? WATSON-CRICK ? ? ? 
hydrog40 hydrog ? ? C DG 4  N2 ? ? ? 1_555 D DC 9  O2 ? ? C DG 28 D DC 45 1_555 ? ? ? ? ? ? WATSON-CRICK ? ? ? 
hydrog41 hydrog ? ? C DG 4  O6 ? ? ? 1_555 D DC 9  N4 ? ? C DG 28 D DC 45 1_555 ? ? ? ? ? ? WATSON-CRICK ? ? ? 
hydrog42 hydrog ? ? C DA 5  N1 ? ? ? 1_555 D DT 8  N3 ? ? C DA 29 D DT 44 1_555 ? ? ? ? ? ? WATSON-CRICK ? ? ? 
hydrog43 hydrog ? ? C DA 5  N6 ? ? ? 1_555 D DT 8  O4 ? ? C DA 29 D DT 44 1_555 ? ? ? ? ? ? WATSON-CRICK ? ? ? 
hydrog44 hydrog ? ? C DA 6  N1 ? ? ? 1_555 D DT 7  N3 ? ? C DA 30 D DT 43 1_555 ? ? ? ? ? ? WATSON-CRICK ? ? ? 
hydrog45 hydrog ? ? C DA 6  N6 ? ? ? 1_555 D DT 7  O4 ? ? C DA 30 D DT 43 1_555 ? ? ? ? ? ? WATSON-CRICK ? ? ? 
hydrog46 hydrog ? ? C DT 7  N3 ? ? ? 1_555 D DA 6  N1 ? ? C DT 31 D DA 42 1_555 ? ? ? ? ? ? WATSON-CRICK ? ? ? 
hydrog47 hydrog ? ? C DT 7  O4 ? ? ? 1_555 D DA 6  N6 ? ? C DT 31 D DA 42 1_555 ? ? ? ? ? ? WATSON-CRICK ? ? ? 
hydrog48 hydrog ? ? C DT 8  N3 ? ? ? 1_555 D DA 5  N1 ? ? C DT 32 D DA 41 1_555 ? ? ? ? ? ? WATSON-CRICK ? ? ? 
hydrog49 hydrog ? ? C DT 8  O4 ? ? ? 1_555 D DA 5  N6 ? ? C DT 32 D DA 41 1_555 ? ? ? ? ? ? WATSON-CRICK ? ? ? 
hydrog50 hydrog ? ? C DC 9  N3 ? ? ? 1_555 D DG 4  N1 ? ? C DC 33 D DG 40 1_555 ? ? ? ? ? ? WATSON-CRICK ? ? ? 
hydrog51 hydrog ? ? C DC 9  N4 ? ? ? 1_555 D DG 4  O6 ? ? C DC 33 D DG 40 1_555 ? ? ? ? ? ? WATSON-CRICK ? ? ? 
hydrog52 hydrog ? ? C DC 9  O2 ? ? ? 1_555 D DG 4  N2 ? ? C DC 33 D DG 40 1_555 ? ? ? ? ? ? WATSON-CRICK ? ? ? 
hydrog53 hydrog ? ? C DG 10 N1 ? ? ? 1_555 D DC 3  N3 ? ? C DG 34 D DC 39 1_555 ? ? ? ? ? ? WATSON-CRICK ? ? ? 
hydrog54 hydrog ? ? C DG 10 N2 ? ? ? 1_555 D DC 3  O2 ? ? C DG 34 D DC 39 1_555 ? ? ? ? ? ? WATSON-CRICK ? ? ? 
hydrog55 hydrog ? ? C DG 10 O6 ? ? ? 1_555 D DC 3  N4 ? ? C DG 34 D DC 39 1_555 ? ? ? ? ? ? WATSON-CRICK ? ? ? 
hydrog56 hydrog ? ? C DG 11 N1 ? ? ? 1_555 D DC 2  N3 ? ? C DG 35 D DC 38 1_555 ? ? ? ? ? ? WATSON-CRICK ? ? ? 
hydrog57 hydrog ? ? C DG 11 N2 ? ? ? 1_555 D DC 2  O2 ? ? C DG 35 D DC 38 1_555 ? ? ? ? ? ? WATSON-CRICK ? ? ? 
hydrog58 hydrog ? ? C DG 11 O6 ? ? ? 1_555 D DC 2  N4 ? ? C DG 35 D DC 38 1_555 ? ? ? ? ? ? WATSON-CRICK ? ? ? 
hydrog59 hydrog ? ? C DT 12 N3 ? ? ? 1_555 D DA 1  N1 ? ? C DT 36 D DA 37 1_555 ? ? ? ? ? ? WATSON-CRICK ? ? ? 
hydrog60 hydrog ? ? C DT 12 O4 ? ? ? 1_555 D DA 1  N6 ? ? C DT 36 D DA 37 1_555 ? ? ? ? ? ? WATSON-CRICK ? ? ? 
hydrog61 hydrog ? ? E DA 1  N1 ? ? ? 1_555 F DT 12 N3 ? ? E DA 49 F DT 72 1_555 ? ? ? ? ? ? WATSON-CRICK ? ? ? 
hydrog62 hydrog ? ? E DA 1  N6 ? ? ? 1_555 F DT 12 O4 ? ? E DA 49 F DT 72 1_555 ? ? ? ? ? ? WATSON-CRICK ? ? ? 
hydrog63 hydrog ? ? E DC 2  N3 ? ? ? 1_555 F DG 11 N1 ? ? E DC 50 F DG 71 1_555 ? ? ? ? ? ? WATSON-CRICK ? ? ? 
hydrog64 hydrog ? ? E DC 2  N4 ? ? ? 1_555 F DG 11 O6 ? ? E DC 50 F DG 71 1_555 ? ? ? ? ? ? WATSON-CRICK ? ? ? 
hydrog65 hydrog ? ? E DC 2  O2 ? ? ? 1_555 F DG 11 N2 ? ? E DC 50 F DG 71 1_555 ? ? ? ? ? ? WATSON-CRICK ? ? ? 
hydrog66 hydrog ? ? E DC 3  N3 ? ? ? 1_555 F DG 10 N1 ? ? E DC 51 F DG 70 1_555 ? ? ? ? ? ? WATSON-CRICK ? ? ? 
hydrog67 hydrog ? ? E DC 3  N4 ? ? ? 1_555 F DG 10 O6 ? ? E DC 51 F DG 70 1_555 ? ? ? ? ? ? WATSON-CRICK ? ? ? 
hydrog68 hydrog ? ? E DC 3  O2 ? ? ? 1_555 F DG 10 N2 ? ? E DC 51 F DG 70 1_555 ? ? ? ? ? ? WATSON-CRICK ? ? ? 
hydrog69 hydrog ? ? E DG 4  N1 ? ? ? 1_555 F DC 9  N3 ? ? E DG 52 F DC 69 1_555 ? ? ? ? ? ? WATSON-CRICK ? ? ? 
hydrog70 hydrog ? ? E DG 4  N2 ? ? ? 1_555 F DC 9  O2 ? ? E DG 52 F DC 69 1_555 ? ? ? ? ? ? WATSON-CRICK ? ? ? 
hydrog71 hydrog ? ? E DG 4  O6 ? ? ? 1_555 F DC 9  N4 ? ? E DG 52 F DC 69 1_555 ? ? ? ? ? ? WATSON-CRICK ? ? ? 
hydrog72 hydrog ? ? E DA 5  N1 ? ? ? 1_555 F DT 8  N3 ? ? E DA 53 F DT 68 1_555 ? ? ? ? ? ? WATSON-CRICK ? ? ? 
hydrog73 hydrog ? ? E DA 5  N6 ? ? ? 1_555 F DT 8  O4 ? ? E DA 53 F DT 68 1_555 ? ? ? ? ? ? WATSON-CRICK ? ? ? 
hydrog74 hydrog ? ? E DA 6  N1 ? ? ? 1_555 F DT 7  N3 ? ? E DA 54 F DT 67 1_555 ? ? ? ? ? ? WATSON-CRICK ? ? ? 
hydrog75 hydrog ? ? E DA 6  N6 ? ? ? 1_555 F DT 7  O4 ? ? E DA 54 F DT 67 1_555 ? ? ? ? ? ? WATSON-CRICK ? ? ? 
hydrog76 hydrog ? ? E DT 7  N3 ? ? ? 1_555 F DA 6  N1 ? ? E DT 55 F DA 66 1_555 ? ? ? ? ? ? WATSON-CRICK ? ? ? 
hydrog77 hydrog ? ? E DT 7  O4 ? ? ? 1_555 F DA 6  N6 ? ? E DT 55 F DA 66 1_555 ? ? ? ? ? ? WATSON-CRICK ? ? ? 
hydrog78 hydrog ? ? E DT 8  N3 ? ? ? 1_555 F DA 5  N1 ? ? E DT 56 F DA 65 1_555 ? ? ? ? ? ? WATSON-CRICK ? ? ? 
hydrog79 hydrog ? ? E DT 8  O4 ? ? ? 1_555 F DA 5  N6 ? ? E DT 56 F DA 65 1_555 ? ? ? ? ? ? WATSON-CRICK ? ? ? 
hydrog80 hydrog ? ? E DC 9  N3 ? ? ? 1_555 F DG 4  N1 ? ? E DC 57 F DG 64 1_555 ? ? ? ? ? ? WATSON-CRICK ? ? ? 
hydrog81 hydrog ? ? E DC 9  N4 ? ? ? 1_555 F DG 4  O6 ? ? E DC 57 F DG 64 1_555 ? ? ? ? ? ? WATSON-CRICK ? ? ? 
hydrog82 hydrog ? ? E DC 9  O2 ? ? ? 1_555 F DG 4  N2 ? ? E DC 57 F DG 64 1_555 ? ? ? ? ? ? WATSON-CRICK ? ? ? 
hydrog83 hydrog ? ? E DG 10 N1 ? ? ? 1_555 F DC 3  N3 ? ? E DG 58 F DC 63 1_555 ? ? ? ? ? ? WATSON-CRICK ? ? ? 
hydrog84 hydrog ? ? E DG 10 N2 ? ? ? 1_555 F DC 3  O2 ? ? E DG 58 F DC 63 1_555 ? ? ? ? ? ? WATSON-CRICK ? ? ? 
hydrog85 hydrog ? ? E DG 10 O6 ? ? ? 1_555 F DC 3  N4 ? ? E DG 58 F DC 63 1_555 ? ? ? ? ? ? WATSON-CRICK ? ? ? 
hydrog86 hydrog ? ? E DG 11 N1 ? ? ? 1_555 F DC 2  N3 ? ? E DG 59 F DC 62 1_555 ? ? ? ? ? ? WATSON-CRICK ? ? ? 
hydrog87 hydrog ? ? E DG 11 N2 ? ? ? 1_555 F DC 2  O2 ? ? E DG 59 F DC 62 1_555 ? ? ? ? ? ? WATSON-CRICK ? ? ? 
hydrog88 hydrog ? ? E DG 11 O6 ? ? ? 1_555 F DC 2  N4 ? ? E DG 59 F DC 62 1_555 ? ? ? ? ? ? WATSON-CRICK ? ? ? 
hydrog89 hydrog ? ? E DT 12 N3 ? ? ? 1_555 F DA 1  N1 ? ? E DT 60 F DA 61 1_555 ? ? ? ? ? ? WATSON-CRICK ? ? ? 
hydrog90 hydrog ? ? E DT 12 O4 ? ? ? 1_555 F DA 1  N6 ? ? E DT 60 F DA 61 1_555 ? ? ? ? ? ? WATSON-CRICK ? ? ? 
# 
_struct_conn_type.id          hydrog 
_struct_conn_type.criteria    ? 
_struct_conn_type.reference   ? 
# 
_pdbx_validate_close_contact.id               1 
_pdbx_validate_close_contact.PDB_model_num    1 
_pdbx_validate_close_contact.auth_atom_id_1   OP2 
_pdbx_validate_close_contact.auth_asym_id_1   E 
_pdbx_validate_close_contact.auth_comp_id_1   DG 
_pdbx_validate_close_contact.auth_seq_id_1    58 
_pdbx_validate_close_contact.PDB_ins_code_1   ? 
_pdbx_validate_close_contact.label_alt_id_1   ? 
_pdbx_validate_close_contact.auth_atom_id_2   O 
_pdbx_validate_close_contact.auth_asym_id_2   E 
_pdbx_validate_close_contact.auth_comp_id_2   HOH 
_pdbx_validate_close_contact.auth_seq_id_2    186 
_pdbx_validate_close_contact.PDB_ins_code_2   ? 
_pdbx_validate_close_contact.label_alt_id_2   ? 
_pdbx_validate_close_contact.dist             2.12 
# 
loop_
_chem_comp_atom.comp_id 
_chem_comp_atom.atom_id 
_chem_comp_atom.type_symbol 
_chem_comp_atom.pdbx_aromatic_flag 
_chem_comp_atom.pdbx_stereo_config 
_chem_comp_atom.pdbx_ordinal 
DA  OP3    O N N 1   
DA  P      P N N 2   
DA  OP1    O N N 3   
DA  OP2    O N N 4   
DA  "O5'"  O N N 5   
DA  "C5'"  C N N 6   
DA  "C4'"  C N R 7   
DA  "O4'"  O N N 8   
DA  "C3'"  C N S 9   
DA  "O3'"  O N N 10  
DA  "C2'"  C N N 11  
DA  "C1'"  C N R 12  
DA  N9     N Y N 13  
DA  C8     C Y N 14  
DA  N7     N Y N 15  
DA  C5     C Y N 16  
DA  C6     C Y N 17  
DA  N6     N N N 18  
DA  N1     N Y N 19  
DA  C2     C Y N 20  
DA  N3     N Y N 21  
DA  C4     C Y N 22  
DA  HOP3   H N N 23  
DA  HOP2   H N N 24  
DA  "H5'"  H N N 25  
DA  "H5''" H N N 26  
DA  "H4'"  H N N 27  
DA  "H3'"  H N N 28  
DA  "HO3'" H N N 29  
DA  "H2'"  H N N 30  
DA  "H2''" H N N 31  
DA  "H1'"  H N N 32  
DA  H8     H N N 33  
DA  H61    H N N 34  
DA  H62    H N N 35  
DA  H2     H N N 36  
DC  OP3    O N N 37  
DC  P      P N N 38  
DC  OP1    O N N 39  
DC  OP2    O N N 40  
DC  "O5'"  O N N 41  
DC  "C5'"  C N N 42  
DC  "C4'"  C N R 43  
DC  "O4'"  O N N 44  
DC  "C3'"  C N S 45  
DC  "O3'"  O N N 46  
DC  "C2'"  C N N 47  
DC  "C1'"  C N R 48  
DC  N1     N N N 49  
DC  C2     C N N 50  
DC  O2     O N N 51  
DC  N3     N N N 52  
DC  C4     C N N 53  
DC  N4     N N N 54  
DC  C5     C N N 55  
DC  C6     C N N 56  
DC  HOP3   H N N 57  
DC  HOP2   H N N 58  
DC  "H5'"  H N N 59  
DC  "H5''" H N N 60  
DC  "H4'"  H N N 61  
DC  "H3'"  H N N 62  
DC  "HO3'" H N N 63  
DC  "H2'"  H N N 64  
DC  "H2''" H N N 65  
DC  "H1'"  H N N 66  
DC  H41    H N N 67  
DC  H42    H N N 68  
DC  H5     H N N 69  
DC  H6     H N N 70  
DG  OP3    O N N 71  
DG  P      P N N 72  
DG  OP1    O N N 73  
DG  OP2    O N N 74  
DG  "O5'"  O N N 75  
DG  "C5'"  C N N 76  
DG  "C4'"  C N R 77  
DG  "O4'"  O N N 78  
DG  "C3'"  C N S 79  
DG  "O3'"  O N N 80  
DG  "C2'"  C N N 81  
DG  "C1'"  C N R 82  
DG  N9     N Y N 83  
DG  C8     C Y N 84  
DG  N7     N Y N 85  
DG  C5     C Y N 86  
DG  C6     C N N 87  
DG  O6     O N N 88  
DG  N1     N N N 89  
DG  C2     C N N 90  
DG  N2     N N N 91  
DG  N3     N N N 92  
DG  C4     C Y N 93  
DG  HOP3   H N N 94  
DG  HOP2   H N N 95  
DG  "H5'"  H N N 96  
DG  "H5''" H N N 97  
DG  "H4'"  H N N 98  
DG  "H3'"  H N N 99  
DG  "HO3'" H N N 100 
DG  "H2'"  H N N 101 
DG  "H2''" H N N 102 
DG  "H1'"  H N N 103 
DG  H8     H N N 104 
DG  H1     H N N 105 
DG  H21    H N N 106 
DG  H22    H N N 107 
DT  OP3    O N N 108 
DT  P      P N N 109 
DT  OP1    O N N 110 
DT  OP2    O N N 111 
DT  "O5'"  O N N 112 
DT  "C5'"  C N N 113 
DT  "C4'"  C N R 114 
DT  "O4'"  O N N 115 
DT  "C3'"  C N S 116 
DT  "O3'"  O N N 117 
DT  "C2'"  C N N 118 
DT  "C1'"  C N R 119 
DT  N1     N N N 120 
DT  C2     C N N 121 
DT  O2     O N N 122 
DT  N3     N N N 123 
DT  C4     C N N 124 
DT  O4     O N N 125 
DT  C5     C N N 126 
DT  C7     C N N 127 
DT  C6     C N N 128 
DT  HOP3   H N N 129 
DT  HOP2   H N N 130 
DT  "H5'"  H N N 131 
DT  "H5''" H N N 132 
DT  "H4'"  H N N 133 
DT  "H3'"  H N N 134 
DT  "HO3'" H N N 135 
DT  "H2'"  H N N 136 
DT  "H2''" H N N 137 
DT  "H1'"  H N N 138 
DT  H3     H N N 139 
DT  H71    H N N 140 
DT  H72    H N N 141 
DT  H73    H N N 142 
DT  H6     H N N 143 
HOH O      O N N 144 
HOH H1     H N N 145 
HOH H2     H N N 146 
# 
loop_
_chem_comp_bond.comp_id 
_chem_comp_bond.atom_id_1 
_chem_comp_bond.atom_id_2 
_chem_comp_bond.value_order 
_chem_comp_bond.pdbx_aromatic_flag 
_chem_comp_bond.pdbx_stereo_config 
_chem_comp_bond.pdbx_ordinal 
DA  OP3   P      sing N N 1   
DA  OP3   HOP3   sing N N 2   
DA  P     OP1    doub N N 3   
DA  P     OP2    sing N N 4   
DA  P     "O5'"  sing N N 5   
DA  OP2   HOP2   sing N N 6   
DA  "O5'" "C5'"  sing N N 7   
DA  "C5'" "C4'"  sing N N 8   
DA  "C5'" "H5'"  sing N N 9   
DA  "C5'" "H5''" sing N N 10  
DA  "C4'" "O4'"  sing N N 11  
DA  "C4'" "C3'"  sing N N 12  
DA  "C4'" "H4'"  sing N N 13  
DA  "O4'" "C1'"  sing N N 14  
DA  "C3'" "O3'"  sing N N 15  
DA  "C3'" "C2'"  sing N N 16  
DA  "C3'" "H3'"  sing N N 17  
DA  "O3'" "HO3'" sing N N 18  
DA  "C2'" "C1'"  sing N N 19  
DA  "C2'" "H2'"  sing N N 20  
DA  "C2'" "H2''" sing N N 21  
DA  "C1'" N9     sing N N 22  
DA  "C1'" "H1'"  sing N N 23  
DA  N9    C8     sing Y N 24  
DA  N9    C4     sing Y N 25  
DA  C8    N7     doub Y N 26  
DA  C8    H8     sing N N 27  
DA  N7    C5     sing Y N 28  
DA  C5    C6     sing Y N 29  
DA  C5    C4     doub Y N 30  
DA  C6    N6     sing N N 31  
DA  C6    N1     doub Y N 32  
DA  N6    H61    sing N N 33  
DA  N6    H62    sing N N 34  
DA  N1    C2     sing Y N 35  
DA  C2    N3     doub Y N 36  
DA  C2    H2     sing N N 37  
DA  N3    C4     sing Y N 38  
DC  OP3   P      sing N N 39  
DC  OP3   HOP3   sing N N 40  
DC  P     OP1    doub N N 41  
DC  P     OP2    sing N N 42  
DC  P     "O5'"  sing N N 43  
DC  OP2   HOP2   sing N N 44  
DC  "O5'" "C5'"  sing N N 45  
DC  "C5'" "C4'"  sing N N 46  
DC  "C5'" "H5'"  sing N N 47  
DC  "C5'" "H5''" sing N N 48  
DC  "C4'" "O4'"  sing N N 49  
DC  "C4'" "C3'"  sing N N 50  
DC  "C4'" "H4'"  sing N N 51  
DC  "O4'" "C1'"  sing N N 52  
DC  "C3'" "O3'"  sing N N 53  
DC  "C3'" "C2'"  sing N N 54  
DC  "C3'" "H3'"  sing N N 55  
DC  "O3'" "HO3'" sing N N 56  
DC  "C2'" "C1'"  sing N N 57  
DC  "C2'" "H2'"  sing N N 58  
DC  "C2'" "H2''" sing N N 59  
DC  "C1'" N1     sing N N 60  
DC  "C1'" "H1'"  sing N N 61  
DC  N1    C2     sing N N 62  
DC  N1    C6     sing N N 63  
DC  C2    O2     doub N N 64  
DC  C2    N3     sing N N 65  
DC  N3    C4     doub N N 66  
DC  C4    N4     sing N N 67  
DC  C4    C5     sing N N 68  
DC  N4    H41    sing N N 69  
DC  N4    H42    sing N N 70  
DC  C5    C6     doub N N 71  
DC  C5    H5     sing N N 72  
DC  C6    H6     sing N N 73  
DG  OP3   P      sing N N 74  
DG  OP3   HOP3   sing N N 75  
DG  P     OP1    doub N N 76  
DG  P     OP2    sing N N 77  
DG  P     "O5'"  sing N N 78  
DG  OP2   HOP2   sing N N 79  
DG  "O5'" "C5'"  sing N N 80  
DG  "C5'" "C4'"  sing N N 81  
DG  "C5'" "H5'"  sing N N 82  
DG  "C5'" "H5''" sing N N 83  
DG  "C4'" "O4'"  sing N N 84  
DG  "C4'" "C3'"  sing N N 85  
DG  "C4'" "H4'"  sing N N 86  
DG  "O4'" "C1'"  sing N N 87  
DG  "C3'" "O3'"  sing N N 88  
DG  "C3'" "C2'"  sing N N 89  
DG  "C3'" "H3'"  sing N N 90  
DG  "O3'" "HO3'" sing N N 91  
DG  "C2'" "C1'"  sing N N 92  
DG  "C2'" "H2'"  sing N N 93  
DG  "C2'" "H2''" sing N N 94  
DG  "C1'" N9     sing N N 95  
DG  "C1'" "H1'"  sing N N 96  
DG  N9    C8     sing Y N 97  
DG  N9    C4     sing Y N 98  
DG  C8    N7     doub Y N 99  
DG  C8    H8     sing N N 100 
DG  N7    C5     sing Y N 101 
DG  C5    C6     sing N N 102 
DG  C5    C4     doub Y N 103 
DG  C6    O6     doub N N 104 
DG  C6    N1     sing N N 105 
DG  N1    C2     sing N N 106 
DG  N1    H1     sing N N 107 
DG  C2    N2     sing N N 108 
DG  C2    N3     doub N N 109 
DG  N2    H21    sing N N 110 
DG  N2    H22    sing N N 111 
DG  N3    C4     sing N N 112 
DT  OP3   P      sing N N 113 
DT  OP3   HOP3   sing N N 114 
DT  P     OP1    doub N N 115 
DT  P     OP2    sing N N 116 
DT  P     "O5'"  sing N N 117 
DT  OP2   HOP2   sing N N 118 
DT  "O5'" "C5'"  sing N N 119 
DT  "C5'" "C4'"  sing N N 120 
DT  "C5'" "H5'"  sing N N 121 
DT  "C5'" "H5''" sing N N 122 
DT  "C4'" "O4'"  sing N N 123 
DT  "C4'" "C3'"  sing N N 124 
DT  "C4'" "H4'"  sing N N 125 
DT  "O4'" "C1'"  sing N N 126 
DT  "C3'" "O3'"  sing N N 127 
DT  "C3'" "C2'"  sing N N 128 
DT  "C3'" "H3'"  sing N N 129 
DT  "O3'" "HO3'" sing N N 130 
DT  "C2'" "C1'"  sing N N 131 
DT  "C2'" "H2'"  sing N N 132 
DT  "C2'" "H2''" sing N N 133 
DT  "C1'" N1     sing N N 134 
DT  "C1'" "H1'"  sing N N 135 
DT  N1    C2     sing N N 136 
DT  N1    C6     sing N N 137 
DT  C2    O2     doub N N 138 
DT  C2    N3     sing N N 139 
DT  N3    C4     sing N N 140 
DT  N3    H3     sing N N 141 
DT  C4    O4     doub N N 142 
DT  C4    C5     sing N N 143 
DT  C5    C7     sing N N 144 
DT  C5    C6     doub N N 145 
DT  C7    H71    sing N N 146 
DT  C7    H72    sing N N 147 
DT  C7    H73    sing N N 148 
DT  C6    H6     sing N N 149 
HOH O     H1     sing N N 150 
HOH O     H2     sing N N 151 
# 
_ndb_struct_conf_na.entry_id   1ILC 
_ndb_struct_conf_na.feature    'b-form double helix' 
# 
loop_
_ndb_struct_na_base_pair.model_number 
_ndb_struct_na_base_pair.i_label_asym_id 
_ndb_struct_na_base_pair.i_label_comp_id 
_ndb_struct_na_base_pair.i_label_seq_id 
_ndb_struct_na_base_pair.i_symmetry 
_ndb_struct_na_base_pair.j_label_asym_id 
_ndb_struct_na_base_pair.j_label_comp_id 
_ndb_struct_na_base_pair.j_label_seq_id 
_ndb_struct_na_base_pair.j_symmetry 
_ndb_struct_na_base_pair.shear 
_ndb_struct_na_base_pair.stretch 
_ndb_struct_na_base_pair.stagger 
_ndb_struct_na_base_pair.buckle 
_ndb_struct_na_base_pair.propeller 
_ndb_struct_na_base_pair.opening 
_ndb_struct_na_base_pair.pair_number 
_ndb_struct_na_base_pair.pair_name 
_ndb_struct_na_base_pair.i_auth_asym_id 
_ndb_struct_na_base_pair.i_auth_seq_id 
_ndb_struct_na_base_pair.i_PDB_ins_code 
_ndb_struct_na_base_pair.j_auth_asym_id 
_ndb_struct_na_base_pair.j_auth_seq_id 
_ndb_struct_na_base_pair.j_PDB_ins_code 
_ndb_struct_na_base_pair.hbond_type_28 
_ndb_struct_na_base_pair.hbond_type_12 
1 A DA 1  1_555 B DT 12 1_555 -0.061 -0.363 -0.218 -6.136  -11.185 2.350  1  A_DA1:DT24_B  A 1  ? B 24 ? 20 1 
1 A DC 2  1_555 B DG 11 1_555 -0.057 -0.288 -0.086 2.541   -3.408  -0.880 2  A_DC2:DG23_B  A 2  ? B 23 ? 19 1 
1 A DC 3  1_555 B DG 10 1_555 0.270  -0.312 -0.236 6.339   -3.304  -1.503 3  A_DC3:DG22_B  A 3  ? B 22 ? 19 1 
1 A DG 4  1_555 B DC 9  1_555 -0.032 -0.195 0.123  11.242  -10.069 -2.196 4  A_DG4:DC21_B  A 4  ? B 21 ? 19 1 
1 A DA 5  1_555 B DT 8  1_555 0.230  -0.123 -0.016 3.673   -10.872 5.796  5  A_DA5:DT20_B  A 5  ? B 20 ? 20 1 
1 A DA 6  1_555 B DT 7  1_555 0.377  -0.082 0.242  -1.056  -12.422 1.350  6  A_DA6:DT19_B  A 6  ? B 19 ? 20 1 
1 A DT 7  1_555 B DA 6  1_555 -0.065 -0.019 0.338  -5.526  -14.580 -3.800 7  A_DT7:DA18_B  A 7  ? B 18 ? 20 1 
1 A DT 8  1_555 B DA 5  1_555 -0.115 -0.161 0.399  -17.026 -21.023 0.727  8  A_DT8:DA17_B  A 8  ? B 17 ? 20 1 
1 A DC 9  1_555 B DG 4  1_555 0.299  -0.160 0.331  -17.746 0.747   1.812  9  A_DC9:DG16_B  A 9  ? B 16 ? 19 1 
1 A DG 10 1_555 B DC 3  1_555 -0.300 -0.351 -0.127 -8.070  -4.628  -1.507 10 A_DG10:DC15_B A 10 ? B 15 ? 19 1 
1 A DG 11 1_555 B DC 2  1_555 0.108  -0.300 0.312  0.718   -5.965  -2.909 11 A_DG11:DC14_B A 11 ? B 14 ? 19 1 
1 A DT 12 1_555 B DA 1  1_555 -0.275 -0.190 -0.213 -1.686  -6.868  1.480  12 A_DT12:DA13_B A 12 ? B 13 ? 20 1 
1 C DA 1  1_555 D DT 12 1_555 -0.017 -0.097 0.116  1.085   -5.179  1.551  13 C_DA25:DT48_D C 25 ? D 48 ? 20 1 
1 C DC 2  1_555 D DG 11 1_555 0.238  -0.067 0.165  6.705   -7.956  -1.294 14 C_DC26:DG47_D C 26 ? D 47 ? 19 1 
1 C DC 3  1_555 D DG 10 1_555 0.303  -0.076 -0.395 13.832  -9.279  3.324  15 C_DC27:DG46_D C 27 ? D 46 ? 19 1 
1 C DG 4  1_555 D DC 9  1_555 -0.394 -0.187 -0.628 10.681  -11.521 4.090  16 C_DG28:DC45_D C 28 ? D 45 ? 19 1 
1 C DA 5  1_555 D DT 8  1_555 0.311  -0.014 0.273  12.072  -15.548 4.856  17 C_DA29:DT44_D C 29 ? D 44 ? 20 1 
1 C DA 6  1_555 D DT 7  1_555 0.415  -0.205 0.425  3.465   -15.571 -2.762 18 C_DA30:DT43_D C 30 ? D 43 ? 20 1 
1 C DT 7  1_555 D DA 6  1_555 -0.212 -0.236 0.411  -2.321  -16.506 -1.392 19 C_DT31:DA42_D C 31 ? D 42 ? 20 1 
1 C DT 8  1_555 D DA 5  1_555 0.108  -0.313 -0.187 -3.275  -19.599 1.220  20 C_DT32:DA41_D C 32 ? D 41 ? 20 1 
1 C DC 9  1_555 D DG 4  1_555 0.152  -0.197 0.308  -11.649 -17.543 -3.726 21 C_DC33:DG40_D C 33 ? D 40 ? 19 1 
1 C DG 10 1_555 D DC 3  1_555 -0.046 -0.286 0.252  3.218   -2.922  -2.812 22 C_DG34:DC39_D C 34 ? D 39 ? 19 1 
1 C DG 11 1_555 D DC 2  1_555 -0.056 -0.304 0.479  0.400   -16.354 -4.869 23 C_DG35:DC38_D C 35 ? D 38 ? 19 1 
1 C DT 12 1_555 D DA 1  1_555 -0.016 -0.244 0.027  -3.160  -5.189  -1.686 24 C_DT36:DA37_D C 36 ? D 37 ? 20 1 
1 E DA 1  1_555 F DT 12 1_555 -0.337 -0.292 0.296  3.766   -3.213  2.832  25 E_DA49:DT72_F E 49 ? F 72 ? 20 1 
1 E DC 2  1_555 F DG 11 1_555 0.248  -0.327 0.292  -0.265  -3.687  0.377  26 E_DC50:DG71_F E 50 ? F 71 ? 19 1 
1 E DC 3  1_555 F DG 10 1_555 -0.226 -0.305 -0.256 12.260  -3.418  -5.120 27 E_DC51:DG70_F E 51 ? F 70 ? 19 1 
1 E DG 4  1_555 F DC 9  1_555 -0.186 0.205  0.233  15.351  -11.596 7.574  28 E_DG52:DC69_F E 52 ? F 69 ? 19 1 
1 E DA 5  1_555 F DT 8  1_555 0.032  -0.193 0.098  8.481   -15.964 2.302  29 E_DA53:DT68_F E 53 ? F 68 ? 20 1 
1 E DA 6  1_555 F DT 7  1_555 -0.192 -0.469 0.041  -2.212  -16.211 -0.824 30 E_DA54:DT67_F E 54 ? F 67 ? 20 1 
1 E DT 7  1_555 F DA 6  1_555 -0.263 -0.385 -0.053 -0.146  -16.588 -1.928 31 E_DT55:DA66_F E 55 ? F 66 ? 20 1 
1 E DT 8  1_555 F DA 5  1_555 -0.435 -0.418 0.057  -12.220 -17.777 -1.877 32 E_DT56:DA65_F E 56 ? F 65 ? 20 1 
1 E DC 9  1_555 F DG 4  1_555 -0.166 0.067  -0.215 -13.765 -7.152  4.093  33 E_DC57:DG64_F E 57 ? F 64 ? 19 1 
1 E DG 10 1_555 F DC 3  1_555 0.220  -0.315 0.486  7.400   3.342   -0.901 34 E_DG58:DC63_F E 58 ? F 63 ? 19 1 
1 E DG 11 1_555 F DC 2  1_555 0.166  -0.227 0.389  6.323   -9.742  -3.883 35 E_DG59:DC62_F E 59 ? F 62 ? 19 1 
1 E DT 12 1_555 F DA 1  1_555 0.152  -0.461 0.303  -8.783  -6.075  -1.928 36 E_DT60:DA61_F E 60 ? F 61 ? 20 1 
# 
loop_
_ndb_struct_na_base_pair_step.model_number 
_ndb_struct_na_base_pair_step.i_label_asym_id_1 
_ndb_struct_na_base_pair_step.i_label_comp_id_1 
_ndb_struct_na_base_pair_step.i_label_seq_id_1 
_ndb_struct_na_base_pair_step.i_symmetry_1 
_ndb_struct_na_base_pair_step.j_label_asym_id_1 
_ndb_struct_na_base_pair_step.j_label_comp_id_1 
_ndb_struct_na_base_pair_step.j_label_seq_id_1 
_ndb_struct_na_base_pair_step.j_symmetry_1 
_ndb_struct_na_base_pair_step.i_label_asym_id_2 
_ndb_struct_na_base_pair_step.i_label_comp_id_2 
_ndb_struct_na_base_pair_step.i_label_seq_id_2 
_ndb_struct_na_base_pair_step.i_symmetry_2 
_ndb_struct_na_base_pair_step.j_label_asym_id_2 
_ndb_struct_na_base_pair_step.j_label_comp_id_2 
_ndb_struct_na_base_pair_step.j_label_seq_id_2 
_ndb_struct_na_base_pair_step.j_symmetry_2 
_ndb_struct_na_base_pair_step.shift 
_ndb_struct_na_base_pair_step.slide 
_ndb_struct_na_base_pair_step.rise 
_ndb_struct_na_base_pair_step.tilt 
_ndb_struct_na_base_pair_step.roll 
_ndb_struct_na_base_pair_step.twist 
_ndb_struct_na_base_pair_step.x_displacement 
_ndb_struct_na_base_pair_step.y_displacement 
_ndb_struct_na_base_pair_step.helical_rise 
_ndb_struct_na_base_pair_step.inclination 
_ndb_struct_na_base_pair_step.tip 
_ndb_struct_na_base_pair_step.helical_twist 
_ndb_struct_na_base_pair_step.step_number 
_ndb_struct_na_base_pair_step.step_name 
_ndb_struct_na_base_pair_step.i_auth_asym_id_1 
_ndb_struct_na_base_pair_step.i_auth_seq_id_1 
_ndb_struct_na_base_pair_step.i_PDB_ins_code_1 
_ndb_struct_na_base_pair_step.j_auth_asym_id_1 
_ndb_struct_na_base_pair_step.j_auth_seq_id_1 
_ndb_struct_na_base_pair_step.j_PDB_ins_code_1 
_ndb_struct_na_base_pair_step.i_auth_asym_id_2 
_ndb_struct_na_base_pair_step.i_auth_seq_id_2 
_ndb_struct_na_base_pair_step.i_PDB_ins_code_2 
_ndb_struct_na_base_pair_step.j_auth_asym_id_2 
_ndb_struct_na_base_pair_step.j_auth_seq_id_2 
_ndb_struct_na_base_pair_step.j_PDB_ins_code_2 
1 A DA 1  1_555 B DT 12 1_555 A DC 2  1_555 B DG 11 1_555 -0.366 -0.068 3.106 -2.355 -2.584 33.001 0.294  0.264  3.120 -4.533  
4.131   33.180 1  AA_DA1DC2:DG23DT24_BB   A 1  ? B 24 ? A 2  ? B 23 ? 
1 A DC 2  1_555 B DG 11 1_555 A DC 3  1_555 B DG 10 1_555 0.854  0.677  3.256 3.892  2.424  34.294 0.758  -0.826 3.368 4.088   
-6.564  34.590 2  AA_DC2DC3:DG22DG23_BB   A 2  ? B 23 ? A 3  ? B 22 ? 
1 A DC 3  1_555 B DG 10 1_555 A DG 4  1_555 B DC 9  1_555 -0.506 0.734  3.215 -3.070 4.297  34.814 0.572  0.379  3.311 7.130   
5.095   35.200 3  AA_DC3DG4:DC21DG22_BB   A 3  ? B 22 ? A 4  ? B 21 ? 
1 A DG 4  1_555 B DC 9  1_555 A DA 5  1_555 B DT 8  1_555 0.014  -0.372 3.365 1.339  0.033  38.894 -0.563 0.146  3.363 0.049   
-2.010  38.916 4  AA_DG4DA5:DT20DC21_BB   A 4  ? B 21 ? A 5  ? B 20 ? 
1 A DA 5  1_555 B DT 8  1_555 A DA 6  1_555 B DT 7  1_555 0.008  -0.823 3.351 -1.660 -0.023 36.147 -1.321 -0.253 3.348 -0.038  
2.674   36.184 5  AA_DA5DA6:DT19DT20_BB   A 5  ? B 20 ? A 6  ? B 19 ? 
1 A DA 6  1_555 B DT 7  1_555 A DT 7  1_555 B DA 6  1_555 -0.488 -1.029 3.279 -2.246 -0.557 28.781 -1.939 0.475  3.326 -1.118  
4.509   28.872 6  AA_DA6DT7:DA18DT19_BB   A 6  ? B 19 ? A 7  ? B 18 ? 
1 A DT 7  1_555 B DA 6  1_555 A DT 8  1_555 B DA 5  1_555 -0.171 -0.414 3.415 0.483  0.659  38.844 -0.706 0.319  3.406 0.990   
-0.726  38.853 7  AA_DT7DT8:DA17DA18_BB   A 7  ? B 18 ? A 8  ? B 17 ? 
1 A DT 8  1_555 B DA 5  1_555 A DC 9  1_555 B DG 4  1_555 0.086  0.405  3.348 -3.045 -2.003 42.303 0.767  -0.434 3.312 -2.770  
4.210   42.452 8  AA_DT8DC9:DG16DA17_BB   A 8  ? B 17 ? A 9  ? B 16 ? 
1 A DC 9  1_555 B DG 4  1_555 A DG 10 1_555 B DC 3  1_555 -0.057 0.712  3.165 3.775  0.682  25.717 1.400  1.134  3.141 1.522   
-8.421  25.997 9  AA_DC9DG10:DC15DG16_BB  A 9  ? B 16 ? A 10 ? B 15 ? 
1 A DG 10 1_555 B DC 3  1_555 A DG 11 1_555 B DC 2  1_555 -1.011 0.429  3.032 -7.368 1.521  36.821 0.476  0.648  3.183 2.377   
11.517  37.556 10 AA_DG10DG11:DC14DC15_BB A 10 ? B 15 ? A 11 ? B 14 ? 
1 A DG 11 1_555 B DC 2  1_555 A DT 12 1_555 B DA 1  1_555 0.652  -0.220 3.411 6.491  -2.336 32.227 0.036  0.028  3.479 -4.149  
-11.529 32.937 11 AA_DG11DT12:DA13DC14_BB A 11 ? B 14 ? A 12 ? B 13 ? 
1 C DA 1  1_555 D DT 12 1_555 C DC 2  1_555 D DG 11 1_555 -0.041 -0.575 3.231 -2.576 -0.229 28.786 -1.101 -0.484 3.226 -0.460  
5.167   28.900 12 CC_DA25DC26:DG47DT48_DD C 25 ? D 48 ? C 26 ? D 47 ? 
1 C DC 2  1_555 D DG 11 1_555 C DC 3  1_555 D DG 10 1_555 0.062  -0.067 3.137 6.319  3.118  32.723 -0.611 0.895  3.076 5.456   
-11.056 33.453 13 CC_DC26DC27:DG46DG47_DD C 26 ? D 47 ? C 27 ? D 46 ? 
1 C DC 3  1_555 D DG 10 1_555 C DG 4  1_555 D DC 9  1_555 -0.767 0.358  3.447 1.170  9.019  31.913 -0.989 1.554  3.391 16.001  
-2.075  33.151 14 CC_DC27DG28:DC45DG46_DD C 27 ? D 46 ? C 28 ? D 45 ? 
1 C DG 4  1_555 D DC 9  1_555 C DA 5  1_555 D DT 8  1_555 0.363  0.154  3.165 -5.402 1.796  41.759 0.036  -1.041 3.101 2.506   
7.536   42.128 15 CC_DG28DA29:DT44DC45_DD C 28 ? D 45 ? C 29 ? D 44 ? 
1 C DA 5  1_555 D DT 8  1_555 C DA 6  1_555 D DT 7  1_555 -0.273 -0.747 3.399 -4.896 0.644  34.604 -1.346 -0.317 3.390 1.075   
8.179   34.944 16 CC_DA29DA30:DT43DT44_DD C 29 ? D 44 ? C 30 ? D 43 ? 
1 C DA 6  1_555 D DT 7  1_555 C DT 7  1_555 D DA 6  1_555 -0.010 -0.852 3.289 0.757  -7.108 30.430 -0.186 0.168  3.395 -13.312 
-1.419  31.239 17 CC_DA30DT31:DA42DT43_DD C 30 ? D 43 ? C 31 ? D 42 ? 
1 C DT 7  1_555 D DA 6  1_555 C DT 8  1_555 D DA 5  1_555 -0.042 -0.284 3.167 6.274  0.895  39.466 -0.515 0.758  3.117 1.315   
-9.218  39.952 18 CC_DT31DT32:DA41DA42_DD C 31 ? D 42 ? C 32 ? D 41 ? 
1 C DT 8  1_555 D DA 5  1_555 C DC 9  1_555 D DG 4  1_555 0.406  0.118  3.470 -2.874 1.948  39.759 -0.065 -0.946 3.436 2.858   
4.216   39.904 19 CC_DT32DC33:DG40DA41_DD C 32 ? D 41 ? C 33 ? D 40 ? 
1 C DC 9  1_555 D DG 4  1_555 C DG 10 1_555 D DC 3  1_555 -0.551 0.624  2.951 -1.076 6.616  28.970 -0.070 0.865  3.033 13.007  
2.115   29.720 20 CC_DC33DG34:DC39DG40_DD C 33 ? D 40 ? C 34 ? D 39 ? 
1 C DG 10 1_555 D DC 3  1_555 C DG 11 1_555 D DC 2  1_555 -0.525 0.114  3.367 -4.131 -0.737 36.201 0.288  0.244  3.402 -1.181  
6.621   36.436 21 CC_DG34DG35:DC38DC39_DD C 34 ? D 39 ? C 35 ? D 38 ? 
1 C DG 11 1_555 D DC 2  1_555 C DT 12 1_555 D DA 1  1_555 1.071  -0.163 3.339 4.618  -8.806 39.882 0.770  -1.001 3.396 -12.672 
-6.645  41.054 22 CC_DG35DT36:DA37DC38_DD C 35 ? D 38 ? C 36 ? D 37 ? 
1 E DA 1  1_555 F DT 12 1_555 E DC 2  1_555 F DG 11 1_555 -0.092 -0.216 3.585 -1.992 -3.245 31.748 0.254  -0.229 3.588 -5.905  
3.625   31.969 23 EE_DA49DC50:DG71DT72_FF E 49 ? F 72 ? E 50 ? F 71 ? 
1 E DC 2  1_555 F DG 11 1_555 E DC 3  1_555 F DG 10 1_555 0.187  -0.111 2.921 6.901  6.552  28.197 -1.450 0.934  2.793 12.989  
-13.682 29.728 24 EE_DC50DC51:DG70DG71_FF E 50 ? F 71 ? E 51 ? F 70 ? 
1 E DC 3  1_555 F DG 10 1_555 E DG 4  1_555 F DC 9  1_555 -0.214 0.735  3.268 -2.877 2.897  35.516 0.775  -0.072 3.322 4.729   
4.697   35.742 25 EE_DC51DG52:DC69DG70_FF E 51 ? F 70 ? E 52 ? F 69 ? 
1 E DG 4  1_555 F DC 9  1_555 E DA 5  1_555 F DT 8  1_555 -0.163 0.047  3.324 -1.034 0.080  40.059 0.059  0.118  3.327 0.117   
1.510   40.072 26 EE_DG52DA53:DT68DC69_FF E 52 ? F 69 ? E 53 ? F 68 ? 
1 E DA 5  1_555 F DT 8  1_555 E DA 6  1_555 F DT 7  1_555 -0.168 -0.335 3.383 -0.742 -1.644 37.894 -0.297 0.161  3.396 -2.530  
1.142   37.935 27 EE_DA53DA54:DT67DT68_FF E 53 ? F 68 ? E 54 ? F 67 ? 
1 E DA 6  1_555 F DT 7  1_555 E DT 7  1_555 F DA 6  1_555 -0.097 -0.970 3.172 0.649  0.641  29.612 -2.028 0.322  3.148 1.254   
-1.270  29.625 28 EE_DA54DT55:DA66DT67_FF E 54 ? F 67 ? E 55 ? F 66 ? 
1 E DT 7  1_555 F DA 6  1_555 E DT 8  1_555 F DA 5  1_555 -0.025 -0.246 3.543 0.319  0.563  37.365 -0.465 0.085  3.539 0.879   
-0.499  37.370 29 EE_DT55DT56:DA65DA66_FF E 55 ? F 66 ? E 56 ? F 65 ? 
1 E DT 8  1_555 F DA 5  1_555 E DC 9  1_555 F DG 4  1_555 0.578  0.764  3.221 3.596  0.858  41.228 0.990  -0.435 3.272 1.216   
-5.094  41.386 30 EE_DT56DC57:DG64DA65_FF E 56 ? F 65 ? E 57 ? F 64 ? 
1 E DC 9  1_555 F DG 4  1_555 E DG 10 1_555 F DC 3  1_555 0.382  1.044  2.965 -4.641 1.819  34.096 1.507  -1.300 2.939 3.082   
7.863   34.448 31 EE_DC57DG58:DC63DG64_FF E 57 ? F 64 ? E 58 ? F 63 ? 
1 E DG 10 1_555 F DC 3  1_555 E DG 11 1_555 F DC 2  1_555 -0.925 0.783  3.589 -1.635 1.866  35.738 0.976  1.243  3.661 3.036   
2.660   35.821 32 EE_DG58DG59:DC62DC63_FF E 58 ? F 63 ? E 59 ? F 62 ? 
1 E DG 11 1_555 F DC 2  1_555 E DT 12 1_555 F DA 1  1_555 0.869  -0.264 3.754 2.546  -6.968 36.055 0.687  -0.974 3.788 -11.113 
-4.061  36.786 33 EE_DG59DT60:DA61DC62_FF E 59 ? F 62 ? E 60 ? F 61 ? 
# 
_pdbx_initial_refinement_model.accession_code   ? 
_pdbx_initial_refinement_model.id               1 
_pdbx_initial_refinement_model.entity_id_list   ? 
_pdbx_initial_refinement_model.type             'experimental model' 
_pdbx_initial_refinement_model.source_name      Other 
_pdbx_initial_refinement_model.details          'standard B-DNA fiber coordinates' 
# 
_atom_sites.entry_id                    1ILC 
_atom_sites.fract_transf_matrix[1][1]   -0.02566584 
_atom_sites.fract_transf_matrix[1][2]   0.01330100 
_atom_sites.fract_transf_matrix[1][3]   -0.00437231 
_atom_sites.fract_transf_matrix[2][1]   0.02434094 
_atom_sites.fract_transf_matrix[2][2]   0.01604854 
_atom_sites.fract_transf_matrix[2][3]   -0.00244144 
_atom_sites.fract_transf_matrix[3][1]   0.00068326 
_atom_sites.fract_transf_matrix[3][2]   -0.01320357 
_atom_sites.fract_transf_matrix[3][3]   -0.02296510 
_atom_sites.fract_transf_vector[1]      0.128033 
_atom_sites.fract_transf_vector[2]      0.457364 
_atom_sites.fract_transf_vector[3]      0.274819 
# 
loop_
_atom_type.symbol 
C 
N 
O 
P 
# 
loop_
_atom_site.group_PDB 
_atom_site.id 
_atom_site.type_symbol 
_atom_site.label_atom_id 
_atom_site.label_alt_id 
_atom_site.label_comp_id 
_atom_site.label_asym_id 
_atom_site.label_entity_id 
_atom_site.label_seq_id 
_atom_site.pdbx_PDB_ins_code 
_atom_site.Cartn_x 
_atom_site.Cartn_y 
_atom_site.Cartn_z 
_atom_site.occupancy 
_atom_site.B_iso_or_equiv 
_atom_site.pdbx_formal_charge 
_atom_site.auth_seq_id 
_atom_site.auth_comp_id 
_atom_site.auth_asym_id 
_atom_site.auth_atom_id 
_atom_site.pdbx_PDB_model_num 
ATOM   1    O "O5'" . DA  A 1 1  ? -9.295  0.950   8.886   1.00 36.53 ? 1   DA  A "O5'" 1 
ATOM   2    C "C5'" . DA  A 1 1  ? -10.041 2.048   9.355   1.00 33.28 ? 1   DA  A "C5'" 1 
ATOM   3    C "C4'" . DA  A 1 1  ? -10.228 2.042   10.853  1.00 30.91 ? 1   DA  A "C4'" 1 
ATOM   4    O "O4'" . DA  A 1 1  ? -11.512 1.481   11.216  1.00 28.69 ? 1   DA  A "O4'" 1 
ATOM   5    C "C3'" . DA  A 1 1  ? -9.167  1.305   11.670  1.00 31.14 ? 1   DA  A "C3'" 1 
ATOM   6    O "O3'" . DA  A 1 1  ? -8.878  2.109   12.812  1.00 35.07 ? 1   DA  A "O3'" 1 
ATOM   7    C "C2'" . DA  A 1 1  ? -9.848  -0.010  12.042  1.00 28.91 ? 1   DA  A "C2'" 1 
ATOM   8    C "C1'" . DA  A 1 1  ? -11.348 0.342   12.066  1.00 27.21 ? 1   DA  A "C1'" 1 
ATOM   9    N N9    . DA  A 1 1  ? -12.206 -0.694  11.506  1.00 14.31 ? 1   DA  A N9    1 
ATOM   10   C C8    . DA  A 1 1  ? -11.962 -1.463  10.389  1.00 17.93 ? 1   DA  A C8    1 
ATOM   11   N N7    . DA  A 1 1  ? -12.930 -2.287  10.088  1.00 15.49 ? 1   DA  A N7    1 
ATOM   12   C C5    . DA  A 1 1  ? -13.868 -2.050  11.084  1.00 12.16 ? 1   DA  A C5    1 
ATOM   13   C C6    . DA  A 1 1  ? -15.107 -2.617  11.334  1.00 11.13 ? 1   DA  A C6    1 
ATOM   14   N N6    . DA  A 1 1  ? -15.627 -3.559  10.537  1.00 17.33 ? 1   DA  A N6    1 
ATOM   15   N N1    . DA  A 1 1  ? -15.817 -2.177  12.423  1.00 9.29  ? 1   DA  A N1    1 
ATOM   16   C C2    . DA  A 1 1  ? -15.280 -1.204  13.171  1.00 9.26  ? 1   DA  A C2    1 
ATOM   17   N N3    . DA  A 1 1  ? -14.083 -0.586  13.025  1.00 13.11 ? 1   DA  A N3    1 
ATOM   18   C C4    . DA  A 1 1  ? -13.431 -1.069  11.958  1.00 11.47 ? 1   DA  A C4    1 
ATOM   19   P P     . DC  A 1 2  ? -7.849  1.596   13.923  1.00 37.81 ? 2   DC  A P     1 
ATOM   20   O OP1   . DC  A 1 2  ? -7.181  2.783   14.507  1.00 37.99 ? 2   DC  A OP1   1 
ATOM   21   O OP2   . DC  A 1 2  ? -7.013  0.531   13.292  1.00 38.28 ? 2   DC  A OP2   1 
ATOM   22   O "O5'" . DC  A 1 2  ? -8.836  1.058   15.044  1.00 34.47 ? 2   DC  A "O5'" 1 
ATOM   23   C "C5'" . DC  A 1 2  ? -9.974  1.843   15.386  1.00 34.46 ? 2   DC  A "C5'" 1 
ATOM   24   C "C4'" . DC  A 1 2  ? -10.811 1.181   16.456  1.00 34.01 ? 2   DC  A "C4'" 1 
ATOM   25   O "O4'" . DC  A 1 2  ? -11.736 0.197   15.929  1.00 32.47 ? 2   DC  A "O4'" 1 
ATOM   26   C "C3'" . DC  A 1 2  ? -10.089 0.503   17.608  1.00 33.30 ? 2   DC  A "C3'" 1 
ATOM   27   O "O3'" . DC  A 1 2  ? -10.756 0.987   18.775  1.00 35.83 ? 2   DC  A "O3'" 1 
ATOM   28   C "C2'" . DC  A 1 2  ? -10.306 -0.989  17.336  1.00 31.12 ? 2   DC  A "C2'" 1 
ATOM   29   C "C1'" . DC  A 1 2  ? -11.670 -1.020  16.652  1.00 26.26 ? 2   DC  A "C1'" 1 
ATOM   30   N N1    . DC  A 1 2  ? -11.911 -2.066  15.648  1.00 22.05 ? 2   DC  A N1    1 
ATOM   31   C C2    . DC  A 1 2  ? -13.122 -2.723  15.627  1.00 16.02 ? 2   DC  A C2    1 
ATOM   32   O O2    . DC  A 1 2  ? -13.936 -2.476  16.502  1.00 23.75 ? 2   DC  A O2    1 
ATOM   33   N N3    . DC  A 1 2  ? -13.389 -3.615  14.645  1.00 13.62 ? 2   DC  A N3    1 
ATOM   34   C C4    . DC  A 1 2  ? -12.471 -3.868  13.725  1.00 14.25 ? 2   DC  A C4    1 
ATOM   35   N N4    . DC  A 1 2  ? -12.754 -4.756  12.791  1.00 15.88 ? 2   DC  A N4    1 
ATOM   36   C C5    . DC  A 1 2  ? -11.208 -3.229  13.729  1.00 14.20 ? 2   DC  A C5    1 
ATOM   37   C C6    . DC  A 1 2  ? -10.965 -2.349  14.706  1.00 22.19 ? 2   DC  A C6    1 
ATOM   38   P P     . DC  A 1 3  ? -10.073 0.830   20.224  1.00 40.55 ? 3   DC  A P     1 
ATOM   39   O OP1   . DC  A 1 3  ? -10.427 1.951   21.176  1.00 39.71 ? 3   DC  A OP1   1 
ATOM   40   O OP2   . DC  A 1 3  ? -8.634  0.498   19.961  1.00 35.48 ? 3   DC  A OP2   1 
ATOM   41   O "O5'" . DC  A 1 3  ? -10.838 -0.456  20.774  1.00 35.53 ? 3   DC  A "O5'" 1 
ATOM   42   C "C5'" . DC  A 1 3  ? -12.220 -0.631  20.531  1.00 26.63 ? 3   DC  A "C5'" 1 
ATOM   43   C "C4'" . DC  A 1 3  ? -12.613 -2.026  20.931  1.00 22.53 ? 3   DC  A "C4'" 1 
ATOM   44   O "O4'" . DC  A 1 3  ? -12.677 -2.869  19.772  1.00 20.76 ? 3   DC  A "O4'" 1 
ATOM   45   C "C3'" . DC  A 1 3  ? -11.612 -2.687  21.871  1.00 20.80 ? 3   DC  A "C3'" 1 
ATOM   46   O "O3'" . DC  A 1 3  ? -12.333 -3.544  22.700  1.00 22.63 ? 3   DC  A "O3'" 1 
ATOM   47   C "C2'" . DC  A 1 3  ? -10.804 -3.567  20.958  1.00 19.51 ? 3   DC  A "C2'" 1 
ATOM   48   C "C1'" . DC  A 1 3  ? -11.902 -4.023  20.025  1.00 19.00 ? 3   DC  A "C1'" 1 
ATOM   49   N N1    . DC  A 1 3  ? -11.444 -4.550  18.744  1.00 12.03 ? 3   DC  A N1    1 
ATOM   50   C C2    . DC  A 1 3  ? -12.319 -5.334  18.011  1.00 9.00  ? 3   DC  A C2    1 
ATOM   51   O O2    . DC  A 1 3  ? -13.478 -5.538  18.477  1.00 5.75  ? 3   DC  A O2    1 
ATOM   52   N N3    . DC  A 1 3  ? -11.899 -5.844  16.826  1.00 5.62  ? 3   DC  A N3    1 
ATOM   53   C C4    . DC  A 1 3  ? -10.650 -5.599  16.399  1.00 7.54  ? 3   DC  A C4    1 
ATOM   54   N N4    . DC  A 1 3  ? -10.262 -6.109  15.241  1.00 7.10  ? 3   DC  A N4    1 
ATOM   55   C C5    . DC  A 1 3  ? -9.745  -4.806  17.140  1.00 8.94  ? 3   DC  A C5    1 
ATOM   56   C C6    . DC  A 1 3  ? -10.181 -4.291  18.290  1.00 9.08  ? 3   DC  A C6    1 
ATOM   57   P P     . DG  A 1 4  ? -11.871 -3.752  24.195  1.00 25.28 ? 4   DG  A P     1 
ATOM   58   O OP1   . DG  A 1 4  ? -12.249 -2.532  24.950  1.00 24.26 ? 4   DG  A OP1   1 
ATOM   59   O OP2   . DG  A 1 4  ? -10.454 -4.209  24.141  1.00 26.97 ? 4   DG  A OP2   1 
ATOM   60   O "O5'" . DG  A 1 4  ? -12.755 -4.990  24.675  1.00 26.79 ? 4   DG  A "O5'" 1 
ATOM   61   C "C5'" . DG  A 1 4  ? -14.167 -4.855  24.815  1.00 24.59 ? 4   DG  A "C5'" 1 
ATOM   62   C "C4'" . DG  A 1 4  ? -14.846 -6.138  24.405  1.00 24.76 ? 4   DG  A "C4'" 1 
ATOM   63   O "O4'" . DG  A 1 4  ? -14.533 -6.459  23.019  1.00 26.14 ? 4   DG  A "O4'" 1 
ATOM   64   C "C3'" . DG  A 1 4  ? -14.431 -7.363  25.207  1.00 20.36 ? 4   DG  A "C3'" 1 
ATOM   65   O "O3'" . DG  A 1 4  ? -15.575 -8.175  25.251  1.00 24.65 ? 4   DG  A "O3'" 1 
ATOM   66   C "C2'" . DG  A 1 4  ? -13.396 -8.001  24.321  1.00 18.38 ? 4   DG  A "C2'" 1 
ATOM   67   C "C1'" . DG  A 1 4  ? -13.938 -7.754  22.943  1.00 17.86 ? 4   DG  A "C1'" 1 
ATOM   68   N N9    . DG  A 1 4  ? -12.871 -7.717  21.944  1.00 14.04 ? 4   DG  A N9    1 
ATOM   69   C C8    . DG  A 1 4  ? -11.656 -7.075  22.060  1.00 14.43 ? 4   DG  A C8    1 
ATOM   70   N N7    . DG  A 1 4  ? -10.879 -7.242  21.009  1.00 12.45 ? 4   DG  A N7    1 
ATOM   71   C C5    . DG  A 1 4  ? -11.630 -8.045  20.157  1.00 10.41 ? 4   DG  A C5    1 
ATOM   72   C C6    . DG  A 1 4  ? -11.304 -8.576  18.877  1.00 14.92 ? 4   DG  A C6    1 
ATOM   73   O O6    . DG  A 1 4  ? -10.255 -8.411  18.203  1.00 9.55  ? 4   DG  A O6    1 
ATOM   74   N N1    . DG  A 1 4  ? -12.344 -9.360  18.379  1.00 13.59 ? 4   DG  A N1    1 
ATOM   75   C C2    . DG  A 1 4  ? -13.549 -9.569  19.021  1.00 15.20 ? 4   DG  A C2    1 
ATOM   76   N N2    . DG  A 1 4  ? -14.425 -10.344 18.387  1.00 14.24 ? 4   DG  A N2    1 
ATOM   77   N N3    . DG  A 1 4  ? -13.871 -9.053  20.199  1.00 9.93  ? 4   DG  A N3    1 
ATOM   78   C C4    . DG  A 1 4  ? -12.871 -8.323  20.710  1.00 8.73  ? 4   DG  A C4    1 
ATOM   79   P P     . DA  A 1 5  ? -15.537 -9.626  25.939  1.00 27.13 ? 5   DA  A P     1 
ATOM   80   O OP1   . DA  A 1 5  ? -16.842 -9.730  26.686  1.00 30.20 ? 5   DA  A OP1   1 
ATOM   81   O OP2   . DA  A 1 5  ? -14.266 -9.932  26.647  1.00 24.74 ? 5   DA  A OP2   1 
ATOM   82   O "O5'" . DA  A 1 5  ? -15.684 -10.544 24.664  1.00 24.54 ? 5   DA  A "O5'" 1 
ATOM   83   C "C5'" . DA  A 1 5  ? -16.921 -10.582 23.957  1.00 18.72 ? 5   DA  A "C5'" 1 
ATOM   84   C "C4'" . DA  A 1 5  ? -16.905 -11.730 22.979  1.00 19.50 ? 5   DA  A "C4'" 1 
ATOM   85   O "O4'" . DA  A 1 5  ? -15.801 -11.612 22.044  1.00 17.26 ? 5   DA  A "O4'" 1 
ATOM   86   C "C3'" . DA  A 1 5  ? -16.695 -13.081 23.654  1.00 19.11 ? 5   DA  A "C3'" 1 
ATOM   87   O "O3'" . DA  A 1 5  ? -17.419 -13.993 22.871  1.00 23.79 ? 5   DA  A "O3'" 1 
ATOM   88   C "C2'" . DA  A 1 5  ? -15.192 -13.332 23.517  1.00 16.71 ? 5   DA  A "C2'" 1 
ATOM   89   C "C1'" . DA  A 1 5  ? -14.896 -12.722 22.169  1.00 13.92 ? 5   DA  A "C1'" 1 
ATOM   90   N N9    . DA  A 1 5  ? -13.547 -12.179 22.029  1.00 14.88 ? 5   DA  A N9    1 
ATOM   91   C C8    . DA  A 1 5  ? -12.895 -11.370 22.933  1.00 13.61 ? 5   DA  A C8    1 
ATOM   92   N N7    . DA  A 1 5  ? -11.709 -10.961 22.522  1.00 11.41 ? 5   DA  A N7    1 
ATOM   93   C C5    . DA  A 1 5  ? -11.562 -11.554 21.266  1.00 10.13 ? 5   DA  A C5    1 
ATOM   94   C C6    . DA  A 1 5  ? -10.533 -11.504 20.316  1.00 4.98  ? 5   DA  A C6    1 
ATOM   95   N N6    . DA  A 1 5  ? -9.415  -10.841 20.492  1.00 10.08 ? 5   DA  A N6    1 
ATOM   96   N N1    . DA  A 1 5  ? -10.695 -12.182 19.162  1.00 7.96  ? 5   DA  A N1    1 
ATOM   97   C C2    . DA  A 1 5  ? -11.845 -12.869 18.979  1.00 8.95  ? 5   DA  A C2    1 
ATOM   98   N N3    . DA  A 1 5  ? -12.883 -13.001 19.789  1.00 6.79  ? 5   DA  A N3    1 
ATOM   99   C C4    . DA  A 1 5  ? -12.682 -12.313 20.944  1.00 12.23 ? 5   DA  A C4    1 
ATOM   100  P P     . DA  A 1 6  ? -17.364 -15.547 23.219  1.00 24.12 ? 6   DA  A P     1 
ATOM   101  O OP1   . DA  A 1 6  ? -18.584 -16.112 22.604  1.00 26.63 ? 6   DA  A OP1   1 
ATOM   102  O OP2   . DA  A 1 6  ? -17.116 -15.674 24.680  1.00 24.65 ? 6   DA  A OP2   1 
ATOM   103  O "O5'" . DA  A 1 6  ? -16.203 -16.062 22.298  1.00 19.74 ? 6   DA  A "O5'" 1 
ATOM   104  C "C5'" . DA  A 1 6  ? -16.449 -16.115 20.917  1.00 17.30 ? 6   DA  A "C5'" 1 
ATOM   105  C "C4'" . DA  A 1 6  ? -15.358 -16.872 20.221  1.00 19.48 ? 6   DA  A "C4'" 1 
ATOM   106  O "O4'" . DA  A 1 6  ? -14.153 -16.084 20.259  1.00 18.84 ? 6   DA  A "O4'" 1 
ATOM   107  C "C3'" . DA  A 1 6  ? -15.007 -18.246 20.802  1.00 25.00 ? 6   DA  A "C3'" 1 
ATOM   108  O "O3'" . DA  A 1 6  ? -15.142 -19.153 19.716  1.00 32.58 ? 6   DA  A "O3'" 1 
ATOM   109  C "C2'" . DA  A 1 6  ? -13.558 -18.101 21.265  1.00 21.36 ? 6   DA  A "C2'" 1 
ATOM   110  C "C1'" . DA  A 1 6  ? -13.038 -16.924 20.457  1.00 19.84 ? 6   DA  A "C1'" 1 
ATOM   111  N N9    . DA  A 1 6  ? -12.011 -16.115 21.105  1.00 13.86 ? 6   DA  A N9    1 
ATOM   112  C C8    . DA  A 1 6  ? -12.071 -15.518 22.345  1.00 12.55 ? 6   DA  A C8    1 
ATOM   113  N N7    . DA  A 1 6  ? -11.001 -14.807 22.640  1.00 13.91 ? 6   DA  A N7    1 
ATOM   114  C C5    . DA  A 1 6  ? -10.183 -14.965 21.527  1.00 11.57 ? 6   DA  A C5    1 
ATOM   115  C C6    . DA  A 1 6  ? -8.919  -14.478 21.225  1.00 8.36  ? 6   DA  A C6    1 
ATOM   116  N N6    . DA  A 1 6  ? -8.228  -13.724 22.047  1.00 6.77  ? 6   DA  A N6    1 
ATOM   117  N N1    . DA  A 1 6  ? -8.370  -14.806 20.041  1.00 15.09 ? 6   DA  A N1    1 
ATOM   118  C C2    . DA  A 1 6  ? -9.072  -15.597 19.220  1.00 16.16 ? 6   DA  A C2    1 
ATOM   119  N N3    . DA  A 1 6  ? -10.293 -16.123 19.390  1.00 16.04 ? 6   DA  A N3    1 
ATOM   120  C C4    . DA  A 1 6  ? -10.795 -15.766 20.577  1.00 11.75 ? 6   DA  A C4    1 
ATOM   121  P P     . DT  A 1 7  ? -14.867 -20.720 19.896  1.00 34.22 ? 7   DT  A P     1 
ATOM   122  O OP1   . DT  A 1 7  ? -15.970 -21.326 19.076  1.00 33.00 ? 7   DT  A OP1   1 
ATOM   123  O OP2   . DT  A 1 7  ? -14.693 -21.108 21.320  1.00 32.25 ? 7   DT  A OP2   1 
ATOM   124  O "O5'" . DT  A 1 7  ? -13.462 -20.826 19.163  1.00 32.83 ? 7   DT  A "O5'" 1 
ATOM   125  C "C5'" . DT  A 1 7  ? -13.236 -20.096 17.985  1.00 28.31 ? 7   DT  A "C5'" 1 
ATOM   126  C "C4'" . DT  A 1 7  ? -11.789 -20.181 17.599  1.00 28.80 ? 7   DT  A "C4'" 1 
ATOM   127  O "O4'" . DT  A 1 7  ? -11.004 -19.287 18.410  1.00 30.81 ? 7   DT  A "O4'" 1 
ATOM   128  C "C3'" . DT  A 1 7  ? -11.166 -21.561 17.767  1.00 34.28 ? 7   DT  A "C3'" 1 
ATOM   129  O "O3'" . DT  A 1 7  ? -10.379 -21.849 16.603  1.00 40.69 ? 7   DT  A "O3'" 1 
ATOM   130  C "C2'" . DT  A 1 7  ? -10.266 -21.393 18.994  1.00 34.11 ? 7   DT  A "C2'" 1 
ATOM   131  C "C1'" . DT  A 1 7  ? -9.817  -19.955 18.819  1.00 28.27 ? 7   DT  A "C1'" 1 
ATOM   132  N N1    . DT  A 1 7  ? -9.263  -19.227 19.989  1.00 19.24 ? 7   DT  A N1    1 
ATOM   133  C C2    . DT  A 1 7  ? -8.012  -18.721 19.863  1.00 19.67 ? 7   DT  A C2    1 
ATOM   134  O O2    . DT  A 1 7  ? -7.336  -18.910 18.879  1.00 25.88 ? 7   DT  A O2    1 
ATOM   135  N N3    . DT  A 1 7  ? -7.562  -17.989 20.941  1.00 17.45 ? 7   DT  A N3    1 
ATOM   136  C C4    . DT  A 1 7  ? -8.246  -17.764 22.132  1.00 15.37 ? 7   DT  A C4    1 
ATOM   137  O O4    . DT  A 1 7  ? -7.736  -17.093 23.032  1.00 14.94 ? 7   DT  A O4    1 
ATOM   138  C C5    . DT  A 1 7  ? -9.531  -18.361 22.212  1.00 16.79 ? 7   DT  A C5    1 
ATOM   139  C C7    . DT  A 1 7  ? -10.310 -18.199 23.481  1.00 17.82 ? 7   DT  A C7    1 
ATOM   140  C C6    . DT  A 1 7  ? -9.987  -19.049 21.146  1.00 19.02 ? 7   DT  A C6    1 
ATOM   141  P P     . DT  A 1 8  ? -9.596  -23.256 16.497  1.00 42.85 ? 8   DT  A P     1 
ATOM   142  O OP1   . DT  A 1 8  ? -9.772  -23.771 15.122  1.00 40.54 ? 8   DT  A OP1   1 
ATOM   143  O OP2   . DT  A 1 8  ? -10.015 -24.079 17.677  1.00 43.46 ? 8   DT  A OP2   1 
ATOM   144  O "O5'" . DT  A 1 8  ? -8.071  -22.844 16.591  1.00 37.16 ? 8   DT  A "O5'" 1 
ATOM   145  C "C5'" . DT  A 1 8  ? -7.596  -21.916 15.661  1.00 36.33 ? 8   DT  A "C5'" 1 
ATOM   146  C "C4'" . DT  A 1 8  ? -6.135  -21.668 15.883  1.00 36.07 ? 8   DT  A "C4'" 1 
ATOM   147  O "O4'" . DT  A 1 8  ? -5.885  -20.992 17.137  1.00 31.34 ? 8   DT  A "O4'" 1 
ATOM   148  C "C3'" . DT  A 1 8  ? -5.372  -22.962 15.945  1.00 36.94 ? 8   DT  A "C3'" 1 
ATOM   149  O "O3'" . DT  A 1 8  ? -4.195  -22.773 15.194  1.00 40.26 ? 8   DT  A "O3'" 1 
ATOM   150  C "C2'" . DT  A 1 8  ? -5.090  -23.134 17.434  1.00 36.15 ? 8   DT  A "C2'" 1 
ATOM   151  C "C1'" . DT  A 1 8  ? -4.950  -21.704 17.901  1.00 28.76 ? 8   DT  A "C1'" 1 
ATOM   152  N N1    . DT  A 1 8  ? -5.280  -21.439 19.302  1.00 22.42 ? 8   DT  A N1    1 
ATOM   153  C C2    . DT  A 1 8  ? -4.392  -20.707 20.021  1.00 17.76 ? 8   DT  A C2    1 
ATOM   154  O O2    . DT  A 1 8  ? -3.362  -20.302 19.556  1.00 22.99 ? 8   DT  A O2    1 
ATOM   155  N N3    . DT  A 1 8  ? -4.750  -20.457 21.301  1.00 14.22 ? 8   DT  A N3    1 
ATOM   156  C C4    . DT  A 1 8  ? -5.911  -20.857 21.927  1.00 14.96 ? 8   DT  A C4    1 
ATOM   157  O O4    . DT  A 1 8  ? -6.142  -20.517 23.095  1.00 12.76 ? 8   DT  A O4    1 
ATOM   158  C C5    . DT  A 1 8  ? -6.791  -21.634 21.131  1.00 20.02 ? 8   DT  A C5    1 
ATOM   159  C C7    . DT  A 1 8  ? -8.063  -22.125 21.759  1.00 22.63 ? 8   DT  A C7    1 
ATOM   160  C C6    . DT  A 1 8  ? -6.441  -21.889 19.860  1.00 18.31 ? 8   DT  A C6    1 
ATOM   161  P P     . DC  A 1 9  ? -3.183  -23.986 15.044  1.00 44.00 ? 9   DC  A P     1 
ATOM   162  O OP1   . DC  A 1 9  ? -2.653  -24.002 13.669  1.00 46.40 ? 9   DC  A OP1   1 
ATOM   163  O OP2   . DC  A 1 9  ? -3.887  -25.181 15.573  1.00 44.67 ? 9   DC  A OP2   1 
ATOM   164  O "O5'" . DC  A 1 9  ? -2.039  -23.537 16.041  1.00 43.83 ? 9   DC  A "O5'" 1 
ATOM   165  C "C5'" . DC  A 1 9  ? -1.680  -22.171 16.080  1.00 46.26 ? 9   DC  A "C5'" 1 
ATOM   166  C "C4'" . DC  A 1 9  ? -0.367  -22.001 16.792  1.00 46.12 ? 9   DC  A "C4'" 1 
ATOM   167  O "O4'" . DC  A 1 9  ? -0.599  -21.719 18.189  1.00 46.71 ? 9   DC  A "O4'" 1 
ATOM   168  C "C3'" . DC  A 1 9  ? 0.477   -23.255 16.748  1.00 47.44 ? 9   DC  A "C3'" 1 
ATOM   169  O "O3'" . DC  A 1 9  ? 1.825   -22.904 16.447  1.00 51.17 ? 9   DC  A "O3'" 1 
ATOM   170  C "C2'" . DC  A 1 9  ? 0.257   -23.899 18.116  1.00 45.20 ? 9   DC  A "C2'" 1 
ATOM   171  C "C1'" . DC  A 1 9  ? -0.111  -22.747 19.036  1.00 42.24 ? 9   DC  A "C1'" 1 
ATOM   172  N N1    . DC  A 1 9  ? -1.188  -23.014 20.003  1.00 34.28 ? 9   DC  A N1    1 
ATOM   173  C C2    . DC  A 1 9  ? -1.086  -22.497 21.284  1.00 33.03 ? 9   DC  A C2    1 
ATOM   174  O O2    . DC  A 1 9  ? -0.069  -21.864 21.585  1.00 36.92 ? 9   DC  A O2    1 
ATOM   175  N N3    . DC  A 1 9  ? -2.099  -22.690 22.170  1.00 30.13 ? 9   DC  A N3    1 
ATOM   176  C C4    . DC  A 1 9  ? -3.188  -23.372 21.794  1.00 26.23 ? 9   DC  A C4    1 
ATOM   177  N N4    . DC  A 1 9  ? -4.199  -23.523 22.683  1.00 15.97 ? 9   DC  A N4    1 
ATOM   178  C C5    . DC  A 1 9  ? -3.302  -23.929 20.488  1.00 27.91 ? 9   DC  A C5    1 
ATOM   179  C C6    . DC  A 1 9  ? -2.286  -23.729 19.634  1.00 31.82 ? 9   DC  A C6    1 
ATOM   180  P P     . DG  A 1 10 ? 2.949   -24.059 16.365  1.00 57.20 ? 10  DG  A P     1 
ATOM   181  O OP1   . DG  A 1 10 ? 3.954   -23.708 15.312  1.00 56.28 ? 10  DG  A OP1   1 
ATOM   182  O OP2   . DG  A 1 10 ? 2.254   -25.402 16.310  1.00 56.58 ? 10  DG  A OP2   1 
ATOM   183  O "O5'" . DG  A 1 10 ? 3.651   -23.880 17.778  1.00 52.16 ? 10  DG  A "O5'" 1 
ATOM   184  C "C5'" . DG  A 1 10 ? 3.846   -22.571 18.294  1.00 47.71 ? 10  DG  A "C5'" 1 
ATOM   185  C "C4'" . DG  A 1 10 ? 4.220   -22.657 19.745  1.00 44.91 ? 10  DG  A "C4'" 1 
ATOM   186  O "O4'" . DG  A 1 10 ? 3.088   -22.949 20.588  1.00 41.56 ? 10  DG  A "O4'" 1 
ATOM   187  C "C3'" . DG  A 1 10 ? 5.200   -23.794 19.986  1.00 46.90 ? 10  DG  A "C3'" 1 
ATOM   188  O "O3'" . DG  A 1 10 ? 6.045   -23.352 21.019  1.00 48.68 ? 10  DG  A "O3'" 1 
ATOM   189  C "C2'" . DG  A 1 10 ? 4.318   -24.923 20.501  1.00 44.18 ? 10  DG  A "C2'" 1 
ATOM   190  C "C1'" . DG  A 1 10 ? 3.412   -24.095 21.369  1.00 39.15 ? 10  DG  A "C1'" 1 
ATOM   191  N N9    . DG  A 1 10 ? 2.165   -24.700 21.778  1.00 30.33 ? 10  DG  A N9    1 
ATOM   192  C C8    . DG  A 1 10 ? 1.392   -25.605 21.101  1.00 28.33 ? 10  DG  A C8    1 
ATOM   193  N N7    . DG  A 1 10 ? 0.290   -25.894 21.735  1.00 29.48 ? 10  DG  A N7    1 
ATOM   194  C C5    . DG  A 1 10 ? 0.363   -25.143 22.903  1.00 19.50 ? 10  DG  A C5    1 
ATOM   195  C C6    . DG  A 1 10 ? -0.534  -25.031 23.946  1.00 18.66 ? 10  DG  A C6    1 
ATOM   196  O O6    . DG  A 1 10 ? -1.618  -25.583 24.051  1.00 23.60 ? 10  DG  A O6    1 
ATOM   197  N N1    . DG  A 1 10 ? -0.086  -24.151 24.936  1.00 17.89 ? 10  DG  A N1    1 
ATOM   198  C C2    . DG  A 1 10 ? 1.103   -23.457 24.888  1.00 16.38 ? 10  DG  A C2    1 
ATOM   199  N N2    . DG  A 1 10 ? 1.395   -22.649 25.920  1.00 12.55 ? 10  DG  A N2    1 
ATOM   200  N N3    . DG  A 1 10 ? 1.952   -23.552 23.898  1.00 17.85 ? 10  DG  A N3    1 
ATOM   201  C C4    . DG  A 1 10 ? 1.516   -24.412 22.943  1.00 24.94 ? 10  DG  A C4    1 
ATOM   202  P P     . DG  A 1 11 ? 7.515   -23.924 21.115  1.00 50.35 ? 11  DG  A P     1 
ATOM   203  O OP1   . DG  A 1 11 ? 8.394   -23.090 20.235  1.00 52.72 ? 11  DG  A OP1   1 
ATOM   204  O OP2   . DG  A 1 11 ? 7.419   -25.409 20.896  1.00 50.15 ? 11  DG  A OP2   1 
ATOM   205  O "O5'" . DG  A 1 11 ? 7.871   -23.543 22.608  1.00 46.55 ? 11  DG  A "O5'" 1 
ATOM   206  C "C5'" . DG  A 1 11 ? 7.702   -22.207 23.035  1.00 40.53 ? 11  DG  A "C5'" 1 
ATOM   207  C "C4'" . DG  A 1 11 ? 7.474   -22.182 24.520  1.00 39.06 ? 11  DG  A "C4'" 1 
ATOM   208  O "O4'" . DG  A 1 11 ? 6.187   -22.754 24.838  1.00 35.47 ? 11  DG  A "O4'" 1 
ATOM   209  C "C3'" . DG  A 1 11 ? 8.494   -23.053 25.217  1.00 40.16 ? 11  DG  A "C3'" 1 
ATOM   210  O "O3'" . DG  A 1 11 ? 8.861   -22.442 26.424  1.00 43.83 ? 11  DG  A "O3'" 1 
ATOM   211  C "C2'" . DG  A 1 11 ? 7.762   -24.364 25.453  1.00 37.33 ? 11  DG  A "C2'" 1 
ATOM   212  C "C1'" . DG  A 1 11 ? 6.349   -23.887 25.664  1.00 30.72 ? 11  DG  A "C1'" 1 
ATOM   213  N N9    . DG  A 1 11 ? 5.313   -24.826 25.287  1.00 22.78 ? 11  DG  A N9    1 
ATOM   214  C C8    . DG  A 1 11 ? 5.233   -25.578 24.142  1.00 18.34 ? 11  DG  A C8    1 
ATOM   215  N N7    . DG  A 1 11 ? 4.149   -26.311 24.090  1.00 15.47 ? 11  DG  A N7    1 
ATOM   216  C C5    . DG  A 1 11 ? 3.482   -26.018 25.280  1.00 13.81 ? 11  DG  A C5    1 
ATOM   217  C C6    . DG  A 1 11 ? 2.245   -26.496 25.790  1.00 12.86 ? 11  DG  A C6    1 
ATOM   218  O O6    . DG  A 1 11 ? 1.454   -27.293 25.275  1.00 19.30 ? 11  DG  A O6    1 
ATOM   219  N N1    . DG  A 1 11 ? 1.957   -25.953 27.037  1.00 7.09  ? 11  DG  A N1    1 
ATOM   220  C C2    . DG  A 1 11 ? 2.756   -25.069 27.699  1.00 10.91 ? 11  DG  A C2    1 
ATOM   221  N N2    . DG  A 1 11 ? 2.318   -24.686 28.902  1.00 17.19 ? 11  DG  A N2    1 
ATOM   222  N N3    . DG  A 1 11 ? 3.902   -24.593 27.227  1.00 14.30 ? 11  DG  A N3    1 
ATOM   223  C C4    . DG  A 1 11 ? 4.196   -25.109 26.026  1.00 14.54 ? 11  DG  A C4    1 
ATOM   224  P P     . DT  A 1 12 ? 10.043  -23.079 27.260  1.00 45.47 ? 12  DT  A P     1 
ATOM   225  O OP1   . DT  A 1 12 ? 11.002  -22.022 27.690  1.00 44.49 ? 12  DT  A OP1   1 
ATOM   226  O OP2   . DT  A 1 12 ? 10.510  -24.208 26.414  1.00 45.69 ? 12  DT  A OP2   1 
ATOM   227  O "O5'" . DT  A 1 12 ? 9.245   -23.653 28.494  1.00 42.46 ? 12  DT  A "O5'" 1 
ATOM   228  C "C5'" . DT  A 1 12 ? 8.255   -22.867 29.114  1.00 37.46 ? 12  DT  A "C5'" 1 
ATOM   229  C "C4'" . DT  A 1 12 ? 7.470   -23.733 30.061  1.00 37.57 ? 12  DT  A "C4'" 1 
ATOM   230  O "O4'" . DT  A 1 12 ? 6.545   -24.576 29.325  1.00 32.26 ? 12  DT  A "O4'" 1 
ATOM   231  C "C3'" . DT  A 1 12 ? 8.375   -24.681 30.853  1.00 35.65 ? 12  DT  A "C3'" 1 
ATOM   232  O "O3'" . DT  A 1 12 ? 8.148   -24.590 32.270  1.00 38.36 ? 12  DT  A "O3'" 1 
ATOM   233  C "C2'" . DT  A 1 12 ? 8.017   -26.047 30.298  1.00 35.24 ? 12  DT  A "C2'" 1 
ATOM   234  C "C1'" . DT  A 1 12 ? 6.577   -25.853 29.893  1.00 29.41 ? 12  DT  A "C1'" 1 
ATOM   235  N N1    . DT  A 1 12 ? 6.092   -26.788 28.891  1.00 23.46 ? 12  DT  A N1    1 
ATOM   236  C C2    . DT  A 1 12 ? 4.825   -27.295 29.059  1.00 22.54 ? 12  DT  A C2    1 
ATOM   237  O O2    . DT  A 1 12 ? 4.106   -27.004 30.007  1.00 28.46 ? 12  DT  A O2    1 
ATOM   238  N N3    . DT  A 1 12 ? 4.418   -28.151 28.091  1.00 13.55 ? 12  DT  A N3    1 
ATOM   239  C C4    . DT  A 1 12 ? 5.142   -28.551 27.006  1.00 17.94 ? 12  DT  A C4    1 
ATOM   240  O O4    . DT  A 1 12 ? 4.651   -29.348 26.229  1.00 21.09 ? 12  DT  A O4    1 
ATOM   241  C C5    . DT  A 1 12 ? 6.461   -27.980 26.884  1.00 17.43 ? 12  DT  A C5    1 
ATOM   242  C C7    . DT  A 1 12 ? 7.308   -28.359 25.722  1.00 19.35 ? 12  DT  A C7    1 
ATOM   243  C C6    . DT  A 1 12 ? 6.870   -27.139 27.822  1.00 19.58 ? 12  DT  A C6    1 
ATOM   244  O "O5'" . DA  B 1 1  ? -2.975  -34.236 29.651  1.00 37.52 ? 13  DA  B "O5'" 1 
ATOM   245  C "C5'" . DA  B 1 1  ? -3.680  -34.073 30.842  1.00 35.30 ? 13  DA  B "C5'" 1 
ATOM   246  C "C4'" . DA  B 1 1  ? -3.624  -32.632 31.280  1.00 39.34 ? 13  DA  B "C4'" 1 
ATOM   247  O "O4'" . DA  B 1 1  ? -2.384  -32.009 30.868  1.00 40.10 ? 13  DA  B "O4'" 1 
ATOM   248  C "C3'" . DA  B 1 1  ? -4.740  -31.707 30.797  1.00 40.80 ? 13  DA  B "C3'" 1 
ATOM   249  O "O3'" . DA  B 1 1  ? -5.119  -30.982 31.966  1.00 45.51 ? 13  DA  B "O3'" 1 
ATOM   250  C "C2'" . DA  B 1 1  ? -4.092  -30.828 29.732  1.00 36.71 ? 13  DA  B "C2'" 1 
ATOM   251  C "C1'" . DA  B 1 1  ? -2.622  -30.800 30.129  1.00 35.50 ? 13  DA  B "C1'" 1 
ATOM   252  N N9    . DA  B 1 1  ? -1.693  -30.848 29.002  1.00 31.32 ? 13  DA  B N9    1 
ATOM   253  C C8    . DA  B 1 1  ? -1.874  -31.502 27.812  1.00 28.37 ? 13  DA  B C8    1 
ATOM   254  N N7    . DA  B 1 1  ? -0.833  -31.443 27.019  1.00 29.48 ? 13  DA  B N7    1 
ATOM   255  C C5    . DA  B 1 1  ? 0.089   -30.682 27.732  1.00 25.85 ? 13  DA  B C5    1 
ATOM   256  C C6    . DA  B 1 1  ? 1.395   -30.251 27.437  1.00 21.21 ? 13  DA  B C6    1 
ATOM   257  N N6    . DA  B 1 1  ? 2.033   -30.533 26.310  1.00 20.43 ? 13  DA  B N6    1 
ATOM   258  N N1    . DA  B 1 1  ? 2.025   -29.501 28.346  1.00 22.21 ? 13  DA  B N1    1 
ATOM   259  C C2    . DA  B 1 1  ? 1.393   -29.212 29.472  1.00 26.71 ? 13  DA  B C2    1 
ATOM   260  N N3    . DA  B 1 1  ? 0.170   -29.553 29.869  1.00 29.67 ? 13  DA  B N3    1 
ATOM   261  C C4    . DA  B 1 1  ? -0.435  -30.297 28.939  1.00 25.97 ? 13  DA  B C4    1 
ATOM   262  P P     . DC  B 1 2  ? -5.990  -29.652 31.852  1.00 46.03 ? 14  DC  B P     1 
ATOM   263  O OP1   . DC  B 1 2  ? -6.900  -29.603 33.028  1.00 42.87 ? 14  DC  B OP1   1 
ATOM   264  O OP2   . DC  B 1 2  ? -6.549  -29.685 30.467  1.00 48.82 ? 14  DC  B OP2   1 
ATOM   265  O "O5'" . DC  B 1 2  ? -4.874  -28.529 32.018  1.00 44.67 ? 14  DC  B "O5'" 1 
ATOM   266  C "C5'" . DC  B 1 2  ? -3.802  -28.743 32.920  1.00 41.25 ? 14  DC  B "C5'" 1 
ATOM   267  C "C4'" . DC  B 1 2  ? -3.090  -27.446 33.198  1.00 41.35 ? 14  DC  B "C4'" 1 
ATOM   268  O "O4'" . DC  B 1 2  ? -2.009  -27.224 32.259  1.00 41.47 ? 14  DC  B "O4'" 1 
ATOM   269  C "C3'" . DC  B 1 2  ? -3.991  -26.236 33.092  1.00 40.28 ? 14  DC  B "C3'" 1 
ATOM   270  O "O3'" . DC  B 1 2  ? -3.517  -25.313 34.052  1.00 42.95 ? 14  DC  B "O3'" 1 
ATOM   271  C "C2'" . DC  B 1 2  ? -3.757  -25.755 31.667  1.00 38.41 ? 14  DC  B "C2'" 1 
ATOM   272  C "C1'" . DC  B 1 2  ? -2.291  -26.105 31.427  1.00 35.09 ? 14  DC  B "C1'" 1 
ATOM   273  N N1    . DC  B 1 2  ? -1.969  -26.518 30.050  1.00 30.20 ? 14  DC  B N1    1 
ATOM   274  C C2    . DC  B 1 2  ? -0.748  -26.089 29.463  1.00 27.63 ? 14  DC  B C2    1 
ATOM   275  O O2    . DC  B 1 2  ? 0.025   -25.353 30.123  1.00 25.32 ? 14  DC  B O2    1 
ATOM   276  N N3    . DC  B 1 2  ? -0.445  -26.485 28.197  1.00 22.47 ? 14  DC  B N3    1 
ATOM   277  C C4    . DC  B 1 2  ? -1.289  -27.263 27.526  1.00 22.64 ? 14  DC  B C4    1 
ATOM   278  N N4    . DC  B 1 2  ? -0.945  -27.620 26.282  1.00 19.11 ? 14  DC  B N4    1 
ATOM   279  C C5    . DC  B 1 2  ? -2.529  -27.711 28.095  1.00 23.12 ? 14  DC  B C5    1 
ATOM   280  C C6    . DC  B 1 2  ? -2.826  -27.318 29.345  1.00 26.50 ? 14  DC  B C6    1 
ATOM   281  P P     . DC  B 1 3  ? -4.141  -23.842 34.098  1.00 47.18 ? 15  DC  B P     1 
ATOM   282  O OP1   . DC  B 1 3  ? -3.817  -23.191 35.414  1.00 41.68 ? 15  DC  B OP1   1 
ATOM   283  O OP2   . DC  B 1 3  ? -5.567  -23.984 33.639  1.00 46.47 ? 15  DC  B OP2   1 
ATOM   284  O "O5'" . DC  B 1 3  ? -3.315  -23.094 32.974  1.00 41.55 ? 15  DC  B "O5'" 1 
ATOM   285  C "C5'" . DC  B 1 3  ? -1.940  -22.837 33.173  1.00 40.75 ? 15  DC  B "C5'" 1 
ATOM   286  C "C4'" . DC  B 1 3  ? -1.492  -21.748 32.235  1.00 37.64 ? 15  DC  B "C4'" 1 
ATOM   287  O "O4'" . DC  B 1 3  ? -1.246  -22.321 30.926  1.00 37.90 ? 15  DC  B "O4'" 1 
ATOM   288  C "C3'" . DC  B 1 3  ? -2.548  -20.665 32.036  1.00 34.98 ? 15  DC  B "C3'" 1 
ATOM   289  O "O3'" . DC  B 1 3  ? -1.867  -19.445 31.872  1.00 36.89 ? 15  DC  B "O3'" 1 
ATOM   290  C "C2'" . DC  B 1 3  ? -3.184  -21.043 30.714  1.00 35.72 ? 15  DC  B "C2'" 1 
ATOM   291  C "C1'" . DC  B 1 3  ? -2.009  -21.633 29.954  1.00 34.37 ? 15  DC  B "C1'" 1 
ATOM   292  N N1    . DC  B 1 3  ? -2.411  -22.598 28.921  1.00 30.61 ? 15  DC  B N1    1 
ATOM   293  C C2    . DC  B 1 3  ? -1.504  -22.953 27.914  1.00 27.41 ? 15  DC  B C2    1 
ATOM   294  O O2    . DC  B 1 3  ? -0.355  -22.470 27.942  1.00 28.39 ? 15  DC  B O2    1 
ATOM   295  N N3    . DC  B 1 3  ? -1.899  -23.815 26.944  1.00 24.53 ? 15  DC  B N3    1 
ATOM   296  C C4    . DC  B 1 3  ? -3.129  -24.329 26.977  1.00 28.22 ? 15  DC  B C4    1 
ATOM   297  N N4    . DC  B 1 3  ? -3.484  -25.182 26.033  1.00 35.19 ? 15  DC  B N4    1 
ATOM   298  C C5    . DC  B 1 3  ? -4.063  -23.995 27.992  1.00 30.65 ? 15  DC  B C5    1 
ATOM   299  C C6    . DC  B 1 3  ? -3.668  -23.133 28.937  1.00 33.90 ? 15  DC  B C6    1 
ATOM   300  P P     . DG  B 1 4  ? -2.324  -18.151 32.693  1.00 35.58 ? 16  DG  B P     1 
ATOM   301  O OP1   . DG  B 1 4  ? -1.694  -18.149 34.053  1.00 38.80 ? 16  DG  B OP1   1 
ATOM   302  O OP2   . DG  B 1 4  ? -3.816  -18.103 32.571  1.00 34.38 ? 16  DG  B OP2   1 
ATOM   303  O "O5'" . DG  B 1 4  ? -1.643  -16.997 31.835  1.00 34.51 ? 16  DG  B "O5'" 1 
ATOM   304  C "C5'" . DG  B 1 4  ? -0.257  -17.047 31.533  1.00 27.20 ? 16  DG  B "C5'" 1 
ATOM   305  C "C4'" . DG  B 1 4  ? -0.037  -16.847 30.051  1.00 29.56 ? 16  DG  B "C4'" 1 
ATOM   306  O "O4'" . DG  B 1 4  ? -0.503  -18.002 29.295  1.00 31.10 ? 16  DG  B "O4'" 1 
ATOM   307  C "C3'" . DG  B 1 4  ? -0.667  -15.617 29.378  1.00 26.44 ? 16  DG  B "C3'" 1 
ATOM   308  O "O3'" . DG  B 1 4  ? 0.337   -15.024 28.553  1.00 26.11 ? 16  DG  B "O3'" 1 
ATOM   309  C "C2'" . DG  B 1 4  ? -1.745  -16.221 28.496  1.00 24.32 ? 16  DG  B "C2'" 1 
ATOM   310  C "C1'" . DG  B 1 4  ? -1.084  -17.538 28.091  1.00 27.47 ? 16  DG  B "C1'" 1 
ATOM   311  N N9    . DG  B 1 4  ? -1.984  -18.572 27.576  1.00 23.97 ? 16  DG  B N9    1 
ATOM   312  C C8    . DG  B 1 4  ? -3.221  -18.898 28.073  1.00 22.56 ? 16  DG  B C8    1 
ATOM   313  N N7    . DG  B 1 4  ? -3.824  -19.843 27.388  1.00 21.63 ? 16  DG  B N7    1 
ATOM   314  C C5    . DG  B 1 4  ? -2.919  -20.172 26.378  1.00 21.00 ? 16  DG  B C5    1 
ATOM   315  C C6    . DG  B 1 4  ? -3.020  -21.122 25.306  1.00 16.56 ? 16  DG  B C6    1 
ATOM   316  O O6    . DG  B 1 4  ? -3.938  -21.911 25.054  1.00 25.93 ? 16  DG  B O6    1 
ATOM   317  N N1    . DG  B 1 4  ? -1.904  -21.103 24.493  1.00 18.20 ? 16  DG  B N1    1 
ATOM   318  C C2    . DG  B 1 4  ? -0.809  -20.311 24.683  1.00 14.60 ? 16  DG  B C2    1 
ATOM   319  N N2    . DG  B 1 4  ? 0.157   -20.466 23.790  1.00 12.86 ? 16  DG  B N2    1 
ATOM   320  N N3    . DG  B 1 4  ? -0.675  -19.435 25.678  1.00 22.73 ? 16  DG  B N3    1 
ATOM   321  C C4    . DG  B 1 4  ? -1.774  -19.408 26.480  1.00 22.06 ? 16  DG  B C4    1 
ATOM   322  P P     . DA  B 1 5  ? 0.327   -13.438 28.289  1.00 33.25 ? 17  DA  B P     1 
ATOM   323  O OP1   . DA  B 1 5  ? 0.867   -12.690 29.461  1.00 31.92 ? 17  DA  B OP1   1 
ATOM   324  O OP2   . DA  B 1 5  ? -1.050  -13.106 27.749  1.00 27.21 ? 17  DA  B OP2   1 
ATOM   325  O "O5'" . DA  B 1 5  ? 1.366   -13.270 27.089  1.00 31.15 ? 17  DA  B "O5'" 1 
ATOM   326  C "C5'" . DA  B 1 5  ? 2.390   -14.249 26.859  1.00 27.55 ? 17  DA  B "C5'" 1 
ATOM   327  C "C4'" . DA  B 1 5  ? 2.395   -14.656 25.400  1.00 25.93 ? 17  DA  B "C4'" 1 
ATOM   328  O "O4'" . DA  B 1 5  ? 1.372   -15.644 25.139  1.00 23.94 ? 17  DA  B "O4'" 1 
ATOM   329  C "C3'" . DA  B 1 5  ? 2.142   -13.528 24.391  1.00 24.81 ? 17  DA  B "C3'" 1 
ATOM   330  O "O3'" . DA  B 1 5  ? 3.021   -13.733 23.270  1.00 28.63 ? 17  DA  B "O3'" 1 
ATOM   331  C "C2'" . DA  B 1 5  ? 0.684   -13.741 23.987  1.00 18.82 ? 17  DA  B "C2'" 1 
ATOM   332  C "C1'" . DA  B 1 5  ? 0.586   -15.251 24.017  1.00 15.51 ? 17  DA  B "C1'" 1 
ATOM   333  N N9    . DA  B 1 5  ? -0.765  -15.785 24.204  1.00 16.96 ? 17  DA  B N9    1 
ATOM   334  C C8    . DA  B 1 5  ? -1.659  -15.302 25.096  1.00 15.48 ? 17  DA  B C8    1 
ATOM   335  N N7    . DA  B 1 5  ? -2.814  -15.912 25.078  1.00 16.75 ? 17  DA  B N7    1 
ATOM   336  C C5    . DA  B 1 5  ? -2.671  -16.885 24.112  1.00 13.55 ? 17  DA  B C5    1 
ATOM   337  C C6    . DA  B 1 5  ? -3.549  -17.879 23.656  1.00 10.91 ? 17  DA  B C6    1 
ATOM   338  N N6    . DA  B 1 5  ? -4.786  -18.037 24.137  1.00 14.57 ? 17  DA  B N6    1 
ATOM   339  N N1    . DA  B 1 5  ? -3.122  -18.710 22.690  1.00 10.04 ? 17  DA  B N1    1 
ATOM   340  C C2    . DA  B 1 5  ? -1.874  -18.552 22.236  1.00 12.28 ? 17  DA  B C2    1 
ATOM   341  N N3    . DA  B 1 5  ? -0.944  -17.657 22.602  1.00 15.75 ? 17  DA  B N3    1 
ATOM   342  C C4    . DA  B 1 5  ? -1.415  -16.832 23.558  1.00 17.19 ? 17  DA  B C4    1 
ATOM   343  P P     . DA  B 1 6  ? 3.289   -12.550 22.217  1.00 28.06 ? 18  DA  B P     1 
ATOM   344  O OP1   . DA  B 1 6  ? 4.743   -12.243 22.160  1.00 28.71 ? 18  DA  B OP1   1 
ATOM   345  O OP2   . DA  B 1 6  ? 2.317   -11.483 22.586  1.00 33.10 ? 18  DA  B OP2   1 
ATOM   346  O "O5'" . DA  B 1 6  ? 2.760   -13.158 20.851  1.00 24.62 ? 18  DA  B "O5'" 1 
ATOM   347  C "C5'" . DA  B 1 6  ? 3.074   -14.475 20.497  1.00 23.69 ? 18  DA  B "C5'" 1 
ATOM   348  C "C4'" . DA  B 1 6  ? 2.080   -14.969 19.481  1.00 26.93 ? 18  DA  B "C4'" 1 
ATOM   349  O "O4'" . DA  B 1 6  ? 0.845   -15.388 20.095  1.00 24.78 ? 18  DA  B "O4'" 1 
ATOM   350  C "C3'" . DA  B 1 6  ? 1.685   -13.948 18.413  1.00 31.15 ? 18  DA  B "C3'" 1 
ATOM   351  O "O3'" . DA  B 1 6  ? 1.726   -14.601 17.151  1.00 34.62 ? 18  DA  B "O3'" 1 
ATOM   352  C "C2'" . DA  B 1 6  ? 0.237   -13.618 18.737  1.00 26.57 ? 18  DA  B "C2'" 1 
ATOM   353  C "C1'" . DA  B 1 6  ? -0.246  -14.934 19.327  1.00 23.62 ? 18  DA  B "C1'" 1 
ATOM   354  N N9    . DA  B 1 6  ? -1.381  -14.803 20.236  1.00 17.31 ? 18  DA  B N9    1 
ATOM   355  C C8    . DA  B 1 6  ? -1.496  -13.933 21.281  1.00 13.73 ? 18  DA  B C8    1 
ATOM   356  N N7    . DA  B 1 6  ? -2.627  -14.037 21.934  1.00 13.15 ? 18  DA  B N7    1 
ATOM   357  C C5    . DA  B 1 6  ? -3.301  -15.048 21.268  1.00 7.79  ? 18  DA  B C5    1 
ATOM   358  C C6    . DA  B 1 6  ? -4.550  -15.633 21.482  1.00 9.37  ? 18  DA  B C6    1 
ATOM   359  N N6    . DA  B 1 6  ? -5.368  -15.272 22.486  1.00 2.80  ? 18  DA  B N6    1 
ATOM   360  N N1    . DA  B 1 6  ? -4.951  -16.618 20.628  1.00 14.07 ? 18  DA  B N1    1 
ATOM   361  C C2    . DA  B 1 6  ? -4.101  -16.976 19.636  1.00 10.27 ? 18  DA  B C2    1 
ATOM   362  N N3    . DA  B 1 6  ? -2.884  -16.500 19.358  1.00 12.07 ? 18  DA  B N3    1 
ATOM   363  C C4    . DA  B 1 6  ? -2.546  -15.527 20.219  1.00 11.49 ? 18  DA  B C4    1 
ATOM   364  P P     . DT  B 1 7  ? 1.566   -13.748 15.827  1.00 36.24 ? 19  DT  B P     1 
ATOM   365  O OP1   . DT  B 1 7  ? 2.369   -14.462 14.792  1.00 34.17 ? 19  DT  B OP1   1 
ATOM   366  O OP2   . DT  B 1 7  ? 1.881   -12.334 16.199  1.00 33.09 ? 19  DT  B OP2   1 
ATOM   367  O "O5'" . DT  B 1 7  ? 0.064   -14.035 15.472  1.00 29.81 ? 19  DT  B "O5'" 1 
ATOM   368  C "C5'" . DT  B 1 7  ? -0.246  -15.358 15.187  1.00 28.36 ? 19  DT  B "C5'" 1 
ATOM   369  C "C4'" . DT  B 1 7  ? -1.729  -15.545 15.088  1.00 30.64 ? 19  DT  B "C4'" 1 
ATOM   370  O "O4'" . DT  B 1 7  ? -2.366  -15.206 16.338  1.00 28.37 ? 19  DT  B "O4'" 1 
ATOM   371  C "C3'" . DT  B 1 7  ? -2.443  -14.738 14.007  1.00 33.63 ? 19  DT  B "C3'" 1 
ATOM   372  O "O3'" . DT  B 1 7  ? -3.091  -15.659 13.125  1.00 37.02 ? 19  DT  B "O3'" 1 
ATOM   373  C "C2'" . DT  B 1 7  ? -3.483  -13.942 14.789  1.00 32.30 ? 19  DT  B "C2'" 1 
ATOM   374  C "C1'" . DT  B 1 7  ? -3.679  -14.818 16.008  1.00 27.84 ? 19  DT  B "C1'" 1 
ATOM   375  N N1    . DT  B 1 7  ? -4.273  -14.194 17.194  1.00 21.71 ? 19  DT  B N1    1 
ATOM   376  C C2    . DT  B 1 7  ? -5.470  -14.649 17.640  1.00 17.92 ? 19  DT  B C2    1 
ATOM   377  O O2    . DT  B 1 7  ? -6.059  -15.564 17.116  1.00 20.73 ? 19  DT  B O2    1 
ATOM   378  N N3    . DT  B 1 7  ? -5.948  -14.009 18.750  1.00 14.44 ? 19  DT  B N3    1 
ATOM   379  C C4    . DT  B 1 7  ? -5.315  -12.999 19.455  1.00 16.22 ? 19  DT  B C4    1 
ATOM   380  O O4    . DT  B 1 7  ? -5.807  -12.559 20.500  1.00 13.89 ? 19  DT  B O4    1 
ATOM   381  C C5    . DT  B 1 7  ? -4.073  -12.566 18.911  1.00 14.48 ? 19  DT  B C5    1 
ATOM   382  C C7    . DT  B 1 7  ? -3.347  -11.441 19.576  1.00 14.74 ? 19  DT  B C7    1 
ATOM   383  C C6    . DT  B 1 7  ? -3.613  -13.179 17.831  1.00 18.88 ? 19  DT  B C6    1 
ATOM   384  P P     . DT  B 1 8  ? -3.849  -15.120 11.831  1.00 37.50 ? 20  DT  B P     1 
ATOM   385  O OP1   . DT  B 1 8  ? -3.686  -16.128 10.746  1.00 39.38 ? 20  DT  B OP1   1 
ATOM   386  O OP2   . DT  B 1 8  ? -3.392  -13.720 11.613  1.00 37.61 ? 20  DT  B OP2   1 
ATOM   387  O "O5'" . DT  B 1 8  ? -5.333  -15.202 12.356  1.00 33.68 ? 20  DT  B "O5'" 1 
ATOM   388  C "C5'" . DT  B 1 8  ? -5.754  -16.429 12.876  1.00 33.45 ? 20  DT  B "C5'" 1 
ATOM   389  C "C4'" . DT  B 1 8  ? -7.242  -16.428 13.087  1.00 34.71 ? 20  DT  B "C4'" 1 
ATOM   390  O "O4'" . DT  B 1 8  ? -7.542  -15.782 14.338  1.00 32.85 ? 20  DT  B "O4'" 1 
ATOM   391  C "C3'" . DT  B 1 8  ? -8.070  -15.730 12.012  1.00 35.59 ? 20  DT  B "C3'" 1 
ATOM   392  O "O3'" . DT  B 1 8  ? -9.184  -16.556 11.699  1.00 38.13 ? 20  DT  B "O3'" 1 
ATOM   393  C "C2'" . DT  B 1 8  ? -8.532  -14.450 12.694  1.00 34.54 ? 20  DT  B "C2'" 1 
ATOM   394  C "C1'" . DT  B 1 8  ? -8.614  -14.875 14.160  1.00 32.19 ? 20  DT  B "C1'" 1 
ATOM   395  N N1    . DT  B 1 8  ? -8.400  -13.825 15.144  1.00 24.71 ? 20  DT  B N1    1 
ATOM   396  C C2    . DT  B 1 8  ? -9.295  -13.668 16.170  1.00 21.00 ? 20  DT  B C2    1 
ATOM   397  O O2    . DT  B 1 8  ? -10.302 -14.343 16.281  1.00 24.45 ? 20  DT  B O2    1 
ATOM   398  N N3    . DT  B 1 8  ? -8.970  -12.696 17.067  1.00 15.03 ? 20  DT  B N3    1 
ATOM   399  C C4    . DT  B 1 8  ? -7.855  -11.890 17.040  1.00 16.42 ? 20  DT  B C4    1 
ATOM   400  O O4    . DT  B 1 8  ? -7.674  -11.069 17.943  1.00 13.39 ? 20  DT  B O4    1 
ATOM   401  C C5    . DT  B 1 8  ? -6.962  -12.104 15.927  1.00 17.73 ? 20  DT  B C5    1 
ATOM   402  C C7    . DT  B 1 8  ? -5.716  -11.286 15.812  1.00 20.87 ? 20  DT  B C7    1 
ATOM   403  C C6    . DT  B 1 8  ? -7.282  -13.041 15.040  1.00 21.41 ? 20  DT  B C6    1 
ATOM   404  P P     . DC  B 1 9  ? -10.283 -16.034 10.663  1.00 42.84 ? 21  DC  B P     1 
ATOM   405  O OP1   . DC  B 1 9  ? -10.676 -17.125 9.714   1.00 43.94 ? 21  DC  B OP1   1 
ATOM   406  O OP2   . DC  B 1 9  ? -9.692  -14.756 10.148  1.00 40.60 ? 21  DC  B OP2   1 
ATOM   407  O "O5'" . DC  B 1 9  ? -11.521 -15.737 11.597  1.00 36.37 ? 21  DC  B "O5'" 1 
ATOM   408  C "C5'" . DC  B 1 9  ? -11.625 -16.439 12.800  1.00 34.73 ? 21  DC  B "C5'" 1 
ATOM   409  C "C4'" . DC  B 1 9  ? -12.793 -15.919 13.573  1.00 32.59 ? 21  DC  B "C4'" 1 
ATOM   410  O "O4'" . DC  B 1 9  ? -12.378 -14.844 14.432  1.00 30.16 ? 21  DC  B "O4'" 1 
ATOM   411  C "C3'" . DC  B 1 9  ? -13.877 -15.351 12.675  1.00 33.50 ? 21  DC  B "C3'" 1 
ATOM   412  O "O3'" . DC  B 1 9  ? -15.106 -15.685 13.295  1.00 39.09 ? 21  DC  B "O3'" 1 
ATOM   413  C "C2'" . DC  B 1 9  ? -13.630 -13.854 12.747  1.00 33.37 ? 21  DC  B "C2'" 1 
ATOM   414  C "C1'" . DC  B 1 9  ? -13.151 -13.697 14.175  1.00 26.02 ? 21  DC  B "C1'" 1 
ATOM   415  N N1    . DC  B 1 9  ? -12.300 -12.550 14.500  1.00 18.34 ? 21  DC  B N1    1 
ATOM   416  C C2    . DC  B 1 9  ? -12.628 -11.800 15.614  1.00 13.62 ? 21  DC  B C2    1 
ATOM   417  O O2    . DC  B 1 9  ? -13.680 -12.075 16.213  1.00 6.46  ? 21  DC  B O2    1 
ATOM   418  N N3    . DC  B 1 9  ? -11.811 -10.789 16.016  1.00 11.48 ? 21  DC  B N3    1 
ATOM   419  C C4    . DC  B 1 9  ? -10.709 -10.517 15.314  1.00 17.93 ? 21  DC  B C4    1 
ATOM   420  N N4    . DC  B 1 9  ? -9.921  -9.527  15.750  1.00 16.29 ? 21  DC  B N4    1 
ATOM   421  C C5    . DC  B 1 9  ? -10.366 -11.251 14.123  1.00 17.55 ? 21  DC  B C5    1 
ATOM   422  C C6    . DC  B 1 9  ? -11.189 -12.250 13.758  1.00 20.45 ? 21  DC  B C6    1 
ATOM   423  P P     . DG  B 1 10 ? -16.458 -15.621 12.461  1.00 42.96 ? 22  DG  B P     1 
ATOM   424  O OP1   . DG  B 1 10 ? -17.267 -16.794 12.890  1.00 40.78 ? 22  DG  B OP1   1 
ATOM   425  O OP2   . DG  B 1 10 ? -16.099 -15.419 11.007  1.00 41.66 ? 22  DG  B OP2   1 
ATOM   426  O "O5'" . DG  B 1 10 ? -17.176 -14.307 13.020  1.00 42.00 ? 22  DG  B "O5'" 1 
ATOM   427  C "C5'" . DG  B 1 10 ? -17.645 -14.237 14.375  1.00 37.45 ? 22  DG  B "C5'" 1 
ATOM   428  C "C4'" . DG  B 1 10 ? -18.117 -12.834 14.686  1.00 35.38 ? 22  DG  B "C4'" 1 
ATOM   429  O "O4'" . DG  B 1 10 ? -17.021 -11.905 14.909  1.00 30.19 ? 22  DG  B "O4'" 1 
ATOM   430  C "C3'" . DG  B 1 10 ? -18.935 -12.221 13.552  1.00 34.91 ? 22  DG  B "C3'" 1 
ATOM   431  O "O3'" . DG  B 1 10 ? -19.854 -11.340 14.153  1.00 36.01 ? 22  DG  B "O3'" 1 
ATOM   432  C "C2'" . DG  B 1 10 ? -17.907 -11.387 12.820  1.00 33.12 ? 22  DG  B "C2'" 1 
ATOM   433  C "C1'" . DG  B 1 10 ? -17.186 -10.814 14.023  1.00 27.12 ? 22  DG  B "C1'" 1 
ATOM   434  N N9    . DG  B 1 10 ? -15.882 -10.247 13.746  1.00 20.80 ? 22  DG  B N9    1 
ATOM   435  C C8    . DG  B 1 10 ? -15.063 -10.501 12.673  1.00 18.33 ? 22  DG  B C8    1 
ATOM   436  N N7    . DG  B 1 10 ? -13.943 -9.832  12.720  1.00 17.69 ? 22  DG  B N7    1 
ATOM   437  C C5    . DG  B 1 10 ? -14.043 -9.083  13.886  1.00 13.53 ? 22  DG  B C5    1 
ATOM   438  C C6    . DG  B 1 10 ? -13.144 -8.187  14.468  1.00 10.03 ? 22  DG  B C6    1 
ATOM   439  O O6    . DG  B 1 10 ? -12.023 -7.867  14.072  1.00 14.28 ? 22  DG  B O6    1 
ATOM   440  N N1    . DG  B 1 10 ? -13.639 -7.660  15.645  1.00 11.05 ? 22  DG  B N1    1 
ATOM   441  C C2    . DG  B 1 10 ? -14.842 -7.976  16.206  1.00 9.54  ? 22  DG  B C2    1 
ATOM   442  N N2    . DG  B 1 10 ? -15.125 -7.391  17.341  1.00 6.03  ? 22  DG  B N2    1 
ATOM   443  N N3    . DG  B 1 10 ? -15.694 -8.818  15.685  1.00 14.82 ? 22  DG  B N3    1 
ATOM   444  C C4    . DG  B 1 10 ? -15.233 -9.335  14.529  1.00 15.97 ? 22  DG  B C4    1 
ATOM   445  P P     . DG  B 1 11 ? -21.408 -11.617 14.009  1.00 40.92 ? 23  DG  B P     1 
ATOM   446  O OP1   . DG  B 1 11 ? -21.642 -12.998 14.558  1.00 42.23 ? 23  DG  B OP1   1 
ATOM   447  O OP2   . DG  B 1 11 ? -21.773 -11.283 12.605  1.00 34.92 ? 23  DG  B OP2   1 
ATOM   448  O "O5'" . DG  B 1 11 ? -22.032 -10.556 14.997  1.00 34.95 ? 23  DG  B "O5'" 1 
ATOM   449  C "C5'" . DG  B 1 11 ? -21.499 -10.400 16.283  1.00 27.61 ? 23  DG  B "C5'" 1 
ATOM   450  C "C4'" . DG  B 1 11 ? -21.390 -8.931  16.603  1.00 25.82 ? 23  DG  B "C4'" 1 
ATOM   451  O "O4'" . DG  B 1 11 ? -20.106 -8.349  16.277  1.00 24.47 ? 23  DG  B "O4'" 1 
ATOM   452  C "C3'" . DG  B 1 11 ? -22.445 -8.025  15.975  1.00 26.74 ? 23  DG  B "C3'" 1 
ATOM   453  O "O3'" . DG  B 1 11 ? -22.833 -7.224  17.079  1.00 28.97 ? 23  DG  B "O3'" 1 
ATOM   454  C "C2'" . DG  B 1 11 ? -21.664 -7.251  14.904  1.00 24.33 ? 23  DG  B "C2'" 1 
ATOM   455  C "C1'" . DG  B 1 11 ? -20.273 -7.150  15.530  1.00 22.65 ? 23  DG  B "C1'" 1 
ATOM   456  N N9    . DG  B 1 11 ? -19.136 -7.059  14.619  1.00 19.48 ? 23  DG  B N9    1 
ATOM   457  C C8    . DG  B 1 11 ? -18.958 -7.769  13.466  1.00 18.55 ? 23  DG  B C8    1 
ATOM   458  N N7    . DG  B 1 11 ? -17.822 -7.517  12.879  1.00 17.39 ? 23  DG  B N7    1 
ATOM   459  C C5    . DG  B 1 11 ? -17.206 -6.574  13.685  1.00 14.86 ? 23  DG  B C5    1 
ATOM   460  C C6    . DG  B 1 11 ? -15.955 -5.936  13.545  1.00 16.41 ? 23  DG  B C6    1 
ATOM   461  O O6    . DG  B 1 11 ? -15.123 -6.077  12.637  1.00 21.60 ? 23  DG  B O6    1 
ATOM   462  N N1    . DG  B 1 11 ? -15.705 -5.049  14.592  1.00 9.87  ? 23  DG  B N1    1 
ATOM   463  C C2    . DG  B 1 11 ? -16.550 -4.801  15.618  1.00 10.76 ? 23  DG  B C2    1 
ATOM   464  N N2    . DG  B 1 11 ? -16.115 -3.911  16.536  1.00 16.22 ? 23  DG  B N2    1 
ATOM   465  N N3    . DG  B 1 11 ? -17.743 -5.371  15.758  1.00 13.03 ? 23  DG  B N3    1 
ATOM   466  C C4    . DG  B 1 11 ? -18.000 -6.257  14.759  1.00 20.26 ? 23  DG  B C4    1 
ATOM   467  P P     . DT  B 1 12 ? -24.102 -6.281  17.015  1.00 24.60 ? 24  DT  B P     1 
ATOM   468  O OP1   . DT  B 1 12 ? -24.704 -6.289  18.365  1.00 26.69 ? 24  DT  B OP1   1 
ATOM   469  O OP2   . DT  B 1 12 ? -24.954 -6.597  15.857  1.00 27.62 ? 24  DT  B OP2   1 
ATOM   470  O "O5'" . DT  B 1 12 ? -23.342 -4.880  16.912  1.00 29.39 ? 24  DT  B "O5'" 1 
ATOM   471  C "C5'" . DT  B 1 12 ? -22.497 -4.459  17.989  1.00 27.78 ? 24  DT  B "C5'" 1 
ATOM   472  C "C4'" . DT  B 1 12 ? -21.728 -3.212  17.624  1.00 28.81 ? 24  DT  B "C4'" 1 
ATOM   473  O "O4'" . DT  B 1 12 ? -20.661 -3.520  16.704  1.00 29.29 ? 24  DT  B "O4'" 1 
ATOM   474  C "C3'" . DT  B 1 12 ? -22.564 -2.105  16.967  1.00 28.07 ? 24  DT  B "C3'" 1 
ATOM   475  O "O3'" . DT  B 1 12 ? -22.547 -0.998  17.833  1.00 32.48 ? 24  DT  B "O3'" 1 
ATOM   476  C "C2'" . DT  B 1 12 ? -21.919 -1.889  15.609  1.00 25.43 ? 24  DT  B "C2'" 1 
ATOM   477  C "C1'" . DT  B 1 12 ? -20.515 -2.436  15.803  1.00 26.31 ? 24  DT  B "C1'" 1 
ATOM   478  N N1    . DT  B 1 12 ? -19.895 -2.940  14.556  1.00 23.31 ? 24  DT  B N1    1 
ATOM   479  C C2    . DT  B 1 12 ? -18.578 -2.638  14.255  1.00 17.47 ? 24  DT  B C2    1 
ATOM   480  O O2    . DT  B 1 12 ? -17.844 -2.014  14.972  1.00 27.38 ? 24  DT  B O2    1 
ATOM   481  N N3    . DT  B 1 12 ? -18.143 -3.112  13.078  1.00 15.65 ? 24  DT  B N3    1 
ATOM   482  C C4    . DT  B 1 12 ? -18.851 -3.861  12.181  1.00 18.14 ? 24  DT  B C4    1 
ATOM   483  O O4    . DT  B 1 12 ? -18.307 -4.241  11.143  1.00 20.70 ? 24  DT  B O4    1 
ATOM   484  C C5    . DT  B 1 12 ? -20.195 -4.148  12.548  1.00 18.27 ? 24  DT  B C5    1 
ATOM   485  C C7    . DT  B 1 12 ? -21.040 -4.943  11.613  1.00 26.78 ? 24  DT  B C7    1 
ATOM   486  C C6    . DT  B 1 12 ? -20.650 -3.688  13.706  1.00 22.25 ? 24  DT  B C6    1 
ATOM   487  O "O5'" . DA  C 1 1  ? -7.336  10.662  17.178  1.00 48.57 ? 25  DA  C "O5'" 1 
ATOM   488  C "C5'" . DA  C 1 1  ? -6.487  11.540  17.872  1.00 46.27 ? 25  DA  C "C5'" 1 
ATOM   489  C "C4'" . DA  C 1 1  ? -5.140  11.647  17.208  1.00 48.39 ? 25  DA  C "C4'" 1 
ATOM   490  O "O4'" . DA  C 1 1  ? -4.325  10.495  17.523  1.00 49.12 ? 25  DA  C "O4'" 1 
ATOM   491  C "C3'" . DA  C 1 1  ? -5.153  11.757  15.689  1.00 50.16 ? 25  DA  C "C3'" 1 
ATOM   492  O "O3'" . DA  C 1 1  ? -4.189  12.737  15.335  1.00 55.16 ? 25  DA  C "O3'" 1 
ATOM   493  C "C2'" . DA  C 1 1  ? -4.715  10.378  15.215  1.00 48.92 ? 25  DA  C "C2'" 1 
ATOM   494  C "C1'" . DA  C 1 1  ? -3.817  9.885   16.347  1.00 46.78 ? 25  DA  C "C1'" 1 
ATOM   495  N N9    . DA  C 1 1  ? -3.920  8.453   16.577  1.00 41.34 ? 25  DA  C N9    1 
ATOM   496  C C8    . DA  C 1 1  ? -5.068  7.709   16.421  1.00 39.56 ? 25  DA  C C8    1 
ATOM   497  N N7    . DA  C 1 1  ? -4.919  6.443   16.732  1.00 40.29 ? 25  DA  C N7    1 
ATOM   498  C C5    . DA  C 1 1  ? -3.582  6.348   17.113  1.00 35.81 ? 25  DA  C C5    1 
ATOM   499  C C6    . DA  C 1 1  ? -2.824  5.276   17.544  1.00 29.50 ? 25  DA  C C6    1 
ATOM   500  N N6    . DA  C 1 1  ? -3.329  4.055   17.663  1.00 35.01 ? 25  DA  C N6    1 
ATOM   501  N N1    . DA  C 1 1  ? -1.529  5.489   17.843  1.00 24.30 ? 25  DA  C N1    1 
ATOM   502  C C2    . DA  C 1 1  ? -1.050  6.722   17.699  1.00 29.55 ? 25  DA  C C2    1 
ATOM   503  N N3    . DA  C 1 1  ? -1.673  7.835   17.294  1.00 30.67 ? 25  DA  C N3    1 
ATOM   504  C C4    . DA  C 1 1  ? -2.953  7.576   17.013  1.00 35.75 ? 25  DA  C C4    1 
ATOM   505  P P     . DC  C 1 2  ? -3.775  12.933  13.803  1.00 58.33 ? 26  DC  C P     1 
ATOM   506  O OP1   . DC  C 1 2  ? -3.522  14.401  13.656  1.00 57.06 ? 26  DC  C OP1   1 
ATOM   507  O OP2   . DC  C 1 2  ? -4.745  12.235  12.904  1.00 56.00 ? 26  DC  C OP2   1 
ATOM   508  O "O5'" . DC  C 1 2  ? -2.389  12.162  13.733  1.00 56.38 ? 26  DC  C "O5'" 1 
ATOM   509  C "C5'" . DC  C 1 2  ? -1.423  12.355  14.748  1.00 54.75 ? 26  DC  C "C5'" 1 
ATOM   510  C "C4'" . DC  C 1 2  ? -0.231  11.487  14.468  1.00 53.94 ? 26  DC  C "C4'" 1 
ATOM   511  O "O4'" . DC  C 1 2  ? -0.549  10.127  14.858  1.00 52.58 ? 26  DC  C "O4'" 1 
ATOM   512  C "C3'" . DC  C 1 2  ? 0.074   11.441  12.972  1.00 54.01 ? 26  DC  C "C3'" 1 
ATOM   513  O "O3'" . DC  C 1 2  ? 1.476   11.454  12.763  1.00 55.87 ? 26  DC  C "O3'" 1 
ATOM   514  C "C2'" . DC  C 1 2  ? -0.477  10.096  12.540  1.00 54.13 ? 26  DC  C "C2'" 1 
ATOM   515  C "C1'" . DC  C 1 2  ? -0.204  9.278   13.784  1.00 52.13 ? 26  DC  C "C1'" 1 
ATOM   516  N N1    . DC  C 1 2  ? -1.002  8.054   13.873  1.00 48.98 ? 26  DC  C N1    1 
ATOM   517  C C2    . DC  C 1 2  ? -0.384  6.875   14.337  1.00 47.52 ? 26  DC  C C2    1 
ATOM   518  O O2    . DC  C 1 2  ? 0.816   6.917   14.674  1.00 44.52 ? 26  DC  C O2    1 
ATOM   519  N N3    . DC  C 1 2  ? -1.108  5.729   14.398  1.00 44.17 ? 26  DC  C N3    1 
ATOM   520  C C4    . DC  C 1 2  ? -2.386  5.740   14.014  1.00 43.48 ? 26  DC  C C4    1 
ATOM   521  N N4    . DC  C 1 2  ? -3.064  4.607   14.077  1.00 41.62 ? 26  DC  C N4    1 
ATOM   522  C C5    . DC  C 1 2  ? -3.029  6.925   13.544  1.00 45.82 ? 26  DC  C C5    1 
ATOM   523  C C6    . DC  C 1 2  ? -2.309  8.048   13.495  1.00 46.73 ? 26  DC  C C6    1 
ATOM   524  P P     . DC  C 1 3  ? 2.047   11.720  11.289  1.00 59.39 ? 27  DC  C P     1 
ATOM   525  O OP1   . DC  C 1 3  ? 2.713   13.046  11.333  1.00 58.88 ? 27  DC  C OP1   1 
ATOM   526  O OP2   . DC  C 1 3  ? 0.929   11.486  10.311  1.00 58.52 ? 27  DC  C OP2   1 
ATOM   527  O "O5'" . DC  C 1 3  ? 3.153   10.587  11.111  1.00 54.76 ? 27  DC  C "O5'" 1 
ATOM   528  C "C5'" . DC  C 1 3  ? 4.068   10.297  12.165  1.00 51.47 ? 27  DC  C "C5'" 1 
ATOM   529  C "C4'" . DC  C 1 3  ? 4.706   8.952   11.917  1.00 51.33 ? 27  DC  C "C4'" 1 
ATOM   530  O "O4'" . DC  C 1 3  ? 3.787   7.864   12.211  1.00 50.00 ? 27  DC  C "O4'" 1 
ATOM   531  C "C3'" . DC  C 1 3  ? 5.117   8.746   10.461  1.00 51.11 ? 27  DC  C "C3'" 1 
ATOM   532  O "O3'" . DC  C 1 3  ? 6.251   7.881   10.459  1.00 54.76 ? 27  DC  C "O3'" 1 
ATOM   533  C "C2'" . DC  C 1 3  ? 3.923   8.012   9.881   1.00 49.90 ? 27  DC  C "C2'" 1 
ATOM   534  C "C1'" . DC  C 1 3  ? 3.594   7.084   11.031  1.00 48.77 ? 27  DC  C "C1'" 1 
ATOM   535  N N1    . DC  C 1 3  ? 2.217   6.544   11.023  1.00 42.72 ? 27  DC  C N1    1 
ATOM   536  C C2    . DC  C 1 3  ? 1.975   5.258   11.601  1.00 42.33 ? 27  DC  C C2    1 
ATOM   537  O O2    . DC  C 1 3  ? 2.923   4.627   12.120  1.00 37.57 ? 27  DC  C O2    1 
ATOM   538  N N3    . DC  C 1 3  ? 0.716   4.751   11.574  1.00 38.73 ? 27  DC  C N3    1 
ATOM   539  C C4    . DC  C 1 3  ? -0.275  5.462   11.015  1.00 37.34 ? 27  DC  C C4    1 
ATOM   540  N N4    . DC  C 1 3  ? -1.497  4.925   11.019  1.00 29.42 ? 27  DC  C N4    1 
ATOM   541  C C5    . DC  C 1 3  ? -0.052  6.760   10.435  1.00 35.13 ? 27  DC  C C5    1 
ATOM   542  C C6    . DC  C 1 3  ? 1.194   7.251   10.462  1.00 36.27 ? 27  DC  C C6    1 
ATOM   543  P P     . DG  C 1 4  ? 7.419   8.075   9.371   1.00 55.97 ? 28  DG  C P     1 
ATOM   544  O OP1   . DG  C 1 4  ? 8.534   8.834   9.988   1.00 56.10 ? 28  DG  C OP1   1 
ATOM   545  O OP2   . DG  C 1 4  ? 6.775   8.589   8.127   1.00 57.49 ? 28  DG  C OP2   1 
ATOM   546  O "O5'" . DG  C 1 4  ? 7.912   6.578   9.135   1.00 54.78 ? 28  DG  C "O5'" 1 
ATOM   547  C "C5'" . DG  C 1 4  ? 8.338   5.779   10.237  1.00 57.74 ? 28  DG  C "C5'" 1 
ATOM   548  C "C4'" . DG  C 1 4  ? 8.392   4.325   9.838   1.00 60.75 ? 28  DG  C "C4'" 1 
ATOM   549  O "O4'" . DG  C 1 4  ? 7.084   3.687   9.928   1.00 62.08 ? 28  DG  C "O4'" 1 
ATOM   550  C "C3'" . DG  C 1 4  ? 8.895   4.088   8.417   1.00 61.79 ? 28  DG  C "C3'" 1 
ATOM   551  O "O3'" . DG  C 1 4  ? 9.759   2.962   8.447   1.00 65.49 ? 28  DG  C "O3'" 1 
ATOM   552  C "C2'" . DG  C 1 4  ? 7.619   3.800   7.630   1.00 62.20 ? 28  DG  C "C2'" 1 
ATOM   553  C "C1'" . DG  C 1 4  ? 6.677   3.166   8.662   1.00 58.70 ? 28  DG  C "C1'" 1 
ATOM   554  N N9    . DG  C 1 4  ? 5.254   3.477   8.505   1.00 52.37 ? 28  DG  C N9    1 
ATOM   555  C C8    . DG  C 1 4  ? 4.684   4.644   8.027   1.00 50.41 ? 28  DG  C C8    1 
ATOM   556  N N7    . DG  C 1 4  ? 3.381   4.627   8.033   1.00 46.19 ? 28  DG  C N7    1 
ATOM   557  C C5    . DG  C 1 4  ? 3.063   3.370   8.547   1.00 45.30 ? 28  DG  C C5    1 
ATOM   558  C C6    . DG  C 1 4  ? 1.805   2.771   8.796   1.00 40.42 ? 28  DG  C C6    1 
ATOM   559  O O6    . DG  C 1 4  ? 0.676   3.240   8.618   1.00 44.46 ? 28  DG  C O6    1 
ATOM   560  N N1    . DG  C 1 4  ? 1.936   1.494   9.309   1.00 37.70 ? 28  DG  C N1    1 
ATOM   561  C C2    . DG  C 1 4  ? 3.124   0.867   9.563   1.00 43.41 ? 28  DG  C C2    1 
ATOM   562  N N2    . DG  C 1 4  ? 3.032   -0.384  10.057  1.00 43.66 ? 28  DG  C N2    1 
ATOM   563  N N3    . DG  C 1 4  ? 4.317   1.414   9.348   1.00 45.17 ? 28  DG  C N3    1 
ATOM   564  C C4    . DG  C 1 4  ? 4.209   2.652   8.839   1.00 47.14 ? 28  DG  C C4    1 
ATOM   565  P P     . DA  C 1 5  ? 9.952   2.076   7.129   1.00 68.94 ? 29  DA  C P     1 
ATOM   566  O OP1   . DA  C 1 5  ? 11.240  1.305   7.265   1.00 67.70 ? 29  DA  C OP1   1 
ATOM   567  O OP2   . DA  C 1 5  ? 9.770   3.026   5.988   1.00 69.33 ? 29  DA  C OP2   1 
ATOM   568  O "O5'" . DA  C 1 5  ? 8.723   1.067   7.204   1.00 63.16 ? 29  DA  C "O5'" 1 
ATOM   569  C "C5'" . DA  C 1 5  ? 8.452   0.356   8.411   1.00 62.08 ? 29  DA  C "C5'" 1 
ATOM   570  C "C4'" . DA  C 1 5  ? 7.864   -0.995  8.087   1.00 59.65 ? 29  DA  C "C4'" 1 
ATOM   571  O "O4'" . DA  C 1 5  ? 6.460   -0.898  7.721   1.00 57.93 ? 29  DA  C "O4'" 1 
ATOM   572  C "C3'" . DA  C 1 5  ? 8.562   -1.582  6.881   1.00 58.45 ? 29  DA  C "C3'" 1 
ATOM   573  O "O3'" . DA  C 1 5  ? 8.601   -2.983  7.035   1.00 60.44 ? 29  DA  C "O3'" 1 
ATOM   574  C "C2'" . DA  C 1 5  ? 7.702   -1.108  5.711   1.00 56.81 ? 29  DA  C "C2'" 1 
ATOM   575  C "C1'" . DA  C 1 5  ? 6.293   -0.974  6.309   1.00 52.78 ? 29  DA  C "C1'" 1 
ATOM   576  N N9    . DA  C 1 5  ? 5.519   0.215   5.902   1.00 44.61 ? 29  DA  C N9    1 
ATOM   577  C C8    . DA  C 1 5  ? 5.946   1.457   5.463   1.00 39.50 ? 29  DA  C C8    1 
ATOM   578  N N7    . DA  C 1 5  ? 4.961   2.293   5.207   1.00 35.57 ? 29  DA  C N7    1 
ATOM   579  C C5    . DA  C 1 5  ? 3.812   1.556   5.498   1.00 36.11 ? 29  DA  C C5    1 
ATOM   580  C C6    . DA  C 1 5  ? 2.413   1.858   5.442   1.00 35.93 ? 29  DA  C C6    1 
ATOM   581  N N6    . DA  C 1 5  ? 1.894   3.045   5.073   1.00 33.92 ? 29  DA  C N6    1 
ATOM   582  N N1    . DA  C 1 5  ? 1.546   0.876   5.786   1.00 32.40 ? 29  DA  C N1    1 
ATOM   583  C C2    . DA  C 1 5  ? 2.033   -0.296  6.165   1.00 33.91 ? 29  DA  C C2    1 
ATOM   584  N N3    . DA  C 1 5  ? 3.298   -0.697  6.262   1.00 38.29 ? 29  DA  C N3    1 
ATOM   585  C C4    . DA  C 1 5  ? 4.145   0.281   5.914   1.00 38.38 ? 29  DA  C C4    1 
ATOM   586  P P     . DA  C 1 6  ? 8.709   -3.905  5.735   1.00 65.76 ? 30  DA  C P     1 
ATOM   587  O OP1   . DA  C 1 6  ? 9.091   -5.285  6.197   1.00 62.91 ? 30  DA  C OP1   1 
ATOM   588  O OP2   . DA  C 1 6  ? 9.523   -3.206  4.676   1.00 63.29 ? 30  DA  C OP2   1 
ATOM   589  O "O5'" . DA  C 1 6  ? 7.189   -3.979  5.279   1.00 61.83 ? 30  DA  C "O5'" 1 
ATOM   590  C "C5'" . DA  C 1 6  ? 6.255   -4.534  6.180   1.00 57.36 ? 30  DA  C "C5'" 1 
ATOM   591  C "C4'" . DA  C 1 6  ? 4.983   -4.918  5.476   1.00 52.75 ? 30  DA  C "C4'" 1 
ATOM   592  O "O4'" . DA  C 1 6  ? 4.281   -3.719  5.108   1.00 50.51 ? 30  DA  C "O4'" 1 
ATOM   593  C "C3'" . DA  C 1 6  ? 5.098   -5.776  4.220   1.00 51.78 ? 30  DA  C "C3'" 1 
ATOM   594  O "O3'" . DA  C 1 6  ? 4.158   -6.843  4.375   1.00 52.30 ? 30  DA  C "O3'" 1 
ATOM   595  C "C2'" . DA  C 1 6  ? 4.750   -4.808  3.092   1.00 48.84 ? 30  DA  C "C2'" 1 
ATOM   596  C "C1'" . DA  C 1 6  ? 3.845   -3.785  3.775   1.00 45.55 ? 30  DA  C "C1'" 1 
ATOM   597  N N9    . DA  C 1 6  ? 3.828   -2.402  3.296   1.00 35.51 ? 30  DA  C N9    1 
ATOM   598  C C8    . DA  C 1 6  ? 4.864   -1.521  3.086   1.00 34.55 ? 30  DA  C C8    1 
ATOM   599  N N7    . DA  C 1 6  ? 4.467   -0.317  2.706   1.00 30.16 ? 30  DA  C N7    1 
ATOM   600  C C5    . DA  C 1 6  ? 3.085   -0.423  2.651   1.00 27.45 ? 30  DA  C C5    1 
ATOM   601  C C6    . DA  C 1 6  ? 2.081   0.481   2.308   1.00 24.73 ? 30  DA  C C6    1 
ATOM   602  N N6    . DA  C 1 6  ? 2.307   1.727   1.937   1.00 31.69 ? 30  DA  C N6    1 
ATOM   603  N N1    . DA  C 1 6  ? 0.809   0.063   2.357   1.00 24.47 ? 30  DA  C N1    1 
ATOM   604  C C2    . DA  C 1 6  ? 0.561   -1.195  2.730   1.00 30.38 ? 30  DA  C C2    1 
ATOM   605  N N3    . DA  C 1 6  ? 1.415   -2.158  3.068   1.00 27.81 ? 30  DA  C N3    1 
ATOM   606  C C4    . DA  C 1 6  ? 2.679   -1.704  3.008   1.00 33.38 ? 30  DA  C C4    1 
ATOM   607  P P     . DT  C 1 7  ? 3.993   -7.950  3.229   1.00 56.59 ? 31  DT  C P     1 
ATOM   608  O OP1   . DT  C 1 7  ? 3.560   -9.287  3.777   1.00 56.31 ? 31  DT  C OP1   1 
ATOM   609  O OP2   . DT  C 1 7  ? 5.180   -7.867  2.327   1.00 55.92 ? 31  DT  C OP2   1 
ATOM   610  O "O5'" . DT  C 1 7  ? 2.703   -7.410  2.507   1.00 50.65 ? 31  DT  C "O5'" 1 
ATOM   611  C "C5'" . DT  C 1 7  ? 1.575   -7.153  3.284   1.00 45.43 ? 31  DT  C "C5'" 1 
ATOM   612  C "C4'" . DT  C 1 7  ? 0.522   -6.505  2.437   1.00 41.21 ? 31  DT  C "C4'" 1 
ATOM   613  O "O4'" . DT  C 1 7  ? 0.957   -5.181  2.079   1.00 37.67 ? 31  DT  C "O4'" 1 
ATOM   614  C "C3'" . DT  C 1 7  ? 0.335   -7.249  1.124   1.00 39.46 ? 31  DT  C "C3'" 1 
ATOM   615  O "O3'" . DT  C 1 7  ? -1.017  -7.574  0.986   1.00 38.58 ? 31  DT  C "O3'" 1 
ATOM   616  C "C2'" . DT  C 1 7  ? 0.755   -6.246  0.056   1.00 38.53 ? 31  DT  C "C2'" 1 
ATOM   617  C "C1'" . DT  C 1 7  ? 0.508   -4.951  0.769   1.00 35.83 ? 31  DT  C "C1'" 1 
ATOM   618  N N1    . DT  C 1 7  ? 1.206   -3.785  0.269   1.00 32.45 ? 31  DT  C N1    1 
ATOM   619  C C2    . DT  C 1 7  ? 0.439   -2.713  -0.075  1.00 33.27 ? 31  DT  C C2    1 
ATOM   620  O O2    . DT  C 1 7  ? -0.773  -2.714  0.006   1.00 39.98 ? 31  DT  C O2    1 
ATOM   621  N N3    . DT  C 1 7  ? 1.129   -1.636  -0.516  1.00 27.89 ? 31  DT  C N3    1 
ATOM   622  C C4    . DT  C 1 7  ? 2.477   -1.527  -0.646  1.00 29.29 ? 31  DT  C C4    1 
ATOM   623  O O4    . DT  C 1 7  ? 2.958   -0.489  -1.067  1.00 33.36 ? 31  DT  C O4    1 
ATOM   624  C C5    . DT  C 1 7  ? 3.228   -2.686  -0.269  1.00 28.25 ? 31  DT  C C5    1 
ATOM   625  C C7    . DT  C 1 7  ? 4.717   -2.647  -0.385  1.00 26.98 ? 31  DT  C C7    1 
ATOM   626  C C6    . DT  C 1 7  ? 2.563   -3.755  0.164   1.00 29.58 ? 31  DT  C C6    1 
ATOM   627  P P     . DT  C 1 8  ? -1.510  -8.260  -0.364  1.00 38.74 ? 32  DT  C P     1 
ATOM   628  O OP1   . DT  C 1 8  ? -2.560  -9.253  0.005   1.00 35.80 ? 32  DT  C OP1   1 
ATOM   629  O OP2   . DT  C 1 8  ? -0.345  -8.653  -1.207  1.00 38.76 ? 32  DT  C OP2   1 
ATOM   630  O "O5'" . DT  C 1 8  ? -2.219  -7.034  -1.035  1.00 35.51 ? 32  DT  C "O5'" 1 
ATOM   631  C "C5'" . DT  C 1 8  ? -3.239  -6.406  -0.327  1.00 32.20 ? 32  DT  C "C5'" 1 
ATOM   632  C "C4'" . DT  C 1 8  ? -3.963  -5.498  -1.264  1.00 32.79 ? 32  DT  C "C4'" 1 
ATOM   633  O "O4'" . DT  C 1 8  ? -3.017  -4.455  -1.586  1.00 30.25 ? 32  DT  C "O4'" 1 
ATOM   634  C "C3'" . DT  C 1 8  ? -4.320  -6.184  -2.579  1.00 32.06 ? 32  DT  C "C3'" 1 
ATOM   635  O "O3'" . DT  C 1 8  ? -5.673  -5.871  -2.847  1.00 33.55 ? 32  DT  C "O3'" 1 
ATOM   636  C "C2'" . DT  C 1 8  ? -3.334  -5.596  -3.588  1.00 29.51 ? 32  DT  C "C2'" 1 
ATOM   637  C "C1'" . DT  C 1 8  ? -2.974  -4.246  -2.970  1.00 28.91 ? 32  DT  C "C1'" 1 
ATOM   638  N N1    . DT  C 1 8  ? -1.637  -3.721  -3.244  1.00 25.14 ? 32  DT  C N1    1 
ATOM   639  C C2    . DT  C 1 8  ? -1.494  -2.363  -3.475  1.00 24.21 ? 32  DT  C C2    1 
ATOM   640  O O2    . DT  C 1 8  ? -2.422  -1.589  -3.481  1.00 27.94 ? 32  DT  C O2    1 
ATOM   641  N N3    . DT  C 1 8  ? -0.221  -1.948  -3.685  1.00 15.63 ? 32  DT  C N3    1 
ATOM   642  C C4    . DT  C 1 8  ? 0.902   -2.723  -3.681  1.00 21.81 ? 32  DT  C C4    1 
ATOM   643  O O4    . DT  C 1 8  ? 1.995   -2.193  -3.837  1.00 19.64 ? 32  DT  C O4    1 
ATOM   644  C C5    . DT  C 1 8  ? 0.677   -4.152  -3.460  1.00 16.10 ? 32  DT  C C5    1 
ATOM   645  C C7    . DT  C 1 8  ? 1.831   -5.093  -3.487  1.00 18.18 ? 32  DT  C C7    1 
ATOM   646  C C6    . DT  C 1 8  ? -0.563  -4.564  -3.246  1.00 19.30 ? 32  DT  C C6    1 
ATOM   647  P P     . DC  C 1 9  ? -6.380  -6.397  -4.183  1.00 37.76 ? 33  DC  C P     1 
ATOM   648  O OP1   . DC  C 1 9  ? -7.782  -6.700  -3.814  1.00 35.97 ? 33  DC  C OP1   1 
ATOM   649  O OP2   . DC  C 1 9  ? -5.537  -7.426  -4.877  1.00 34.57 ? 33  DC  C OP2   1 
ATOM   650  O "O5'" . DC  C 1 9  ? -6.414  -5.080  -5.067  1.00 36.38 ? 33  DC  C "O5'" 1 
ATOM   651  C "C5'" . DC  C 1 9  ? -6.726  -3.848  -4.467  1.00 32.44 ? 33  DC  C "C5'" 1 
ATOM   652  C "C4'" . DC  C 1 9  ? -6.400  -2.738  -5.420  1.00 34.57 ? 33  DC  C "C4'" 1 
ATOM   653  O "O4'" . DC  C 1 9  ? -4.970  -2.573  -5.443  1.00 32.77 ? 33  DC  C "O4'" 1 
ATOM   654  C "C3'" . DC  C 1 9  ? -6.821  -2.984  -6.868  1.00 37.33 ? 33  DC  C "C3'" 1 
ATOM   655  O "O3'" . DC  C 1 9  ? -7.502  -1.838  -7.316  1.00 44.21 ? 33  DC  C "O3'" 1 
ATOM   656  C "C2'" . DC  C 1 9  ? -5.513  -3.084  -7.633  1.00 34.88 ? 33  DC  C "C2'" 1 
ATOM   657  C "C1'" . DC  C 1 9  ? -4.568  -2.276  -6.766  1.00 31.67 ? 33  DC  C "C1'" 1 
ATOM   658  N N1    . DC  C 1 9  ? -3.147  -2.635  -6.878  1.00 24.60 ? 33  DC  C N1    1 
ATOM   659  C C2    . DC  C 1 9  ? -2.208  -1.642  -7.143  1.00 25.53 ? 33  DC  C C2    1 
ATOM   660  O O2    . DC  C 1 9  ? -2.602  -0.463  -7.280  1.00 26.56 ? 33  DC  C O2    1 
ATOM   661  N N3    . DC  C 1 9  ? -0.888  -1.992  -7.241  1.00 24.61 ? 33  DC  C N3    1 
ATOM   662  C C4    . DC  C 1 9  ? -0.528  -3.275  -7.073  1.00 21.31 ? 33  DC  C C4    1 
ATOM   663  N N4    . DC  C 1 9  ? 0.758   -3.604  -7.155  1.00 17.13 ? 33  DC  C N4    1 
ATOM   664  C C5    . DC  C 1 9  ? -1.473  -4.282  -6.804  1.00 19.34 ? 33  DC  C C5    1 
ATOM   665  C C6    . DC  C 1 9  ? -2.755  -3.925  -6.716  1.00 24.33 ? 33  DC  C C6    1 
ATOM   666  P P     . DG  C 1 10 ? -8.582  -1.953  -8.493  1.00 48.97 ? 34  DG  C P     1 
ATOM   667  O OP1   . DG  C 1 10 ? -9.745  -1.164  -7.972  1.00 51.08 ? 34  DG  C OP1   1 
ATOM   668  O OP2   . DG  C 1 10 ? -8.800  -3.328  -9.017  1.00 48.75 ? 34  DG  C OP2   1 
ATOM   669  O "O5'" . DG  C 1 10 ? -7.882  -1.083  -9.615  1.00 47.66 ? 34  DG  C "O5'" 1 
ATOM   670  C "C5'" . DG  C 1 10 ? -7.674  0.289   -9.358  1.00 44.11 ? 34  DG  C "C5'" 1 
ATOM   671  C "C4'" . DG  C 1 10 ? -6.842  0.906   -10.445 1.00 43.35 ? 34  DG  C "C4'" 1 
ATOM   672  O "O4'" . DG  C 1 10 ? -5.478  0.479   -10.342 1.00 39.14 ? 34  DG  C "O4'" 1 
ATOM   673  C "C3'" . DG  C 1 10 ? -7.266  0.592   -11.872 1.00 44.15 ? 34  DG  C "C3'" 1 
ATOM   674  O "O3'" . DG  C 1 10 ? -6.932  1.781   -12.587 1.00 46.84 ? 34  DG  C "O3'" 1 
ATOM   675  C "C2'" . DG  C 1 10 ? -6.333  -0.555  -12.245 1.00 40.25 ? 34  DG  C "C2'" 1 
ATOM   676  C "C1'" . DG  C 1 10 ? -5.057  -0.068  -11.580 1.00 39.02 ? 34  DG  C "C1'" 1 
ATOM   677  N N9    . DG  C 1 10 ? -4.044  -1.047  -11.245 1.00 34.79 ? 34  DG  C N9    1 
ATOM   678  C C8    . DG  C 1 10 ? -4.234  -2.351  -10.875 1.00 32.33 ? 34  DG  C C8    1 
ATOM   679  N N7    . DG  C 1 10 ? -3.125  -2.954  -10.549 1.00 32.29 ? 34  DG  C N7    1 
ATOM   680  C C5    . DG  C 1 10 ? -2.148  -1.987  -10.732 1.00 28.79 ? 34  DG  C C5    1 
ATOM   681  C C6    . DG  C 1 10 ? -0.774  -2.061  -10.542 1.00 29.69 ? 34  DG  C C6    1 
ATOM   682  O O6    . DG  C 1 10 ? -0.118  -3.022  -10.146 1.00 22.44 ? 34  DG  C O6    1 
ATOM   683  N N1    . DG  C 1 10 ? -0.145  -0.860  -10.852 1.00 27.88 ? 34  DG  C N1    1 
ATOM   684  C C2    . DG  C 1 10 ? -0.784  0.258   -11.281 1.00 31.11 ? 34  DG  C C2    1 
ATOM   685  N N2    . DG  C 1 10 ? -0.017  1.297   -11.523 1.00 32.34 ? 34  DG  C N2    1 
ATOM   686  N N3    . DG  C 1 10 ? -2.088  0.346   -11.462 1.00 31.21 ? 34  DG  C N3    1 
ATOM   687  C C4    . DG  C 1 10 ? -2.700  -0.811  -11.171 1.00 31.96 ? 34  DG  C C4    1 
ATOM   688  P P     . DG  C 1 11 ? -7.686  2.156   -13.948 1.00 50.42 ? 35  DG  C P     1 
ATOM   689  O OP1   . DG  C 1 11 ? -8.784  3.137   -13.678 1.00 49.61 ? 35  DG  C OP1   1 
ATOM   690  O OP2   . DG  C 1 11 ? -7.966  0.926   -14.725 1.00 51.50 ? 35  DG  C OP2   1 
ATOM   691  O "O5'" . DG  C 1 11 ? -6.532  2.938   -14.657 1.00 45.35 ? 35  DG  C "O5'" 1 
ATOM   692  C "C5'" . DG  C 1 11 ? -5.814  3.857   -13.901 1.00 43.97 ? 35  DG  C "C5'" 1 
ATOM   693  C "C4'" . DG  C 1 11 ? -4.453  3.984   -14.500 1.00 43.32 ? 35  DG  C "C4'" 1 
ATOM   694  O "O4'" . DG  C 1 11 ? -3.634  2.871   -14.090 1.00 42.06 ? 35  DG  C "O4'" 1 
ATOM   695  C "C3'" . DG  C 1 11 ? -4.569  3.897   -16.013 1.00 43.50 ? 35  DG  C "C3'" 1 
ATOM   696  O "O3'" . DG  C 1 11 ? -3.755  4.904   -16.589 1.00 46.48 ? 35  DG  C "O3'" 1 
ATOM   697  C "C2'" . DG  C 1 11 ? -4.037  2.511   -16.329 1.00 40.44 ? 35  DG  C "C2'" 1 
ATOM   698  C "C1'" . DG  C 1 11 ? -3.026  2.323   -15.231 1.00 36.72 ? 35  DG  C "C1'" 1 
ATOM   699  N N9    . DG  C 1 11 ? -2.761  0.934   -14.933 1.00 32.98 ? 35  DG  C N9    1 
ATOM   700  C C8    . DG  C 1 11 ? -3.691  -0.065  -14.830 1.00 30.89 ? 35  DG  C C8    1 
ATOM   701  N N7    . DG  C 1 11 ? -3.165  -1.223  -14.562 1.00 26.29 ? 35  DG  C N7    1 
ATOM   702  C C5    . DG  C 1 11 ? -1.800  -0.967  -14.482 1.00 24.67 ? 35  DG  C C5    1 
ATOM   703  C C6    . DG  C 1 11 ? -0.717  -1.844  -14.223 1.00 25.94 ? 35  DG  C C6    1 
ATOM   704  O O6    . DG  C 1 11 ? -0.750  -3.058  -13.998 1.00 27.87 ? 35  DG  C O6    1 
ATOM   705  N N1    . DG  C 1 11 ? 0.504   -1.179  -14.239 1.00 28.35 ? 35  DG  C N1    1 
ATOM   706  C C2    . DG  C 1 11 ? 0.662   0.160   -14.472 1.00 27.68 ? 35  DG  C C2    1 
ATOM   707  N N2    . DG  C 1 11 ? 1.932   0.592   -14.448 1.00 24.86 ? 35  DG  C N2    1 
ATOM   708  N N3    . DG  C 1 11 ? -0.349  1.001   -14.714 1.00 23.34 ? 35  DG  C N3    1 
ATOM   709  C C4    . DG  C 1 11 ? -1.539  0.365   -14.706 1.00 27.32 ? 35  DG  C C4    1 
ATOM   710  P P     . DT  C 1 12 ? -3.854  5.183   -18.154 1.00 49.88 ? 36  DT  C P     1 
ATOM   711  O OP1   . DT  C 1 12 ? -4.002  6.668   -18.336 1.00 47.40 ? 36  DT  C OP1   1 
ATOM   712  O OP2   . DT  C 1 12 ? -4.939  4.277   -18.601 1.00 47.13 ? 36  DT  C OP2   1 
ATOM   713  O "O5'" . DT  C 1 12 ? -2.428  4.671   -18.679 1.00 43.60 ? 36  DT  C "O5'" 1 
ATOM   714  C "C5'" . DT  C 1 12 ? -1.245  5.153   -18.052 1.00 39.12 ? 36  DT  C "C5'" 1 
ATOM   715  C "C4'" . DT  C 1 12 ? -0.093  4.184   -18.183 1.00 36.42 ? 36  DT  C "C4'" 1 
ATOM   716  O "O4'" . DT  C 1 12 ? -0.388  2.924   -17.540 1.00 35.76 ? 36  DT  C "O4'" 1 
ATOM   717  C "C3'" . DT  C 1 12 ? 0.424   3.840   -19.582 1.00 38.42 ? 36  DT  C "C3'" 1 
ATOM   718  O "O3'" . DT  C 1 12 ? 1.817   4.218   -19.792 1.00 39.88 ? 36  DT  C "O3'" 1 
ATOM   719  C "C2'" . DT  C 1 12 ? 0.360   2.320   -19.632 1.00 38.30 ? 36  DT  C "C2'" 1 
ATOM   720  C "C1'" . DT  C 1 12 ? 0.395   1.935   -18.171 1.00 33.90 ? 36  DT  C "C1'" 1 
ATOM   721  N N1    . DT  C 1 12 ? -0.267  0.666   -17.984 1.00 32.30 ? 36  DT  C N1    1 
ATOM   722  C C2    . DT  C 1 12 ? 0.431   -0.445  -17.559 1.00 30.57 ? 36  DT  C C2    1 
ATOM   723  O O2    . DT  C 1 12 ? 1.622   -0.445  -17.255 1.00 25.49 ? 36  DT  C O2    1 
ATOM   724  N N3    . DT  C 1 12 ? -0.324  -1.571  -17.482 1.00 33.72 ? 36  DT  C N3    1 
ATOM   725  C C4    . DT  C 1 12 ? -1.661  -1.701  -17.765 1.00 31.22 ? 36  DT  C C4    1 
ATOM   726  O O4    . DT  C 1 12 ? -2.185  -2.793  -17.654 1.00 29.74 ? 36  DT  C O4    1 
ATOM   727  C C5    . DT  C 1 12 ? -2.328  -0.484  -18.185 1.00 32.18 ? 36  DT  C C5    1 
ATOM   728  C C7    . DT  C 1 12 ? -3.786  -0.499  -18.524 1.00 26.03 ? 36  DT  C C7    1 
ATOM   729  C C6    . DT  C 1 12 ? -1.600  0.616   -18.263 1.00 31.67 ? 36  DT  C C6    1 
ATOM   730  O "O5'" . DA  D 1 1  ? 4.638   -10.374 -16.921 1.00 30.69 ? 37  DA  D "O5'" 1 
ATOM   731  C "C5'" . DA  D 1 1  ? 5.768   -10.358 -16.082 1.00 23.59 ? 37  DA  D "C5'" 1 
ATOM   732  C "C4'" . DA  D 1 1  ? 5.972   -8.926  -15.653 1.00 21.76 ? 37  DA  D "C4'" 1 
ATOM   733  O "O4'" . DA  D 1 1  ? 4.930   -8.056  -16.141 1.00 19.49 ? 37  DA  D "O4'" 1 
ATOM   734  C "C3'" . DA  D 1 1  ? 6.058   -8.646  -14.164 1.00 21.37 ? 37  DA  D "C3'" 1 
ATOM   735  O "O3'" . DA  D 1 1  ? 6.959   -7.565  -14.131 1.00 26.62 ? 37  DA  D "O3'" 1 
ATOM   736  C "C2'" . DA  D 1 1  ? 4.678   -8.123  -13.843 1.00 17.53 ? 37  DA  D "C2'" 1 
ATOM   737  C "C1'" . DA  D 1 1  ? 4.416   -7.292  -15.062 1.00 17.78 ? 37  DA  D "C1'" 1 
ATOM   738  N N9    . DA  D 1 1  ? 3.004   -7.032  -15.340 1.00 17.14 ? 37  DA  D N9    1 
ATOM   739  C C8    . DA  D 1 1  ? 1.934   -7.891  -15.221 1.00 14.35 ? 37  DA  D C8    1 
ATOM   740  N N7    . DA  D 1 1  ? 0.795   -7.349  -15.576 1.00 21.06 ? 37  DA  D N7    1 
ATOM   741  C C5    . DA  D 1 1  ? 1.149   -6.046  -15.950 1.00 13.58 ? 37  DA  D C5    1 
ATOM   742  C C6    . DA  D 1 1  ? 0.406   -4.963  -16.418 1.00 14.61 ? 37  DA  D C6    1 
ATOM   743  N N6    . DA  D 1 1  ? -0.912  -5.006  -16.620 1.00 19.84 ? 37  DA  D N6    1 
ATOM   744  N N1    . DA  D 1 1  ? 1.056   -3.811  -16.679 1.00 10.96 ? 37  DA  D N1    1 
ATOM   745  C C2    . DA  D 1 1  ? 2.345   -3.768  -16.467 1.00 9.33  ? 37  DA  D C2    1 
ATOM   746  N N3    . DA  D 1 1  ? 3.155   -4.718  -16.024 1.00 12.60 ? 37  DA  D N3    1 
ATOM   747  C C4    . DA  D 1 1  ? 2.490   -5.844  -15.793 1.00 8.45  ? 37  DA  D C4    1 
ATOM   748  P P     . DC  D 1 2  ? 7.759   -7.182  -12.798 1.00 29.31 ? 38  DC  D P     1 
ATOM   749  O OP1   . DC  D 1 2  ? 9.132   -7.778  -12.931 1.00 25.07 ? 38  DC  D OP1   1 
ATOM   750  O OP2   . DC  D 1 2  ? 6.948   -7.451  -11.577 1.00 30.72 ? 38  DC  D OP2   1 
ATOM   751  O "O5'" . DC  D 1 2  ? 7.892   -5.611  -13.032 1.00 27.56 ? 38  DC  D "O5'" 1 
ATOM   752  C "C5'" . DC  D 1 2  ? 8.508   -5.180  -14.230 1.00 28.67 ? 38  DC  D "C5'" 1 
ATOM   753  C "C4'" . DC  D 1 2  ? 8.269   -3.713  -14.457 1.00 35.19 ? 38  DC  D "C4'" 1 
ATOM   754  O "O4'" . DC  D 1 2  ? 6.860   -3.459  -14.667 1.00 33.62 ? 38  DC  D "O4'" 1 
ATOM   755  C "C3'" . DC  D 1 2  ? 8.709   -2.837  -13.289 1.00 38.02 ? 38  DC  D "C3'" 1 
ATOM   756  O "O3'" . DC  D 1 2  ? 9.357   -1.664  -13.830 1.00 41.55 ? 38  DC  D "O3'" 1 
ATOM   757  C "C2'" . DC  D 1 2  ? 7.397   -2.571  -12.553 1.00 36.53 ? 38  DC  D "C2'" 1 
ATOM   758  C "C1'" . DC  D 1 2  ? 6.369   -2.564  -13.683 1.00 33.22 ? 38  DC  D "C1'" 1 
ATOM   759  N N1    . DC  D 1 2  ? 5.027   -3.028  -13.334 1.00 29.25 ? 38  DC  D N1    1 
ATOM   760  C C2    . DC  D 1 2  ? 3.937   -2.213  -13.632 1.00 32.47 ? 38  DC  D C2    1 
ATOM   761  O O2    . DC  D 1 2  ? 4.139   -1.095  -14.132 1.00 35.96 ? 38  DC  D O2    1 
ATOM   762  N N3    . DC  D 1 2  ? 2.691   -2.654  -13.365 1.00 31.41 ? 38  DC  D N3    1 
ATOM   763  C C4    . DC  D 1 2  ? 2.519   -3.856  -12.809 1.00 28.61 ? 38  DC  D C4    1 
ATOM   764  N N4    . DC  D 1 2  ? 1.274   -4.255  -12.576 1.00 28.93 ? 38  DC  D N4    1 
ATOM   765  C C5    . DC  D 1 2  ? 3.614   -4.694  -12.471 1.00 23.37 ? 38  DC  D C5    1 
ATOM   766  C C6    . DC  D 1 2  ? 4.841   -4.246  -12.749 1.00 29.21 ? 38  DC  D C6    1 
ATOM   767  P P     . DC  D 1 3  ? 9.958   -0.542  -12.847 1.00 42.64 ? 39  DC  D P     1 
ATOM   768  O OP1   . DC  D 1 3  ? 10.522  0.519   -13.718 1.00 44.26 ? 39  DC  D OP1   1 
ATOM   769  O OP2   . DC  D 1 3  ? 10.808  -1.175  -11.787 1.00 40.84 ? 39  DC  D OP2   1 
ATOM   770  O "O5'" . DC  D 1 3  ? 8.630   0.135   -12.329 1.00 41.62 ? 39  DC  D "O5'" 1 
ATOM   771  C "C5'" . DC  D 1 3  ? 7.720   0.610   -13.307 1.00 40.12 ? 39  DC  D "C5'" 1 
ATOM   772  C "C4'" . DC  D 1 3  ? 7.006   1.826   -12.791 1.00 40.51 ? 39  DC  D "C4'" 1 
ATOM   773  O "O4'" . DC  D 1 3  ? 5.642   1.472   -12.488 1.00 37.15 ? 39  DC  D "O4'" 1 
ATOM   774  C "C3'" . DC  D 1 3  ? 7.629   2.337   -11.499 1.00 41.09 ? 39  DC  D "C3'" 1 
ATOM   775  O "O3'" . DC  D 1 3  ? 7.658   3.768   -11.494 1.00 42.87 ? 39  DC  D "O3'" 1 
ATOM   776  C "C2'" . DC  D 1 3  ? 6.744   1.734   -10.422 1.00 38.59 ? 39  DC  D "C2'" 1 
ATOM   777  C "C1'" . DC  D 1 3  ? 5.400   1.569   -11.110 1.00 35.65 ? 39  DC  D "C1'" 1 
ATOM   778  N N1    . DC  D 1 3  ? 4.673   0.362   -10.718 1.00 33.62 ? 39  DC  D N1    1 
ATOM   779  C C2    . DC  D 1 3  ? 3.288   0.363   -10.815 1.00 32.70 ? 39  DC  D C2    1 
ATOM   780  O O2    . DC  D 1 3  ? 2.728   1.380   -11.229 1.00 33.84 ? 39  DC  D O2    1 
ATOM   781  N N3    . DC  D 1 3  ? 2.597   -0.741  -10.448 1.00 31.86 ? 39  DC  D N3    1 
ATOM   782  C C4    . DC  D 1 3  ? 3.255   -1.813  -9.990  1.00 27.82 ? 39  DC  D C4    1 
ATOM   783  N N4    . DC  D 1 3  ? 2.551   -2.861  -9.632  1.00 20.12 ? 39  DC  D N4    1 
ATOM   784  C C5    . DC  D 1 3  ? 4.671   -1.842  -9.881  1.00 25.43 ? 39  DC  D C5    1 
ATOM   785  C C6    . DC  D 1 3  ? 5.336   -0.742  -10.260 1.00 32.87 ? 39  DC  D C6    1 
ATOM   786  P P     . DG  D 1 4  ? 8.215   4.551   -10.212 1.00 45.37 ? 40  DG  D P     1 
ATOM   787  O OP1   . DG  D 1 4  ? 8.923   5.771   -10.700 1.00 44.36 ? 40  DG  D OP1   1 
ATOM   788  O OP2   . DG  D 1 4  ? 8.898   3.606   -9.281  1.00 41.63 ? 40  DG  D OP2   1 
ATOM   789  O "O5'" . DG  D 1 4  ? 6.878   5.069   -9.557  1.00 41.28 ? 40  DG  D "O5'" 1 
ATOM   790  C "C5'" . DG  D 1 4  ? 5.971   5.779   -10.351 1.00 39.80 ? 40  DG  D "C5'" 1 
ATOM   791  C "C4'" . DG  D 1 4  ? 4.651   5.809   -9.647  1.00 42.11 ? 40  DG  D "C4'" 1 
ATOM   792  O "O4'" . DG  D 1 4  ? 4.221   4.444   -9.423  1.00 39.62 ? 40  DG  D "O4'" 1 
ATOM   793  C "C3'" . DG  D 1 4  ? 4.744   6.436   -8.259  1.00 44.69 ? 40  DG  D "C3'" 1 
ATOM   794  O "O3'" . DG  D 1 4  ? 3.551   7.199   -8.072  1.00 51.37 ? 40  DG  D "O3'" 1 
ATOM   795  C "C2'" . DG  D 1 4  ? 4.759   5.231   -7.328  1.00 41.83 ? 40  DG  D "C2'" 1 
ATOM   796  C "C1'" . DG  D 1 4  ? 3.813   4.328   -8.076  1.00 36.75 ? 40  DG  D "C1'" 1 
ATOM   797  N N9    . DG  D 1 4  ? 3.814   2.918   -7.700  1.00 31.91 ? 40  DG  D N9    1 
ATOM   798  C C8    . DG  D 1 4  ? 4.875   2.176   -7.236  1.00 25.80 ? 40  DG  D C8    1 
ATOM   799  N N7    . DG  D 1 4  ? 4.550   0.937   -6.976  1.00 25.97 ? 40  DG  D N7    1 
ATOM   800  C C5    . DG  D 1 4  ? 3.189   0.860   -7.279  1.00 22.44 ? 40  DG  D C5    1 
ATOM   801  C C6    . DG  D 1 4  ? 2.281   -0.230  -7.183  1.00 19.97 ? 40  DG  D C6    1 
ATOM   802  O O6    . DG  D 1 4  ? 2.493   -1.362  -6.799  1.00 22.69 ? 40  DG  D O6    1 
ATOM   803  N N1    . DG  D 1 4  ? 1.009   0.113   -7.595  1.00 18.98 ? 40  DG  D N1    1 
ATOM   804  C C2    . DG  D 1 4  ? 0.646   1.340   -8.053  1.00 18.84 ? 40  DG  D C2    1 
ATOM   805  N N2    . DG  D 1 4  ? -0.622  1.446   -8.401  1.00 18.12 ? 40  DG  D N2    1 
ATOM   806  N N3    . DG  D 1 4  ? 1.468   2.374   -8.157  1.00 20.03 ? 40  DG  D N3    1 
ATOM   807  C C4    . DG  D 1 4  ? 2.723   2.062   -7.739  1.00 23.27 ? 40  DG  D C4    1 
ATOM   808  P P     . DA  D 1 5  ? 3.234   7.848   -6.643  1.00 56.79 ? 41  DA  D P     1 
ATOM   809  O OP1   . DA  D 1 5  ? 3.415   9.323   -6.766  1.00 57.82 ? 41  DA  D OP1   1 
ATOM   810  O OP2   . DA  D 1 5  ? 4.003   7.081   -5.605  1.00 54.15 ? 41  DA  D OP2   1 
ATOM   811  O "O5'" . DA  D 1 5  ? 1.674   7.572   -6.472  1.00 56.80 ? 41  DA  D "O5'" 1 
ATOM   812  C "C5'" . DA  D 1 5  ? 0.757   7.799   -7.549  1.00 55.54 ? 41  DA  D "C5'" 1 
ATOM   813  C "C4'" . DA  D 1 5  ? -0.622  7.341   -7.134  1.00 55.17 ? 41  DA  D "C4'" 1 
ATOM   814  O "O4'" . DA  D 1 5  ? -0.572  5.910   -6.898  1.00 54.02 ? 41  DA  D "O4'" 1 
ATOM   815  C "C3'" . DA  D 1 5  ? -1.039  7.959   -5.799  1.00 56.92 ? 41  DA  D "C3'" 1 
ATOM   816  O "O3'" . DA  D 1 5  ? -2.455  8.150   -5.722  1.00 57.18 ? 41  DA  D "O3'" 1 
ATOM   817  C "C2'" . DA  D 1 5  ? -0.583  6.932   -4.771  1.00 53.32 ? 41  DA  D "C2'" 1 
ATOM   818  C "C1'" . DA  D 1 5  ? -0.785  5.622   -5.508  1.00 49.27 ? 41  DA  D "C1'" 1 
ATOM   819  N N9    . DA  D 1 5  ? 0.161   4.578   -5.113  1.00 39.29 ? 41  DA  D N9    1 
ATOM   820  C C8    . DA  D 1 5  ? 1.488   4.732   -4.827  1.00 36.34 ? 41  DA  D C8    1 
ATOM   821  N N7    . DA  D 1 5  ? 2.090   3.615   -4.494  1.00 32.73 ? 41  DA  D N7    1 
ATOM   822  C C5    . DA  D 1 5  ? 1.091   2.662   -4.566  1.00 25.99 ? 41  DA  D C5    1 
ATOM   823  C C6    . DA  D 1 5  ? 1.092   1.261   -4.326  1.00 24.51 ? 41  DA  D C6    1 
ATOM   824  N N6    . DA  D 1 5  ? 2.174   0.590   -3.952  1.00 17.22 ? 41  DA  D N6    1 
ATOM   825  N N1    . DA  D 1 5  ? -0.070  0.587   -4.491  1.00 17.98 ? 41  DA  D N1    1 
ATOM   826  C C2    . DA  D 1 5  ? -1.150  1.273   -4.873  1.00 26.45 ? 41  DA  D C2    1 
ATOM   827  N N3    . DA  D 1 5  ? -1.278  2.599   -5.131  1.00 32.41 ? 41  DA  D N3    1 
ATOM   828  C C4    . DA  D 1 5  ? -0.103  3.237   -4.952  1.00 32.48 ? 41  DA  D C4    1 
ATOM   829  P P     . DA  D 1 6  ? -3.128  8.427   -4.288  1.00 59.71 ? 42  DA  D P     1 
ATOM   830  O OP1   . DA  D 1 6  ? -4.317  9.328   -4.473  1.00 57.87 ? 42  DA  D OP1   1 
ATOM   831  O OP2   . DA  D 1 6  ? -2.043  8.815   -3.337  1.00 56.90 ? 42  DA  D OP2   1 
ATOM   832  O "O5'" . DA  D 1 6  ? -3.645  6.984   -3.869  1.00 56.13 ? 42  DA  D "O5'" 1 
ATOM   833  C "C5'" . DA  D 1 6  ? -4.441  6.224   -4.769  1.00 53.97 ? 42  DA  D "C5'" 1 
ATOM   834  C "C4'" . DA  D 1 6  ? -5.099  5.100   -4.014  1.00 51.14 ? 42  DA  D "C4'" 1 
ATOM   835  O "O4'" . DA  D 1 6  ? -4.080  4.124   -3.694  1.00 47.82 ? 42  DA  D "O4'" 1 
ATOM   836  C "C3'" . DA  D 1 6  ? -5.651  5.596   -2.678  1.00 50.19 ? 42  DA  D "C3'" 1 
ATOM   837  O "O3'" . DA  D 1 6  ? -6.840  4.883   -2.350  1.00 51.88 ? 42  DA  D "O3'" 1 
ATOM   838  C "C2'" . DA  D 1 6  ? -4.530  5.284   -1.705  1.00 47.16 ? 42  DA  D "C2'" 1 
ATOM   839  C "C1'" . DA  D 1 6  ? -3.942  4.011   -2.287  1.00 44.19 ? 42  DA  D "C1'" 1 
ATOM   840  N N9    . DA  D 1 6  ? -2.525  3.826   -1.997  1.00 34.64 ? 42  DA  D N9    1 
ATOM   841  C C8    . DA  D 1 6  ? -1.547  4.776   -1.999  1.00 31.63 ? 42  DA  D C8    1 
ATOM   842  N N7    . DA  D 1 6  ? -0.365  4.312   -1.694  1.00 30.14 ? 42  DA  D N7    1 
ATOM   843  C C5    . DA  D 1 6  ? -0.587  2.963   -1.480  1.00 22.75 ? 42  DA  D C5    1 
ATOM   844  C C6    . DA  D 1 6  ? 0.266   1.921   -1.136  1.00 19.35 ? 42  DA  D C6    1 
ATOM   845  N N6    . DA  D 1 6  ? 1.568   2.076   -0.946  1.00 22.59 ? 42  DA  D N6    1 
ATOM   846  N N1    . DA  D 1 6  ? -0.265  0.689   -0.990  1.00 18.95 ? 42  DA  D N1    1 
ATOM   847  C C2    . DA  D 1 6  ? -1.564  0.537   -1.199  1.00 18.82 ? 42  DA  D C2    1 
ATOM   848  N N3    . DA  D 1 6  ? -2.474  1.449   -1.545  1.00 29.20 ? 42  DA  D N3    1 
ATOM   849  C C4    . DA  D 1 6  ? -1.909  2.655   -1.663  1.00 24.05 ? 42  DA  D C4    1 
ATOM   850  P P     . DT  D 1 7  ? -7.603  5.179   -0.955  1.00 52.93 ? 43  DT  D P     1 
ATOM   851  O OP1   . DT  D 1 7  ? -9.041  5.425   -1.329  1.00 51.98 ? 43  DT  D OP1   1 
ATOM   852  O OP2   . DT  D 1 7  ? -6.841  6.203   -0.154  1.00 49.19 ? 43  DT  D OP2   1 
ATOM   853  O "O5'" . DT  D 1 7  ? -7.491  3.781   -0.213  1.00 47.70 ? 43  DT  D "O5'" 1 
ATOM   854  C "C5'" . DT  D 1 7  ? -7.662  2.595   -0.952  1.00 44.09 ? 43  DT  D "C5'" 1 
ATOM   855  C "C4'" . DT  D 1 7  ? -6.987  1.452   -0.242  1.00 43.38 ? 43  DT  D "C4'" 1 
ATOM   856  O "O4'" . DT  D 1 7  ? -5.542  1.623   -0.212  1.00 41.58 ? 43  DT  D "O4'" 1 
ATOM   857  C "C3'" . DT  D 1 7  ? -7.425  1.349   1.212   1.00 43.12 ? 43  DT  D "C3'" 1 
ATOM   858  O "O3'" . DT  D 1 7  ? -7.874  0.048   1.501   1.00 43.74 ? 43  DT  D "O3'" 1 
ATOM   859  C "C2'" . DT  D 1 7  ? -6.160  1.622   2.008   1.00 43.18 ? 43  DT  D "C2'" 1 
ATOM   860  C "C1'" . DT  D 1 7  ? -5.087  1.172   1.054   1.00 40.74 ? 43  DT  D "C1'" 1 
ATOM   861  N N1    . DT  D 1 7  ? -3.751  1.760   1.336   1.00 41.35 ? 43  DT  D N1    1 
ATOM   862  C C2    . DT  D 1 7  ? -2.723  0.897   1.687   1.00 36.51 ? 43  DT  D C2    1 
ATOM   863  O O2    . DT  D 1 7  ? -2.868  -0.296  1.758   1.00 41.24 ? 43  DT  D O2    1 
ATOM   864  N N3    . DT  D 1 7  ? -1.517  1.495   1.951   1.00 32.06 ? 43  DT  D N3    1 
ATOM   865  C C4    . DT  D 1 7  ? -1.234  2.850   1.896   1.00 33.39 ? 43  DT  D C4    1 
ATOM   866  O O4    . DT  D 1 7  ? -0.091  3.248   2.156   1.00 25.38 ? 43  DT  D O4    1 
ATOM   867  C C5    . DT  D 1 7  ? -2.365  3.704   1.513   1.00 31.01 ? 43  DT  D C5    1 
ATOM   868  C C7    . DT  D 1 7  ? -2.164  5.184   1.408   1.00 32.53 ? 43  DT  D C7    1 
ATOM   869  C C6    . DT  D 1 7  ? -3.542  3.122   1.261   1.00 35.68 ? 43  DT  D C6    1 
ATOM   870  P P     . DT  D 1 8  ? -8.658  -0.213  2.871   1.00 49.87 ? 44  DT  D P     1 
ATOM   871  O OP1   . DT  D 1 8  ? -9.770  -1.164  2.551   1.00 49.91 ? 44  DT  D OP1   1 
ATOM   872  O OP2   . DT  D 1 8  ? -8.967  1.079   3.545   1.00 50.51 ? 44  DT  D OP2   1 
ATOM   873  O "O5'" . DT  D 1 8  ? -7.570  -0.960  3.750   1.00 45.38 ? 44  DT  D "O5'" 1 
ATOM   874  C "C5'" . DT  D 1 8  ? -7.056  -2.160  3.268   1.00 41.57 ? 44  DT  D "C5'" 1 
ATOM   875  C "C4'" . DT  D 1 8  ? -5.858  -2.584  4.064   1.00 40.31 ? 44  DT  D "C4'" 1 
ATOM   876  O "O4'" . DT  D 1 8  ? -4.845  -1.567  3.972   1.00 37.39 ? 44  DT  D "O4'" 1 
ATOM   877  C "C3'" . DT  D 1 8  ? -6.076  -2.845  5.549   1.00 40.66 ? 44  DT  D "C3'" 1 
ATOM   878  O "O3'" . DT  D 1 8  ? -5.781  -4.204  5.773   1.00 45.09 ? 44  DT  D "O3'" 1 
ATOM   879  C "C2'" . DT  D 1 8  ? -5.020  -1.985  6.242   1.00 39.25 ? 44  DT  D "C2'" 1 
ATOM   880  C "C1'" . DT  D 1 8  ? -4.026  -1.694  5.121   1.00 36.77 ? 44  DT  D "C1'" 1 
ATOM   881  N N1    . DT  D 1 8  ? -3.254  -0.442  5.230   1.00 31.38 ? 44  DT  D N1    1 
ATOM   882  C C2    . DT  D 1 8  ? -1.900  -0.483  5.470   1.00 32.22 ? 44  DT  D C2    1 
ATOM   883  O O2    . DT  D 1 8  ? -1.279  -1.508  5.617   1.00 31.56 ? 44  DT  D O2    1 
ATOM   884  N N3    . DT  D 1 8  ? -1.293  0.739   5.526   1.00 28.07 ? 44  DT  D N3    1 
ATOM   885  C C4    . DT  D 1 8  ? -1.896  1.972   5.364   1.00 30.26 ? 44  DT  D C4    1 
ATOM   886  O O4    . DT  D 1 8  ? -1.218  2.996   5.432   1.00 33.02 ? 44  DT  D O4    1 
ATOM   887  C C5    . DT  D 1 8  ? -3.319  1.938   5.115   1.00 27.92 ? 44  DT  D C5    1 
ATOM   888  C C7    . DT  D 1 8  ? -4.064  3.224   4.913   1.00 25.39 ? 44  DT  D C7    1 
ATOM   889  C C6    . DT  D 1 8  ? -3.914  0.749   5.069   1.00 29.69 ? 44  DT  D C6    1 
ATOM   890  P P     . DC  D 1 9  ? -5.763  -4.772  7.261   1.00 49.40 ? 45  DC  D P     1 
ATOM   891  O OP1   . DC  D 1 9  ? -6.000  -6.247  7.222   1.00 47.01 ? 45  DC  D OP1   1 
ATOM   892  O OP2   . DC  D 1 9  ? -6.661  -3.904  8.060   1.00 50.08 ? 45  DC  D OP2   1 
ATOM   893  O "O5'" . DC  D 1 9  ? -4.253  -4.516  7.702   1.00 48.60 ? 45  DC  D "O5'" 1 
ATOM   894  C "C5'" . DC  D 1 9  ? -3.185  -4.976  6.878   1.00 49.08 ? 45  DC  D "C5'" 1 
ATOM   895  C "C4'" . DC  D 1 9  ? -1.982  -5.333  7.722   1.00 49.15 ? 45  DC  D "C4'" 1 
ATOM   896  O "O4'" . DC  D 1 9  ? -1.109  -4.200  7.860   1.00 46.89 ? 45  DC  D "O4'" 1 
ATOM   897  C "C3'" . DC  D 1 9  ? -2.300  -5.760  9.145   1.00 50.59 ? 45  DC  D "C3'" 1 
ATOM   898  O "O3'" . DC  D 1 9  ? -1.291  -6.673  9.572   1.00 54.00 ? 45  DC  D "O3'" 1 
ATOM   899  C "C2'" . DC  D 1 9  ? -2.220  -4.451  9.913   1.00 47.47 ? 45  DC  D "C2'" 1 
ATOM   900  C "C1'" . DC  D 1 9  ? -1.143  -3.695  9.175   1.00 43.39 ? 45  DC  D "C1'" 1 
ATOM   901  N N1    . DC  D 1 9  ? -1.399  -2.279  9.037   1.00 42.17 ? 45  DC  D N1    1 
ATOM   902  C C2    . DC  D 1 9  ? -0.316  -1.445  8.937   1.00 43.68 ? 45  DC  D C2    1 
ATOM   903  O O2    . DC  D 1 9  ? 0.822   -1.955  8.982   1.00 44.60 ? 45  DC  D O2    1 
ATOM   904  N N3    . DC  D 1 9  ? -0.512  -0.108  8.787   1.00 43.61 ? 45  DC  D N3    1 
ATOM   905  C C4    . DC  D 1 9  ? -1.753  0.375   8.740   1.00 38.71 ? 45  DC  D C4    1 
ATOM   906  N N4    . DC  D 1 9  ? -1.899  1.684   8.607   1.00 40.05 ? 45  DC  D N4    1 
ATOM   907  C C5    . DC  D 1 9  ? -2.890  -0.470  8.833   1.00 39.73 ? 45  DC  D C5    1 
ATOM   908  C C6    . DC  D 1 9  ? -2.670  -1.780  8.986   1.00 40.76 ? 45  DC  D C6    1 
ATOM   909  P P     . DG  D 1 10 ? -1.289  -7.186  11.086  1.00 58.65 ? 46  DG  D P     1 
ATOM   910  O OP1   . DG  D 1 10 ? -0.751  -8.578  11.055  1.00 57.49 ? 46  DG  D OP1   1 
ATOM   911  O OP2   . DG  D 1 10 ? -2.657  -6.919  11.653  1.00 56.52 ? 46  DG  D OP2   1 
ATOM   912  O "O5'" . DG  D 1 10 ? -0.252  -6.196  11.798  1.00 56.25 ? 46  DG  D "O5'" 1 
ATOM   913  C "C5'" . DG  D 1 10 ? 1.023   -5.927  11.205  1.00 52.64 ? 46  DG  D "C5'" 1 
ATOM   914  C "C4'" . DG  D 1 10 ? 1.860   -5.065  12.124  1.00 49.59 ? 46  DG  D "C4'" 1 
ATOM   915  O "O4'" . DG  D 1 10 ? 1.633   -3.654  11.902  1.00 46.52 ? 46  DG  D "O4'" 1 
ATOM   916  C "C3'" . DG  D 1 10 ? 1.627   -5.319  13.614  1.00 49.81 ? 46  DG  D "C3'" 1 
ATOM   917  O "O3'" . DG  D 1 10 ? 2.904   -5.361  14.271  1.00 51.52 ? 46  DG  D "O3'" 1 
ATOM   918  C "C2'" . DG  D 1 10 ? 0.789   -4.122  14.038  1.00 48.43 ? 46  DG  D "C2'" 1 
ATOM   919  C "C1'" . DG  D 1 10 ? 1.296   -3.023  13.119  1.00 44.96 ? 46  DG  D "C1'" 1 
ATOM   920  N N9    . DG  D 1 10 ? 0.316   -1.980  12.827  1.00 44.23 ? 46  DG  D N9    1 
ATOM   921  C C8    . DG  D 1 10 ? -1.048  -2.125  12.720  1.00 42.99 ? 46  DG  D C8    1 
ATOM   922  N N7    . DG  D 1 10 ? -1.663  -0.997  12.459  1.00 40.96 ? 46  DG  D N7    1 
ATOM   923  C C5    . DG  D 1 10 ? -0.643  -0.057  12.394  1.00 35.74 ? 46  DG  D C5    1 
ATOM   924  C C6    . DG  D 1 10 ? -0.703  1.331   12.148  1.00 35.50 ? 46  DG  D C6    1 
ATOM   925  O O6    . DG  D 1 10 ? -1.699  2.030   11.944  1.00 32.01 ? 46  DG  D O6    1 
ATOM   926  N N1    . DG  D 1 10 ? 0.563   1.912   12.161  1.00 36.84 ? 46  DG  D N1    1 
ATOM   927  C C2    . DG  D 1 10 ? 1.733   1.238   12.398  1.00 40.02 ? 46  DG  D C2    1 
ATOM   928  N N2    . DG  D 1 10 ? 2.848   1.980   12.378  1.00 40.40 ? 46  DG  D N2    1 
ATOM   929  N N3    . DG  D 1 10 ? 1.802   -0.068  12.638  1.00 37.24 ? 46  DG  D N3    1 
ATOM   930  C C4    . DG  D 1 10 ? 0.583   -0.644  12.616  1.00 37.72 ? 46  DG  D C4    1 
ATOM   931  P P     . DG  D 1 11 ? 3.009   -5.641  15.857  1.00 51.35 ? 47  DG  D P     1 
ATOM   932  O OP1   . DG  D 1 11 ? 3.980   -6.759  16.061  1.00 51.35 ? 47  DG  D OP1   1 
ATOM   933  O OP2   . DG  D 1 11 ? 1.643   -5.733  16.441  1.00 52.14 ? 47  DG  D OP2   1 
ATOM   934  O "O5'" . DG  D 1 11 ? 3.672   -4.293  16.360  1.00 46.33 ? 47  DG  D "O5'" 1 
ATOM   935  C "C5'" . DG  D 1 11 ? 4.716   -3.727  15.603  1.00 40.48 ? 47  DG  D "C5'" 1 
ATOM   936  C "C4'" . DG  D 1 11 ? 4.921   -2.284  15.995  1.00 39.17 ? 47  DG  D "C4'" 1 
ATOM   937  O "O4'" . DG  D 1 11 ? 3.890   -1.425  15.443  1.00 36.31 ? 47  DG  D "O4'" 1 
ATOM   938  C "C3'" . DG  D 1 11 ? 4.961   -2.024  17.501  1.00 36.92 ? 47  DG  D "C3'" 1 
ATOM   939  O "O3'" . DG  D 1 11 ? 6.142   -1.272  17.803  1.00 35.35 ? 47  DG  D "O3'" 1 
ATOM   940  C "C2'" . DG  D 1 11 ? 3.699   -1.209  17.744  1.00 35.90 ? 47  DG  D "C2'" 1 
ATOM   941  C "C1'" . DG  D 1 11 ? 3.490   -0.498  16.416  1.00 31.75 ? 47  DG  D "C1'" 1 
ATOM   942  N N9    . DG  D 1 11 ? 2.107   -0.128  16.150  1.00 26.33 ? 47  DG  D N9    1 
ATOM   943  C C8    . DG  D 1 11 ? 1.006   -0.950  16.153  1.00 26.06 ? 47  DG  D C8    1 
ATOM   944  N N7    . DG  D 1 11 ? -0.109  -0.306  15.925  1.00 26.12 ? 47  DG  D N7    1 
ATOM   945  C C5    . DG  D 1 11 ? 0.288   1.016   15.751  1.00 24.45 ? 47  DG  D C5    1 
ATOM   946  C C6    . DG  D 1 11 ? -0.466  2.166   15.470  1.00 23.75 ? 47  DG  D C6    1 
ATOM   947  O O6    . DG  D 1 11 ? -1.661  2.263   15.301  1.00 31.02 ? 47  DG  D O6    1 
ATOM   948  N N1    . DG  D 1 11 ? 0.321   3.291   15.371  1.00 22.34 ? 47  DG  D N1    1 
ATOM   949  C C2    . DG  D 1 11 ? 1.654   3.303   15.520  1.00 24.86 ? 47  DG  D C2    1 
ATOM   950  N N2    . DG  D 1 11 ? 2.223   4.482   15.390  1.00 29.90 ? 47  DG  D N2    1 
ATOM   951  N N3    . DG  D 1 11 ? 2.386   2.242   15.775  1.00 26.36 ? 47  DG  D N3    1 
ATOM   952  C C4    . DG  D 1 11 ? 1.643   1.138   15.876  1.00 25.22 ? 47  DG  D C4    1 
ATOM   953  P P     . DT  D 1 12 ? 6.594   -1.070  19.331  1.00 35.38 ? 48  DT  D P     1 
ATOM   954  O OP1   . DT  D 1 12 ? 8.067   -1.083  19.438  1.00 36.23 ? 48  DT  D OP1   1 
ATOM   955  O OP2   . DT  D 1 12 ? 5.777   -2.011  20.170  1.00 35.41 ? 48  DT  D OP2   1 
ATOM   956  O "O5'" . DT  D 1 12 ? 6.183   0.438   19.574  1.00 27.93 ? 48  DT  D "O5'" 1 
ATOM   957  C "C5'" . DT  D 1 12 ? 6.629   1.413   18.682  1.00 25.42 ? 48  DT  D "C5'" 1 
ATOM   958  C "C4'" . DT  D 1 12 ? 5.940   2.708   18.994  1.00 27.22 ? 48  DT  D "C4'" 1 
ATOM   959  O "O4'" . DT  D 1 12 ? 4.566   2.638   18.551  1.00 29.35 ? 48  DT  D "O4'" 1 
ATOM   960  C "C3'" . DT  D 1 12 ? 5.884   3.006   20.496  1.00 27.11 ? 48  DT  D "C3'" 1 
ATOM   961  O "O3'" . DT  D 1 12 ? 6.142   4.395   20.654  1.00 32.80 ? 48  DT  D "O3'" 1 
ATOM   962  C "C2'" . DT  D 1 12 ? 4.418   2.822   20.842  1.00 26.96 ? 48  DT  D "C2'" 1 
ATOM   963  C "C1'" . DT  D 1 12 ? 3.802   3.280   19.540  1.00 27.19 ? 48  DT  D "C1'" 1 
ATOM   964  N N1    . DT  D 1 12 ? 2.416   2.915   19.352  1.00 25.29 ? 48  DT  D N1    1 
ATOM   965  C C2    . DT  D 1 12 ? 1.547   3.883   18.922  1.00 25.31 ? 48  DT  D C2    1 
ATOM   966  O O2    . DT  D 1 12 ? 1.887   5.017   18.696  1.00 27.28 ? 48  DT  D O2    1 
ATOM   967  N N3    . DT  D 1 12 ? 0.266   3.482   18.786  1.00 23.36 ? 48  DT  D N3    1 
ATOM   968  C C4    . DT  D 1 12 ? -0.227  2.226   19.046  1.00 24.17 ? 48  DT  D C4    1 
ATOM   969  O O4    . DT  D 1 12 ? -1.435  2.009   18.900  1.00 22.57 ? 48  DT  D O4    1 
ATOM   970  C C5    . DT  D 1 12 ? 0.764   1.254   19.494  1.00 19.87 ? 48  DT  D C5    1 
ATOM   971  C C7    . DT  D 1 12 ? 0.349   -0.144  19.810  1.00 25.03 ? 48  DT  D C7    1 
ATOM   972  C C6    . DT  D 1 12 ? 2.011   1.649   19.614  1.00 21.45 ? 48  DT  D C6    1 
ATOM   973  O "O5'" . DA  E 1 1  ? -11.318 7.019   -19.776 1.00 50.37 ? 49  DA  E "O5'" 1 
ATOM   974  C "C5'" . DA  E 1 1  ? -11.960 5.952   -20.532 1.00 45.13 ? 49  DA  E "C5'" 1 
ATOM   975  C "C4'" . DA  E 1 1  ? -11.760 6.150   -22.016 1.00 39.99 ? 49  DA  E "C4'" 1 
ATOM   976  O "O4'" . DA  E 1 1  ? -11.958 7.542   -22.336 1.00 37.77 ? 49  DA  E "O4'" 1 
ATOM   977  C "C3'" . DA  E 1 1  ? -10.380 5.823   -22.561 1.00 39.49 ? 49  DA  E "C3'" 1 
ATOM   978  O "O3'" . DA  E 1 1  ? -10.611 5.399   -23.912 1.00 44.24 ? 49  DA  E "O3'" 1 
ATOM   979  C "C2'" . DA  E 1 1  ? -9.645  7.151   -22.424 1.00 36.04 ? 49  DA  E "C2'" 1 
ATOM   980  C "C1'" . DA  E 1 1  ? -10.733 8.205   -22.551 1.00 31.61 ? 49  DA  E "C1'" 1 
ATOM   981  N N9    . DA  E 1 1  ? -10.702 9.307   -21.585 1.00 27.80 ? 49  DA  E N9    1 
ATOM   982  C C8    . DA  E 1 1  ? -10.496 9.247   -20.237 1.00 22.58 ? 49  DA  E C8    1 
ATOM   983  N N7    . DA  E 1 1  ? -10.584 10.423  -19.631 1.00 27.17 ? 49  DA  E N7    1 
ATOM   984  C C5    . DA  E 1 1  ? -10.870 11.314  -20.655 1.00 22.09 ? 49  DA  E C5    1 
ATOM   985  C C6    . DA  E 1 1  ? -11.083 12.725  -20.677 1.00 22.30 ? 49  DA  E C6    1 
ATOM   986  N N6    . DA  E 1 1  ? -11.059 13.513  -19.591 1.00 19.66 ? 49  DA  E N6    1 
ATOM   987  N N1    . DA  E 1 1  ? -11.320 13.308  -21.867 1.00 19.65 ? 49  DA  E N1    1 
ATOM   988  C C2    . DA  E 1 1  ? -11.351 12.530  -22.963 1.00 25.60 ? 49  DA  E C2    1 
ATOM   989  N N3    . DA  E 1 1  ? -11.175 11.192  -23.073 1.00 25.78 ? 49  DA  E N3    1 
ATOM   990  C C4    . DA  E 1 1  ? -10.931 10.644  -21.870 1.00 26.35 ? 49  DA  E C4    1 
ATOM   991  P P     . DC  E 1 2  ? -9.438  4.752   -24.816 1.00 47.21 ? 50  DC  E P     1 
ATOM   992  O OP1   . DC  E 1 2  ? -10.156 3.880   -25.778 1.00 44.12 ? 50  DC  E OP1   1 
ATOM   993  O OP2   . DC  E 1 2  ? -8.301  4.190   -24.006 1.00 45.20 ? 50  DC  E OP2   1 
ATOM   994  O "O5'" . DC  E 1 2  ? -8.962  6.035   -25.621 1.00 41.39 ? 50  DC  E "O5'" 1 
ATOM   995  C "C5'" . DC  E 1 2  ? -9.940  6.970   -26.017 1.00 40.87 ? 50  DC  E "C5'" 1 
ATOM   996  C "C4'" . DC  E 1 2  ? -9.291  8.257   -26.439 1.00 40.71 ? 50  DC  E "C4'" 1 
ATOM   997  O "O4'" . DC  E 1 2  ? -9.309  9.217   -25.356 1.00 41.24 ? 50  DC  E "O4'" 1 
ATOM   998  C "C3'" . DC  E 1 2  ? -7.841  8.142   -26.895 1.00 40.58 ? 50  DC  E "C3'" 1 
ATOM   999  O "O3'" . DC  E 1 2  ? -7.762  8.728   -28.184 1.00 44.55 ? 50  DC  E "O3'" 1 
ATOM   1000 C "C2'" . DC  E 1 2  ? -7.071  8.978   -25.878 1.00 38.53 ? 50  DC  E "C2'" 1 
ATOM   1001 C "C1'" . DC  E 1 2  ? -8.111  9.981   -25.405 1.00 34.97 ? 50  DC  E "C1'" 1 
ATOM   1002 N N1    . DC  E 1 2  ? -7.899  10.555  -24.058 1.00 27.02 ? 50  DC  E N1    1 
ATOM   1003 C C2    . DC  E 1 2  ? -7.992  11.973  -23.835 1.00 26.73 ? 50  DC  E C2    1 
ATOM   1004 O O2    . DC  E 1 2  ? -8.255  12.751  -24.801 1.00 26.39 ? 50  DC  E O2    1 
ATOM   1005 N N3    . DC  E 1 2  ? -7.798  12.444  -22.567 1.00 19.04 ? 50  DC  E N3    1 
ATOM   1006 C C4    . DC  E 1 2  ? -7.525  11.589  -21.575 1.00 23.44 ? 50  DC  E C4    1 
ATOM   1007 N N4    . DC  E 1 2  ? -7.334  12.067  -20.328 1.00 18.87 ? 50  DC  E N4    1 
ATOM   1008 C C5    . DC  E 1 2  ? -7.432  10.185  -21.793 1.00 23.65 ? 50  DC  E C5    1 
ATOM   1009 C C6    . DC  E 1 2  ? -7.627  9.722   -23.025 1.00 22.62 ? 50  DC  E C6    1 
ATOM   1010 P P     . DC  E 1 3  ? -6.457  8.512   -29.088 1.00 49.40 ? 51  DC  E P     1 
ATOM   1011 O OP1   . DC  E 1 3  ? -6.899  8.391   -30.510 1.00 44.62 ? 51  DC  E OP1   1 
ATOM   1012 O OP2   . DC  E 1 3  ? -5.651  7.428   -28.471 1.00 48.82 ? 51  DC  E OP2   1 
ATOM   1013 O "O5'" . DC  E 1 3  ? -5.720  9.910   -28.919 1.00 47.51 ? 51  DC  E "O5'" 1 
ATOM   1014 C "C5'" . DC  E 1 3  ? -6.450  11.111  -29.217 1.00 47.86 ? 51  DC  E "C5'" 1 
ATOM   1015 C "C4'" . DC  E 1 3  ? -5.577  12.321  -28.999 1.00 45.76 ? 51  DC  E "C4'" 1 
ATOM   1016 O "O4'" . DC  E 1 3  ? -5.647  12.761  -27.618 1.00 43.67 ? 51  DC  E "O4'" 1 
ATOM   1017 C "C3'" . DC  E 1 3  ? -4.097  12.031  -29.262 1.00 44.34 ? 51  DC  E "C3'" 1 
ATOM   1018 O "O3'" . DC  E 1 3  ? -3.514  13.251  -29.709 1.00 45.27 ? 51  DC  E "O3'" 1 
ATOM   1019 C "C2'" . DC  E 1 3  ? -3.584  11.691  -27.877 1.00 41.18 ? 51  DC  E "C2'" 1 
ATOM   1020 C "C1'" . DC  E 1 3  ? -4.329  12.752  -27.098 1.00 37.89 ? 51  DC  E "C1'" 1 
ATOM   1021 N N1    . DC  E 1 3  ? -4.401  12.558  -25.661 1.00 26.98 ? 51  DC  E N1    1 
ATOM   1022 C C2    . DC  E 1 3  ? -4.720  13.677  -24.857 1.00 27.09 ? 51  DC  E C2    1 
ATOM   1023 O O2    . DC  E 1 3  ? -4.964  14.776  -25.411 1.00 19.59 ? 51  DC  E O2    1 
ATOM   1024 N N3    . DC  E 1 3  ? -4.761  13.532  -23.513 1.00 22.44 ? 51  DC  E N3    1 
ATOM   1025 C C4    . DC  E 1 3  ? -4.517  12.335  -22.970 1.00 24.37 ? 51  DC  E C4    1 
ATOM   1026 N N4    . DC  E 1 3  ? -4.582  12.244  -21.653 1.00 24.19 ? 51  DC  E N4    1 
ATOM   1027 C C5    . DC  E 1 3  ? -4.203  11.178  -23.766 1.00 22.87 ? 51  DC  E C5    1 
ATOM   1028 C C6    . DC  E 1 3  ? -4.159  11.340  -25.098 1.00 23.94 ? 51  DC  E C6    1 
ATOM   1029 P P     . DG  E 1 4  ? -2.437  13.234  -30.888 1.00 44.52 ? 52  DG  E P     1 
ATOM   1030 O OP1   . DG  E 1 4  ? -3.170  12.850  -32.125 1.00 45.87 ? 52  DG  E OP1   1 
ATOM   1031 O OP2   . DG  E 1 4  ? -1.250  12.450  -30.433 1.00 45.00 ? 52  DG  E OP2   1 
ATOM   1032 O "O5'" . DG  E 1 4  ? -1.999  14.756  -30.978 1.00 44.07 ? 52  DG  E "O5'" 1 
ATOM   1033 C "C5'" . DG  E 1 4  ? -2.981  15.776  -31.111 1.00 37.99 ? 52  DG  E "C5'" 1 
ATOM   1034 C "C4'" . DG  E 1 4  ? -2.572  16.986  -30.308 1.00 34.71 ? 52  DG  E "C4'" 1 
ATOM   1035 O "O4'" . DG  E 1 4  ? -2.716  16.720  -28.892 1.00 32.95 ? 52  DG  E "O4'" 1 
ATOM   1036 C "C3'" . DG  E 1 4  ? -1.137  17.461  -30.508 1.00 32.59 ? 52  DG  E "C3'" 1 
ATOM   1037 O "O3'" . DG  E 1 4  ? -1.188  18.878  -30.670 1.00 35.69 ? 52  DG  E "O3'" 1 
ATOM   1038 C "C2'" . DG  E 1 4  ? -0.417  17.019  -29.238 1.00 26.43 ? 52  DG  E "C2'" 1 
ATOM   1039 C "C1'" . DG  E 1 4  ? -1.506  16.985  -28.187 1.00 25.51 ? 52  DG  E "C1'" 1 
ATOM   1040 N N9    . DG  E 1 4  ? -1.376  15.912  -27.212 1.00 19.09 ? 52  DG  E N9    1 
ATOM   1041 C C8    . DG  E 1 4  ? -1.112  14.597  -27.483 1.00 16.56 ? 52  DG  E C8    1 
ATOM   1042 N N7    . DG  E 1 4  ? -1.076  13.842  -26.411 1.00 20.71 ? 52  DG  E N7    1 
ATOM   1043 C C5    . DG  E 1 4  ? -1.334  14.720  -25.366 1.00 14.79 ? 52  DG  E C5    1 
ATOM   1044 C C6    . DG  E 1 4  ? -1.435  14.479  -23.965 1.00 13.79 ? 52  DG  E C6    1 
ATOM   1045 O O6    . DG  E 1 4  ? -1.292  13.410  -23.357 1.00 15.54 ? 52  DG  E O6    1 
ATOM   1046 N N1    . DG  E 1 4  ? -1.729  15.641  -23.254 1.00 12.84 ? 52  DG  E N1    1 
ATOM   1047 C C2    . DG  E 1 4  ? -1.901  16.876  -23.826 1.00 20.72 ? 52  DG  E C2    1 
ATOM   1048 N N2    . DG  E 1 4  ? -2.160  17.853  -22.986 1.00 20.64 ? 52  DG  E N2    1 
ATOM   1049 N N3    . DG  E 1 4  ? -1.819  17.128  -25.141 1.00 22.61 ? 52  DG  E N3    1 
ATOM   1050 C C4    . DG  E 1 4  ? -1.526  16.005  -25.845 1.00 20.01 ? 52  DG  E C4    1 
ATOM   1051 P P     . DA  E 1 5  ? 0.124   19.756  -30.454 1.00 41.47 ? 53  DA  E P     1 
ATOM   1052 O OP1   . DA  E 1 5  ? -0.127  21.108  -31.036 1.00 42.20 ? 53  DA  E OP1   1 
ATOM   1053 O OP2   . DA  E 1 5  ? 1.374   19.010  -30.821 1.00 41.16 ? 53  DA  E OP2   1 
ATOM   1054 O "O5'" . DA  E 1 5  ? 0.105   20.005  -28.893 1.00 42.52 ? 53  DA  E "O5'" 1 
ATOM   1055 C "C5'" . DA  E 1 5  ? -0.817  20.932  -28.348 1.00 38.14 ? 53  DA  E "C5'" 1 
ATOM   1056 C "C4'" . DA  E 1 5  ? -0.283  21.461  -27.043 1.00 34.87 ? 53  DA  E "C4'" 1 
ATOM   1057 O "O4'" . DA  E 1 5  ? -0.189  20.364  -26.122 1.00 28.45 ? 53  DA  E "O4'" 1 
ATOM   1058 C "C3'" . DA  E 1 5  ? 1.108   22.089  -27.109 1.00 33.96 ? 53  DA  E "C3'" 1 
ATOM   1059 O "O3'" . DA  E 1 5  ? 1.079   23.216  -26.213 1.00 39.96 ? 53  DA  E "O3'" 1 
ATOM   1060 C "C2'" . DA  E 1 5  ? 2.028   20.958  -26.668 1.00 27.83 ? 53  DA  E "C2'" 1 
ATOM   1061 C "C1'" . DA  E 1 5  ? 1.150   20.179  -25.692 1.00 28.58 ? 53  DA  E "C1'" 1 
ATOM   1062 N N9    . DA  E 1 5  ? 1.370   18.736  -25.602 1.00 23.77 ? 53  DA  E N9    1 
ATOM   1063 C C8    . DA  E 1 5  ? 1.607   17.849  -26.629 1.00 23.56 ? 53  DA  E C8    1 
ATOM   1064 N N7    . DA  E 1 5  ? 1.756   16.610  -26.228 1.00 21.43 ? 53  DA  E N7    1 
ATOM   1065 C C5    . DA  E 1 5  ? 1.599   16.679  -24.854 1.00 17.07 ? 53  DA  E C5    1 
ATOM   1066 C C6    . DA  E 1 5  ? 1.642   15.697  -23.857 1.00 18.31 ? 53  DA  E C6    1 
ATOM   1067 N N6    . DA  E 1 5  ? 1.851   14.411  -24.110 1.00 21.61 ? 53  DA  E N6    1 
ATOM   1068 N N1    . DA  E 1 5  ? 1.462   16.079  -22.577 1.00 18.07 ? 53  DA  E N1    1 
ATOM   1069 C C2    . DA  E 1 5  ? 1.248   17.385  -22.335 1.00 22.33 ? 53  DA  E C2    1 
ATOM   1070 N N3    . DA  E 1 5  ? 1.177   18.408  -23.196 1.00 19.86 ? 53  DA  E N3    1 
ATOM   1071 C C4    . DA  E 1 5  ? 1.366   17.980  -24.453 1.00 20.22 ? 53  DA  E C4    1 
ATOM   1072 P P     . DA  E 1 6  ? 2.382   24.140  -26.004 1.00 42.47 ? 54  DA  E P     1 
ATOM   1073 O OP1   . DA  E 1 6  ? 1.950   25.553  -25.876 1.00 41.31 ? 54  DA  E OP1   1 
ATOM   1074 O OP2   . DA  E 1 6  ? 3.396   23.779  -27.039 1.00 43.12 ? 54  DA  E OP2   1 
ATOM   1075 O "O5'" . DA  E 1 6  ? 2.862   23.652  -24.569 1.00 38.83 ? 54  DA  E "O5'" 1 
ATOM   1076 C "C5'" . DA  E 1 6  ? 1.952   23.655  -23.500 1.00 35.95 ? 54  DA  E "C5'" 1 
ATOM   1077 C "C4'" . DA  E 1 6  ? 2.563   23.002  -22.290 1.00 37.72 ? 54  DA  E "C4'" 1 
ATOM   1078 O "O4'" . DA  E 1 6  ? 2.665   21.572  -22.465 1.00 37.12 ? 54  DA  E "O4'" 1 
ATOM   1079 C "C3'" . DA  E 1 6  ? 3.954   23.476  -21.871 1.00 40.48 ? 54  DA  E "C3'" 1 
ATOM   1080 O "O3'" . DA  E 1 6  ? 3.935   23.728  -20.460 1.00 46.14 ? 54  DA  E "O3'" 1 
ATOM   1081 C "C2'" . DA  E 1 6  ? 4.843   22.265  -22.146 1.00 37.94 ? 54  DA  E "C2'" 1 
ATOM   1082 C "C1'" . DA  E 1 6  ? 3.892   21.109  -21.913 1.00 31.96 ? 54  DA  E "C1'" 1 
ATOM   1083 N N9    . DA  E 1 6  ? 4.224   19.867  -22.610 1.00 26.56 ? 54  DA  E N9    1 
ATOM   1084 C C8    . DA  E 1 6  ? 4.400   19.767  -23.963 1.00 16.68 ? 54  DA  E C8    1 
ATOM   1085 N N7    . DA  E 1 6  ? 4.657   18.555  -24.367 1.00 15.57 ? 54  DA  E N7    1 
ATOM   1086 C C5    . DA  E 1 6  ? 4.651   17.799  -23.205 1.00 11.98 ? 54  DA  E C5    1 
ATOM   1087 C C6    . DA  E 1 6  ? 4.842   16.400  -22.987 1.00 16.87 ? 54  DA  E C6    1 
ATOM   1088 N N6    . DA  E 1 6  ? 5.068   15.538  -23.992 1.00 13.16 ? 54  DA  E N6    1 
ATOM   1089 N N1    . DA  E 1 6  ? 4.786   15.935  -21.713 1.00 5.70  ? 54  DA  E N1    1 
ATOM   1090 C C2    . DA  E 1 6  ? 4.553   16.850  -20.731 1.00 16.51 ? 54  DA  E C2    1 
ATOM   1091 N N3    . DA  E 1 6  ? 4.341   18.189  -20.830 1.00 15.83 ? 54  DA  E N3    1 
ATOM   1092 C C4    . DA  E 1 6  ? 4.399   18.592  -22.111 1.00 15.82 ? 54  DA  E C4    1 
ATOM   1093 P P     . DT  E 1 7  ? 5.289   24.148  -19.705 1.00 47.30 ? 55  DT  E P     1 
ATOM   1094 O OP1   . DT  E 1 7  ? 4.931   24.887  -18.458 1.00 48.82 ? 55  DT  E OP1   1 
ATOM   1095 O OP2   . DT  E 1 7  ? 6.170   24.791  -20.718 1.00 49.76 ? 55  DT  E OP2   1 
ATOM   1096 O "O5'" . DT  E 1 7  ? 5.855   22.745  -19.267 1.00 42.80 ? 55  DT  E "O5'" 1 
ATOM   1097 C "C5'" . DT  E 1 7  ? 5.074   21.960  -18.423 1.00 38.98 ? 55  DT  E "C5'" 1 
ATOM   1098 C "C4'" . DT  E 1 7  ? 5.914   20.860  -17.854 1.00 36.84 ? 55  DT  E "C4'" 1 
ATOM   1099 O "O4'" . DT  E 1 7  ? 6.099   19.850  -18.866 1.00 36.52 ? 55  DT  E "O4'" 1 
ATOM   1100 C "C3'" . DT  E 1 7  ? 7.308   21.306  -17.434 1.00 36.01 ? 55  DT  E "C3'" 1 
ATOM   1101 O "O3'" . DT  E 1 7  ? 7.535   20.712  -16.159 1.00 38.34 ? 55  DT  E "O3'" 1 
ATOM   1102 C "C2'" . DT  E 1 7  ? 8.202   20.735  -18.534 1.00 34.56 ? 55  DT  E "C2'" 1 
ATOM   1103 C "C1'" . DT  E 1 7  ? 7.451   19.474  -18.916 1.00 28.13 ? 55  DT  E "C1'" 1 
ATOM   1104 N N1    . DT  E 1 7  ? 7.679   18.832  -20.236 1.00 20.06 ? 55  DT  E N1    1 
ATOM   1105 C C2    . DT  E 1 7  ? 7.772   17.445  -20.246 1.00 16.59 ? 55  DT  E C2    1 
ATOM   1106 O O2    . DT  E 1 7  ? 7.700   16.770  -19.247 1.00 17.08 ? 55  DT  E O2    1 
ATOM   1107 N N3    . DT  E 1 7  ? 7.943   16.882  -21.484 1.00 10.50 ? 55  DT  E N3    1 
ATOM   1108 C C4    . DT  E 1 7  ? 8.033   17.546  -22.682 1.00 14.44 ? 55  DT  E C4    1 
ATOM   1109 O O4    . DT  E 1 7  ? 8.184   16.925  -23.734 1.00 12.24 ? 55  DT  E O4    1 
ATOM   1110 C C5    . DT  E 1 7  ? 7.940   18.988  -22.597 1.00 4.12  ? 55  DT  E C5    1 
ATOM   1111 C C7    . DT  E 1 7  ? 8.041   19.746  -23.855 1.00 2.00  ? 55  DT  E C7    1 
ATOM   1112 C C6    . DT  E 1 7  ? 7.769   19.555  -21.401 1.00 11.35 ? 55  DT  E C6    1 
ATOM   1113 P P     . DT  E 1 8  ? 8.865   21.041  -15.346 1.00 40.99 ? 56  DT  E P     1 
ATOM   1114 O OP1   . DT  E 1 8  ? 8.519   21.310  -13.929 1.00 45.54 ? 56  DT  E OP1   1 
ATOM   1115 O OP2   . DT  E 1 8  ? 9.652   22.044  -16.110 1.00 40.39 ? 56  DT  E OP2   1 
ATOM   1116 O "O5'" . DT  E 1 8  ? 9.546   19.618  -15.312 1.00 39.01 ? 56  DT  E "O5'" 1 
ATOM   1117 C "C5'" . DT  E 1 8  ? 8.773   18.518  -14.891 1.00 36.95 ? 56  DT  E "C5'" 1 
ATOM   1118 C "C4'" . DT  E 1 8  ? 9.494   17.227  -15.187 1.00 36.82 ? 56  DT  E "C4'" 1 
ATOM   1119 O "O4'" . DT  E 1 8  ? 9.542   16.905  -16.607 1.00 36.04 ? 56  DT  E "O4'" 1 
ATOM   1120 C "C3'" . DT  E 1 8  ? 10.934  17.202  -14.711 1.00 34.16 ? 56  DT  E "C3'" 1 
ATOM   1121 O "O3'" . DT  E 1 8  ? 11.165  15.899  -14.220 1.00 37.08 ? 56  DT  E "O3'" 1 
ATOM   1122 C "C2'" . DT  E 1 8  ? 11.722  17.372  -15.995 1.00 32.22 ? 56  DT  E "C2'" 1 
ATOM   1123 C "C1'" . DT  E 1 8  ? 10.874  16.539  -16.934 1.00 30.26 ? 56  DT  E "C1'" 1 
ATOM   1124 N N1    . DT  E 1 8  ? 11.080  16.777  -18.367 1.00 18.22 ? 56  DT  E N1    1 
ATOM   1125 C C2    . DT  E 1 8  ? 11.251  15.691  -19.209 1.00 18.85 ? 56  DT  E C2    1 
ATOM   1126 O O2    . DT  E 1 8  ? 11.247  14.547  -18.834 1.00 21.92 ? 56  DT  E O2    1 
ATOM   1127 N N3    . DT  E 1 8  ? 11.423  15.997  -20.521 1.00 17.97 ? 56  DT  E N3    1 
ATOM   1128 C C4    . DT  E 1 8  ? 11.444  17.247  -21.075 1.00 10.27 ? 56  DT  E C4    1 
ATOM   1129 O O4    . DT  E 1 8  ? 11.598  17.364  -22.278 1.00 8.75  ? 56  DT  E O4    1 
ATOM   1130 C C5    . DT  E 1 8  ? 11.266  18.346  -20.139 1.00 16.01 ? 56  DT  E C5    1 
ATOM   1131 C C7    . DT  E 1 8  ? 11.280  19.743  -20.651 1.00 7.62  ? 56  DT  E C7    1 
ATOM   1132 C C6    . DT  E 1 8  ? 11.094  18.057  -18.848 1.00 17.03 ? 56  DT  E C6    1 
ATOM   1133 P P     . DC  E 1 9  ? 12.178  15.680  -13.004 1.00 43.43 ? 57  DC  E P     1 
ATOM   1134 O OP1   . DC  E 1 9  ? 11.384  15.220  -11.827 1.00 40.37 ? 57  DC  E OP1   1 
ATOM   1135 O OP2   . DC  E 1 9  ? 13.071  16.884  -12.914 1.00 38.00 ? 57  DC  E OP2   1 
ATOM   1136 O "O5'" . DC  E 1 9  ? 13.021  14.452  -13.520 1.00 42.62 ? 57  DC  E "O5'" 1 
ATOM   1137 C "C5'" . DC  E 1 9  ? 12.334  13.358  -14.067 1.00 41.80 ? 57  DC  E "C5'" 1 
ATOM   1138 C "C4'" . DC  E 1 9  ? 13.238  12.634  -15.017 1.00 39.98 ? 57  DC  E "C4'" 1 
ATOM   1139 O "O4'" . DC  E 1 9  ? 13.296  13.370  -16.250 1.00 36.88 ? 57  DC  E "O4'" 1 
ATOM   1140 C "C3'" . DC  E 1 9  ? 14.669  12.553  -14.501 1.00 41.49 ? 57  DC  E "C3'" 1 
ATOM   1141 O "O3'" . DC  E 1 9  ? 15.079  11.199  -14.610 1.00 44.26 ? 57  DC  E "O3'" 1 
ATOM   1142 C "C2'" . DC  E 1 9  ? 15.458  13.485  -15.416 1.00 37.89 ? 57  DC  E "C2'" 1 
ATOM   1143 C "C1'" . DC  E 1 9  ? 14.639  13.450  -16.692 1.00 33.59 ? 57  DC  E "C1'" 1 
ATOM   1144 N N1    . DC  E 1 9  ? 14.712  14.617  -17.579 1.00 23.70 ? 57  DC  E N1    1 
ATOM   1145 C C2    . DC  E 1 9  ? 14.760  14.403  -18.949 1.00 19.04 ? 57  DC  E C2    1 
ATOM   1146 O O2    . DC  E 1 9  ? 14.825  13.239  -19.354 1.00 11.59 ? 57  DC  E O2    1 
ATOM   1147 N N3    . DC  E 1 9  ? 14.743  15.454  -19.788 1.00 10.80 ? 57  DC  E N3    1 
ATOM   1148 C C4    . DC  E 1 9  ? 14.718  16.698  -19.282 1.00 19.66 ? 57  DC  E C4    1 
ATOM   1149 N N4    . DC  E 1 9  ? 14.710  17.742  -20.134 1.00 12.33 ? 57  DC  E N4    1 
ATOM   1150 C C5    . DC  E 1 9  ? 14.701  16.938  -17.879 1.00 15.02 ? 57  DC  E C5    1 
ATOM   1151 C C6    . DC  E 1 9  ? 14.699  15.880  -17.075 1.00 19.50 ? 57  DC  E C6    1 
ATOM   1152 P P     . DG  E 1 10 ? 16.327  10.682  -13.756 1.00 46.25 ? 58  DG  E P     1 
ATOM   1153 O OP1   . DG  E 1 10 ? 15.980  9.336   -13.184 1.00 43.27 ? 58  DG  E OP1   1 
ATOM   1154 O OP2   . DG  E 1 10 ? 16.742  11.772  -12.860 1.00 42.41 ? 58  DG  E OP2   1 
ATOM   1155 O "O5'" . DG  E 1 10 ? 17.393  10.498  -14.915 1.00 40.84 ? 58  DG  E "O5'" 1 
ATOM   1156 C "C5'" . DG  E 1 10 ? 17.082  9.610   -15.973 1.00 35.67 ? 58  DG  E "C5'" 1 
ATOM   1157 C "C4'" . DG  E 1 10 ? 18.055  9.786   -17.099 1.00 33.00 ? 58  DG  E "C4'" 1 
ATOM   1158 O "O4'" . DG  E 1 10 ? 17.809  11.018  -17.804 1.00 30.73 ? 58  DG  E "O4'" 1 
ATOM   1159 C "C3'" . DG  E 1 10 ? 19.497  9.846   -16.635 1.00 34.05 ? 58  DG  E "C3'" 1 
ATOM   1160 O "O3'" . DG  E 1 10 ? 20.219  9.094   -17.553 1.00 37.93 ? 58  DG  E "O3'" 1 
ATOM   1161 C "C2'" . DG  E 1 10 ? 19.868  11.299  -16.794 1.00 31.57 ? 58  DG  E "C2'" 1 
ATOM   1162 C "C1'" . DG  E 1 10 ? 19.039  11.653  -18.007 1.00 30.02 ? 58  DG  E "C1'" 1 
ATOM   1163 N N9    . DG  E 1 10 ? 18.792  13.073  -18.125 1.00 22.51 ? 58  DG  E N9    1 
ATOM   1164 C C8    . DG  E 1 10 ? 18.716  13.975  -17.108 1.00 23.24 ? 58  DG  E C8    1 
ATOM   1165 N N7    . DG  E 1 10 ? 18.525  15.192  -17.522 1.00 23.15 ? 58  DG  E N7    1 
ATOM   1166 C C5    . DG  E 1 10 ? 18.464  15.075  -18.896 1.00 18.82 ? 58  DG  E C5    1 
ATOM   1167 C C6    . DG  E 1 10 ? 18.260  16.049  -19.871 1.00 16.79 ? 58  DG  E C6    1 
ATOM   1168 O O6    . DG  E 1 10 ? 18.082  17.256  -19.713 1.00 24.05 ? 58  DG  E O6    1 
ATOM   1169 N N1    . DG  E 1 10 ? 18.259  15.510  -21.146 1.00 14.49 ? 58  DG  E N1    1 
ATOM   1170 C C2    . DG  E 1 10 ? 18.427  14.187  -21.432 1.00 15.13 ? 58  DG  E C2    1 
ATOM   1171 N N2    . DG  E 1 10 ? 18.400  13.860  -22.701 1.00 19.69 ? 58  DG  E N2    1 
ATOM   1172 N N3    . DG  E 1 10 ? 18.612  13.249  -20.521 1.00 18.70 ? 58  DG  E N3    1 
ATOM   1173 C C4    . DG  E 1 10 ? 18.619  13.768  -19.278 1.00 22.24 ? 58  DG  E C4    1 
ATOM   1174 P P     . DG  E 1 11 ? 20.830  7.722   -17.085 1.00 40.48 ? 59  DG  E P     1 
ATOM   1175 O OP1   . DG  E 1 11 ? 19.690  6.848   -16.678 1.00 42.62 ? 59  DG  E OP1   1 
ATOM   1176 O OP2   . DG  E 1 11 ? 21.861  8.113   -16.094 1.00 40.54 ? 59  DG  E OP2   1 
ATOM   1177 O "O5'" . DG  E 1 11 ? 21.472  7.188   -18.433 1.00 38.81 ? 59  DG  E "O5'" 1 
ATOM   1178 C "C5'" . DG  E 1 11 ? 20.619  6.921   -19.542 1.00 37.06 ? 59  DG  E "C5'" 1 
ATOM   1179 C "C4'" . DG  E 1 11 ? 21.214  7.466   -20.818 1.00 33.66 ? 59  DG  E "C4'" 1 
ATOM   1180 O "O4'" . DG  E 1 11 ? 21.033  8.899   -20.950 1.00 32.21 ? 59  DG  E "O4'" 1 
ATOM   1181 C "C3'" . DG  E 1 11 ? 22.706  7.213   -20.973 1.00 32.85 ? 59  DG  E "C3'" 1 
ATOM   1182 O "O3'" . DG  E 1 11 ? 22.917  6.784   -22.289 1.00 32.52 ? 59  DG  E "O3'" 1 
ATOM   1183 C "C2'" . DG  E 1 11 ? 23.346  8.586   -20.792 1.00 31.51 ? 59  DG  E "C2'" 1 
ATOM   1184 C "C1'" . DG  E 1 11 ? 22.267  9.527   -21.293 1.00 26.01 ? 59  DG  E "C1'" 1 
ATOM   1185 N N9    . DG  E 1 11 ? 22.255  10.825  -20.640 1.00 22.14 ? 59  DG  E N9    1 
ATOM   1186 C C8    . DG  E 1 11 ? 22.351  11.043  -19.288 1.00 16.13 ? 59  DG  E C8    1 
ATOM   1187 N N7    . DG  E 1 11 ? 22.259  12.313  -18.964 1.00 16.30 ? 59  DG  E N7    1 
ATOM   1188 C C5    . DG  E 1 11 ? 22.097  12.975  -20.174 1.00 8.45  ? 59  DG  E C5    1 
ATOM   1189 C C6    . DG  E 1 11 ? 21.915  14.337  -20.414 1.00 13.67 ? 59  DG  E C6    1 
ATOM   1190 O O6    . DG  E 1 11 ? 21.815  15.232  -19.594 1.00 13.41 ? 59  DG  E O6    1 
ATOM   1191 N N1    . DG  E 1 11 ? 21.811  14.627  -21.760 1.00 8.96  ? 59  DG  E N1    1 
ATOM   1192 C C2    . DG  E 1 11 ? 21.830  13.686  -22.764 1.00 19.54 ? 59  DG  E C2    1 
ATOM   1193 N N2    . DG  E 1 11 ? 21.705  14.205  -23.994 1.00 8.89  ? 59  DG  E N2    1 
ATOM   1194 N N3    . DG  E 1 11 ? 21.959  12.349  -22.558 1.00 9.12  ? 59  DG  E N3    1 
ATOM   1195 C C4    . DG  E 1 11 ? 22.102  12.082  -21.232 1.00 17.11 ? 59  DG  E C4    1 
ATOM   1196 P P     . DT  E 1 12 ? 24.370  6.326   -22.731 1.00 37.24 ? 60  DT  E P     1 
ATOM   1197 O OP1   . DT  E 1 12 ? 24.144  5.107   -23.574 1.00 30.05 ? 60  DT  E OP1   1 
ATOM   1198 O OP2   . DT  E 1 12 ? 25.249  6.263   -21.512 1.00 38.80 ? 60  DT  E OP2   1 
ATOM   1199 O "O5'" . DT  E 1 12 ? 24.948  7.565   -23.553 1.00 34.23 ? 60  DT  E "O5'" 1 
ATOM   1200 C "C5'" . DT  E 1 12 ? 24.326  8.009   -24.732 1.00 29.15 ? 60  DT  E "C5'" 1 
ATOM   1201 C "C4'" . DT  E 1 12 ? 24.769  9.413   -25.038 1.00 25.62 ? 60  DT  E "C4'" 1 
ATOM   1202 O "O4'" . DT  E 1 12 ? 24.422  10.238  -23.915 1.00 26.39 ? 60  DT  E "O4'" 1 
ATOM   1203 C "C3'" . DT  E 1 12 ? 26.264  9.637   -25.208 1.00 25.72 ? 60  DT  E "C3'" 1 
ATOM   1204 O "O3'" . DT  E 1 12 ? 26.867  9.379   -26.478 1.00 28.94 ? 60  DT  E "O3'" 1 
ATOM   1205 C "C2'" . DT  E 1 12 ? 26.505  11.016  -24.609 1.00 26.21 ? 60  DT  E "C2'" 1 
ATOM   1206 C "C1'" . DT  E 1 12 ? 25.141  11.452  -24.084 1.00 22.58 ? 60  DT  E "C1'" 1 
ATOM   1207 N N1    . DT  E 1 12 ? 25.282  12.089  -22.770 1.00 15.89 ? 60  DT  E N1    1 
ATOM   1208 C C2    . DT  E 1 12 ? 25.225  13.493  -22.666 1.00 15.00 ? 60  DT  E C2    1 
ATOM   1209 O O2    . DT  E 1 12 ? 25.022  14.234  -23.598 1.00 15.38 ? 60  DT  E O2    1 
ATOM   1210 N N3    . DT  E 1 12 ? 25.426  13.977  -21.416 1.00 4.18  ? 60  DT  E N3    1 
ATOM   1211 C C4    . DT  E 1 12 ? 25.649  13.237  -20.277 1.00 10.81 ? 60  DT  E C4    1 
ATOM   1212 O O4    . DT  E 1 12 ? 25.762  13.792  -19.205 1.00 12.02 ? 60  DT  E O4    1 
ATOM   1213 C C5    . DT  E 1 12 ? 25.700  11.801  -20.450 1.00 2.00  ? 60  DT  E C5    1 
ATOM   1214 C C7    . DT  E 1 12 ? 25.949  10.965  -19.247 1.00 6.63  ? 60  DT  E C7    1 
ATOM   1215 C C6    . DT  E 1 12 ? 25.511  11.300  -21.667 1.00 5.37  ? 60  DT  E C6    1 
ATOM   1216 O "O5'" . DA  F 1 1  ? 25.898  25.677  -22.409 1.00 32.77 ? 61  DA  F "O5'" 1 
ATOM   1217 C "C5'" . DA  F 1 1  ? 26.199  24.258  -22.615 1.00 28.02 ? 61  DA  F "C5'" 1 
ATOM   1218 C "C4'" . DA  F 1 1  ? 25.074  23.299  -22.944 1.00 24.77 ? 61  DA  F "C4'" 1 
ATOM   1219 O "O4'" . DA  F 1 1  ? 25.287  21.971  -22.399 1.00 24.36 ? 61  DA  F "O4'" 1 
ATOM   1220 C "C3'" . DA  F 1 1  ? 23.620  23.657  -22.606 1.00 22.05 ? 61  DA  F "C3'" 1 
ATOM   1221 O "O3'" . DA  F 1 1  ? 22.861  23.211  -23.719 1.00 22.47 ? 61  DA  F "O3'" 1 
ATOM   1222 C "C2'" . DA  F 1 1  ? 23.295  22.675  -21.495 1.00 16.59 ? 61  DA  F "C2'" 1 
ATOM   1223 C "C1'" . DA  F 1 1  ? 24.047  21.464  -21.988 1.00 13.97 ? 61  DA  F "C1'" 1 
ATOM   1224 N N9    . DA  F 1 1  ? 24.314  20.428  -21.010 1.00 17.55 ? 61  DA  F N9    1 
ATOM   1225 C C8    . DA  F 1 1  ? 24.364  20.503  -19.645 1.00 16.68 ? 61  DA  F C8    1 
ATOM   1226 N N7    . DA  F 1 1  ? 24.601  19.338  -19.057 1.00 15.90 ? 61  DA  F N7    1 
ATOM   1227 C C5    . DA  F 1 1  ? 24.714  18.453  -20.115 1.00 10.54 ? 61  DA  F C5    1 
ATOM   1228 C C6    . DA  F 1 1  ? 24.952  17.066  -20.163 1.00 14.67 ? 61  DA  F C6    1 
ATOM   1229 N N6    . DA  F 1 1  ? 25.117  16.332  -19.069 1.00 3.30  ? 61  DA  F N6    1 
ATOM   1230 N N1    . DA  F 1 1  ? 25.022  16.462  -21.391 1.00 13.02 ? 61  DA  F N1    1 
ATOM   1231 C C2    . DA  F 1 1  ? 24.855  17.229  -22.485 1.00 17.92 ? 61  DA  F C2    1 
ATOM   1232 N N3    . DA  F 1 1  ? 24.619  18.564  -22.559 1.00 19.45 ? 61  DA  F N3    1 
ATOM   1233 C C4    . DA  F 1 1  ? 24.559  19.111  -21.324 1.00 15.88 ? 61  DA  F C4    1 
ATOM   1234 P P     . DC  F 1 2  ? 22.106  24.250  -24.662 1.00 21.52 ? 62  DC  F P     1 
ATOM   1235 O OP1   . DC  F 1 2  ? 22.944  25.470  -24.957 1.00 21.64 ? 62  DC  F OP1   1 
ATOM   1236 O OP2   . DC  F 1 2  ? 20.708  24.438  -24.124 1.00 22.04 ? 62  DC  F OP2   1 
ATOM   1237 O "O5'" . DC  F 1 2  ? 21.937  23.320  -25.936 1.00 23.73 ? 62  DC  F "O5'" 1 
ATOM   1238 C "C5'" . DC  F 1 2  ? 23.048  22.603  -26.445 1.00 21.99 ? 62  DC  F "C5'" 1 
ATOM   1239 C "C4'" . DC  F 1 2  ? 22.655  21.198  -26.837 1.00 19.10 ? 62  DC  F "C4'" 1 
ATOM   1240 O "O4'" . DC  F 1 2  ? 22.728  20.358  -25.678 1.00 16.14 ? 62  DC  F "O4'" 1 
ATOM   1241 C "C3'" . DC  F 1 2  ? 21.287  20.946  -27.468 1.00 22.33 ? 62  DC  F "C3'" 1 
ATOM   1242 O "O3'" . DC  F 1 2  ? 21.521  20.167  -28.653 1.00 26.51 ? 62  DC  F "O3'" 1 
ATOM   1243 C "C2'" . DC  F 1 2  ? 20.556  20.098  -26.421 1.00 20.05 ? 62  DC  F "C2'" 1 
ATOM   1244 C "C1'" . DC  F 1 2  ? 21.695  19.405  -25.704 1.00 17.34 ? 62  DC  F "C1'" 1 
ATOM   1245 N N1    . DC  F 1 2  ? 21.491  18.990  -24.305 1.00 15.82 ? 62  DC  F N1    1 
ATOM   1246 C C2    . DC  F 1 2  ? 21.532  17.610  -23.977 1.00 18.12 ? 62  DC  F C2    1 
ATOM   1247 O O2    . DC  F 1 2  ? 21.680  16.789  -24.873 1.00 14.75 ? 62  DC  F O2    1 
ATOM   1248 N N3    . DC  F 1 2  ? 21.406  17.224  -22.681 1.00 13.80 ? 62  DC  F N3    1 
ATOM   1249 C C4    . DC  F 1 2  ? 21.221  18.145  -21.732 1.00 19.47 ? 62  DC  F C4    1 
ATOM   1250 N N4    . DC  F 1 2  ? 21.058  17.727  -20.466 1.00 4.92  ? 62  DC  F N4    1 
ATOM   1251 C C5    . DC  F 1 2  ? 21.176  19.553  -22.041 1.00 17.74 ? 62  DC  F C5    1 
ATOM   1252 C C6    . DC  F 1 2  ? 21.310  19.917  -23.328 1.00 17.70 ? 62  DC  F C6    1 
ATOM   1253 P P     . DC  F 1 3  ? 20.464  20.184  -29.861 1.00 24.61 ? 63  DC  F P     1 
ATOM   1254 O OP1   . DC  F 1 3  ? 21.187  19.887  -31.130 1.00 23.86 ? 63  DC  F OP1   1 
ATOM   1255 O OP2   . DC  F 1 3  ? 19.666  21.444  -29.751 1.00 25.01 ? 63  DC  F OP2   1 
ATOM   1256 O "O5'" . DC  F 1 3  ? 19.560  18.934  -29.523 1.00 18.52 ? 63  DC  F "O5'" 1 
ATOM   1257 C "C5'" . DC  F 1 3  ? 20.138  17.664  -29.404 1.00 19.80 ? 63  DC  F "C5'" 1 
ATOM   1258 C "C4'" . DC  F 1 3  ? 19.100  16.684  -28.921 1.00 18.03 ? 63  DC  F "C4'" 1 
ATOM   1259 O "O4'" . DC  F 1 3  ? 19.103  16.661  -27.483 1.00 16.71 ? 63  DC  F "O4'" 1 
ATOM   1260 C "C3'" . DC  F 1 3  ? 17.642  16.965  -29.345 1.00 18.39 ? 63  DC  F "C3'" 1 
ATOM   1261 O "O3'" . DC  F 1 3  ? 16.980  15.707  -29.501 1.00 17.97 ? 63  DC  F "O3'" 1 
ATOM   1262 C "C2'" . DC  F 1 3  ? 17.035  17.595  -28.109 1.00 17.76 ? 63  DC  F "C2'" 1 
ATOM   1263 C "C1'" . DC  F 1 3  ? 17.746  16.763  -27.059 1.00 20.09 ? 63  DC  F "C1'" 1 
ATOM   1264 N N1    . DC  F 1 3  ? 17.724  17.332  -25.720 1.00 15.28 ? 63  DC  F N1    1 
ATOM   1265 C C2    . DC  F 1 3  ? 17.725  16.458  -24.650 1.00 12.94 ? 63  DC  F C2    1 
ATOM   1266 O O2    . DC  F 1 3  ? 17.764  15.238  -24.884 1.00 15.86 ? 63  DC  F O2    1 
ATOM   1267 N N3    . DC  F 1 3  ? 17.684  16.947  -23.395 1.00 9.82  ? 63  DC  F N3    1 
ATOM   1268 C C4    . DC  F 1 3  ? 17.656  18.256  -23.197 1.00 9.76  ? 63  DC  F C4    1 
ATOM   1269 N N4    . DC  F 1 3  ? 17.636  18.674  -21.947 1.00 13.66 ? 63  DC  F N4    1 
ATOM   1270 C C5    . DC  F 1 3  ? 17.654  19.183  -24.274 1.00 11.54 ? 63  DC  F C5    1 
ATOM   1271 C C6    . DC  F 1 3  ? 17.689  18.680  -25.518 1.00 12.04 ? 63  DC  F C6    1 
ATOM   1272 P P     . DG  F 1 4  ? 16.374  15.303  -30.923 1.00 16.57 ? 64  DG  F P     1 
ATOM   1273 O OP1   . DG  F 1 4  ? 17.479  14.802  -31.795 1.00 23.58 ? 64  DG  F OP1   1 
ATOM   1274 O OP2   . DG  F 1 4  ? 15.509  16.409  -31.402 1.00 17.48 ? 64  DG  F OP2   1 
ATOM   1275 O "O5'" . DG  F 1 4  ? 15.526  14.024  -30.544 1.00 20.52 ? 64  DG  F "O5'" 1 
ATOM   1276 C "C5'" . DG  F 1 4  ? 16.194  12.830  -30.173 1.00 12.29 ? 64  DG  F "C5'" 1 
ATOM   1277 C "C4'" . DG  F 1 4  ? 15.414  12.091  -29.112 1.00 12.59 ? 64  DG  F "C4'" 1 
ATOM   1278 O "O4'" . DG  F 1 4  ? 15.501  12.795  -27.872 1.00 9.97  ? 64  DG  F "O4'" 1 
ATOM   1279 C "C3'" . DG  F 1 4  ? 13.926  11.842  -29.345 1.00 14.88 ? 64  DG  F "C3'" 1 
ATOM   1280 O "O3'" . DG  F 1 4  ? 13.633  10.542  -28.814 1.00 19.24 ? 64  DG  F "O3'" 1 
ATOM   1281 C "C2'" . DG  F 1 4  ? 13.254  12.917  -28.509 1.00 13.78 ? 64  DG  F "C2'" 1 
ATOM   1282 C "C1'" . DG  F 1 4  ? 14.188  12.975  -27.323 1.00 16.43 ? 64  DG  F "C1'" 1 
ATOM   1283 N N9    . DG  F 1 4  ? 14.180  14.231  -26.574 1.00 18.36 ? 64  DG  F N9    1 
ATOM   1284 C C8    . DG  F 1 4  ? 13.898  15.482  -27.059 1.00 22.22 ? 64  DG  F C8    1 
ATOM   1285 N N7    . DG  F 1 4  ? 13.990  16.427  -26.143 1.00 24.61 ? 64  DG  F N7    1 
ATOM   1286 C C5    . DG  F 1 4  ? 14.364  15.753  -24.982 1.00 16.47 ? 64  DG  F C5    1 
ATOM   1287 C C6    . DG  F 1 4  ? 14.606  16.243  -23.691 1.00 10.35 ? 64  DG  F C6    1 
ATOM   1288 O O6    . DG  F 1 4  ? 14.555  17.396  -23.294 1.00 22.45 ? 64  DG  F O6    1 
ATOM   1289 N N1    . DG  F 1 4  ? 14.932  15.239  -22.809 1.00 15.19 ? 64  DG  F N1    1 
ATOM   1290 C C2    . DG  F 1 4  ? 15.024  13.897  -23.132 1.00 15.93 ? 64  DG  F C2    1 
ATOM   1291 N N2    . DG  F 1 4  ? 15.359  13.060  -22.117 1.00 18.13 ? 64  DG  F N2    1 
ATOM   1292 N N3    . DG  F 1 4  ? 14.808  13.413  -24.345 1.00 16.62 ? 64  DG  F N3    1 
ATOM   1293 C C4    . DG  F 1 4  ? 14.479  14.395  -25.221 1.00 19.09 ? 64  DG  F C4    1 
ATOM   1294 P P     . DA  F 1 5  ? 12.402  9.686   -29.399 1.00 18.91 ? 65  DA  F P     1 
ATOM   1295 O OP1   . DA  F 1 5  ? 12.808  9.021   -30.697 1.00 15.21 ? 65  DA  F OP1   1 
ATOM   1296 O OP2   . DA  F 1 5  ? 11.260  10.639  -29.364 1.00 23.32 ? 65  DA  F OP2   1 
ATOM   1297 O "O5'" . DA  F 1 5  ? 12.166  8.603   -28.263 1.00 20.68 ? 65  DA  F "O5'" 1 
ATOM   1298 C "C5'" . DA  F 1 5  ? 13.268  8.102   -27.519 1.00 21.71 ? 65  DA  F "C5'" 1 
ATOM   1299 C "C4'" . DA  F 1 5  ? 12.935  8.074   -26.046 1.00 24.49 ? 65  DA  F "C4'" 1 
ATOM   1300 O "O4'" . DA  F 1 5  ? 12.993  9.396   -25.473 1.00 27.48 ? 65  DA  F "O4'" 1 
ATOM   1301 C "C3'" . DA  F 1 5  ? 11.572  7.517   -25.657 1.00 25.83 ? 65  DA  F "C3'" 1 
ATOM   1302 O "O3'" . DA  F 1 5  ? 11.766  6.604   -24.604 1.00 30.88 ? 65  DA  F "O3'" 1 
ATOM   1303 C "C2'" . DA  F 1 5  ? 10.787  8.720   -25.146 1.00 23.26 ? 65  DA  F "C2'" 1 
ATOM   1304 C "C1'" . DA  F 1 5  ? 11.867  9.645   -24.633 1.00 20.56 ? 65  DA  F "C1'" 1 
ATOM   1305 N N9    . DA  F 1 5  ? 11.593  11.073  -24.766 1.00 12.70 ? 65  DA  F N9    1 
ATOM   1306 C C8    . DA  F 1 5  ? 11.221  11.725  -25.913 1.00 13.80 ? 65  DA  F C8    1 
ATOM   1307 N N7    . DA  F 1 5  ? 11.113  13.030  -25.777 1.00 12.06 ? 65  DA  F N7    1 
ATOM   1308 C C5    . DA  F 1 5  ? 11.414  13.246  -24.443 1.00 13.40 ? 65  DA  F C5    1 
ATOM   1309 C C6    . DA  F 1 5  ? 11.453  14.406  -23.665 1.00 6.72  ? 65  DA  F C6    1 
ATOM   1310 N N6    . DA  F 1 5  ? 11.208  15.613  -24.142 1.00 13.89 ? 65  DA  F N6    1 
ATOM   1311 N N1    . DA  F 1 5  ? 11.756  14.278  -22.346 1.00 11.97 ? 65  DA  F N1    1 
ATOM   1312 C C2    . DA  F 1 5  ? 12.017  13.048  -21.866 1.00 16.88 ? 65  DA  F C2    1 
ATOM   1313 N N3    . DA  F 1 5  ? 12.020  11.875  -22.507 1.00 10.55 ? 65  DA  F N3    1 
ATOM   1314 C C4    . DA  F 1 5  ? 11.701  12.041  -23.803 1.00 13.20 ? 65  DA  F C4    1 
ATOM   1315 P P     . DA  F 1 6  ? 10.531  5.757   -24.074 1.00 34.13 ? 66  DA  F P     1 
ATOM   1316 O OP1   . DA  F 1 6  ? 11.034  4.364   -23.834 1.00 36.27 ? 66  DA  F OP1   1 
ATOM   1317 O OP2   . DA  F 1 6  ? 9.374   5.971   -24.996 1.00 36.87 ? 66  DA  F OP2   1 
ATOM   1318 O "O5'" . DA  F 1 6  ? 10.173  6.522   -22.729 1.00 28.18 ? 66  DA  F "O5'" 1 
ATOM   1319 C "C5'" . DA  F 1 6  ? 11.169  6.826   -21.786 1.00 25.67 ? 66  DA  F "C5'" 1 
ATOM   1320 C "C4'" . DA  F 1 6  ? 10.531  7.541   -20.630 1.00 25.55 ? 66  DA  F "C4'" 1 
ATOM   1321 O "O4'" . DA  F 1 6  ? 10.376  8.941   -20.936 1.00 27.29 ? 66  DA  F "O4'" 1 
ATOM   1322 C "C3'" . DA  F 1 6  ? 9.129   7.017   -20.334 1.00 27.27 ? 66  DA  F "C3'" 1 
ATOM   1323 O "O3'" . DA  F 1 6  ? 8.952   7.075   -18.927 1.00 38.45 ? 66  DA  F "O3'" 1 
ATOM   1324 C "C2'" . DA  F 1 6  ? 8.225   8.032   -20.995 1.00 23.10 ? 66  DA  F "C2'" 1 
ATOM   1325 C "C1'" . DA  F 1 6  ? 9.005   9.314   -20.785 1.00 21.76 ? 66  DA  F "C1'" 1 
ATOM   1326 N N9    . DA  F 1 6  ? 8.730   10.335  -21.780 1.00 16.51 ? 66  DA  F N9    1 
ATOM   1327 C C8    . DA  F 1 6  ? 8.506   10.138  -23.117 1.00 9.53  ? 66  DA  F C8    1 
ATOM   1328 N N7    . DA  F 1 6  ? 8.271   11.264  -23.777 1.00 13.16 ? 66  DA  F N7    1 
ATOM   1329 C C5    . DA  F 1 6  ? 8.358   12.253  -22.808 1.00 8.56  ? 66  DA  F C5    1 
ATOM   1330 C C6    . DA  F 1 6  ? 8.209   13.672  -22.874 1.00 7.14  ? 66  DA  F C6    1 
ATOM   1331 N N6    . DA  F 1 6  ? 7.967   14.313  -23.991 1.00 2.00  ? 66  DA  F N6    1 
ATOM   1332 N N1    . DA  F 1 6  ? 8.317   14.380  -21.732 1.00 2.75  ? 66  DA  F N1    1 
ATOM   1333 C C2    . DA  F 1 6  ? 8.581   13.706  -20.601 1.00 13.15 ? 66  DA  F C2    1 
ATOM   1334 N N3    . DA  F 1 6  ? 8.773   12.364  -20.417 1.00 14.10 ? 66  DA  F N3    1 
ATOM   1335 C C4    . DA  F 1 6  ? 8.640   11.699  -21.574 1.00 10.99 ? 66  DA  F C4    1 
ATOM   1336 P P     . DT  F 1 7  ? 7.584   6.555   -18.264 1.00 43.25 ? 67  DT  F P     1 
ATOM   1337 O OP1   . DT  F 1 7  ? 7.988   5.701   -17.097 1.00 41.81 ? 67  DT  F OP1   1 
ATOM   1338 O OP2   . DT  F 1 7  ? 6.775   5.962   -19.382 1.00 42.00 ? 67  DT  F OP2   1 
ATOM   1339 O "O5'" . DT  F 1 7  ? 6.924   7.914   -17.739 1.00 38.38 ? 67  DT  F "O5'" 1 
ATOM   1340 C "C5'" . DT  F 1 7  ? 7.725   8.857   -17.070 1.00 33.58 ? 67  DT  F "C5'" 1 
ATOM   1341 C "C4'" . DT  F 1 7  ? 6.998   10.170  -16.959 1.00 35.31 ? 67  DT  F "C4'" 1 
ATOM   1342 O "O4'" . DT  F 1 7  ? 6.945   10.963  -18.174 1.00 35.88 ? 67  DT  F "O4'" 1 
ATOM   1343 C "C3'" . DT  F 1 7  ? 5.556   10.047  -16.504 1.00 37.91 ? 67  DT  F "C3'" 1 
ATOM   1344 O "O3'" . DT  F 1 7  ? 5.375   11.105  -15.592 1.00 40.78 ? 67  DT  F "O3'" 1 
ATOM   1345 C "C2'" . DT  F 1 7  ? 4.765   10.420  -17.744 1.00 36.90 ? 67  DT  F "C2'" 1 
ATOM   1346 C "C1'" . DT  F 1 7  ? 5.636   11.520  -18.281 1.00 28.79 ? 67  DT  F "C1'" 1 
ATOM   1347 N N1    . DT  F 1 7  ? 5.381   11.879  -19.700 1.00 23.68 ? 67  DT  F N1    1 
ATOM   1348 C C2    . DT  F 1 7  ? 5.285   13.231  -20.033 1.00 20.02 ? 67  DT  F C2    1 
ATOM   1349 O O2    . DT  F 1 7  ? 5.362   14.134  -19.224 1.00 18.55 ? 67  DT  F O2    1 
ATOM   1350 N N3    . DT  F 1 7  ? 5.088   13.479  -21.352 1.00 13.97 ? 67  DT  F N3    1 
ATOM   1351 C C4    . DT  F 1 7  ? 4.969   12.565  -22.356 1.00 13.62 ? 67  DT  F C4    1 
ATOM   1352 O O4    . DT  F 1 7  ? 4.811   12.944  -23.503 1.00 13.55 ? 67  DT  F O4    1 
ATOM   1353 C C5    . DT  F 1 7  ? 5.053   11.174  -21.953 1.00 17.76 ? 67  DT  F C5    1 
ATOM   1354 C C7    . DT  F 1 7  ? 4.918   10.126  -23.002 1.00 14.43 ? 67  DT  F C7    1 
ATOM   1355 C C6    . DT  F 1 7  ? 5.253   10.897  -20.660 1.00 14.49 ? 67  DT  F C6    1 
ATOM   1356 P P     . DT  F 1 8  ? 4.494   10.890  -14.288 1.00 40.02 ? 68  DT  F P     1 
ATOM   1357 O OP1   . DT  F 1 8  ? 5.380   10.484  -13.145 1.00 39.52 ? 68  DT  F OP1   1 
ATOM   1358 O OP2   . DT  F 1 8  ? 3.382   10.010  -14.685 1.00 38.31 ? 68  DT  F OP2   1 
ATOM   1359 O "O5'" . DT  F 1 8  ? 3.919   12.368  -14.122 1.00 39.71 ? 68  DT  F "O5'" 1 
ATOM   1360 C "C5'" . DT  F 1 8  ? 4.742   13.495  -14.390 1.00 39.48 ? 68  DT  F "C5'" 1 
ATOM   1361 C "C4'" . DT  F 1 8  ? 3.919   14.624  -14.971 1.00 43.17 ? 68  DT  F "C4'" 1 
ATOM   1362 O "O4'" . DT  F 1 8  ? 3.813   14.560  -16.418 1.00 40.77 ? 68  DT  F "O4'" 1 
ATOM   1363 C "C3'" . DT  F 1 8  ? 2.486   14.746  -14.442 1.00 47.53 ? 68  DT  F "C3'" 1 
ATOM   1364 O "O3'" . DT  F 1 8  ? 2.248   16.108  -14.043 1.00 54.43 ? 68  DT  F "O3'" 1 
ATOM   1365 C "C2'" . DT  F 1 8  ? 1.623   14.363  -15.642 1.00 43.84 ? 68  DT  F "C2'" 1 
ATOM   1366 C "C1'" . DT  F 1 8  ? 2.477   14.869  -16.798 1.00 40.62 ? 68  DT  F "C1'" 1 
ATOM   1367 N N1    . DT  F 1 8  ? 2.221   14.260  -18.133 1.00 32.28 ? 68  DT  F N1    1 
ATOM   1368 C C2    . DT  F 1 8  ? 2.041   15.103  -19.242 1.00 29.53 ? 68  DT  F C2    1 
ATOM   1369 O O2    . DT  F 1 8  ? 2.073   16.330  -19.178 1.00 28.51 ? 68  DT  F O2    1 
ATOM   1370 N N3    . DT  F 1 8  ? 1.826   14.454  -20.424 1.00 21.75 ? 68  DT  F N3    1 
ATOM   1371 C C4    . DT  F 1 8  ? 1.776   13.086  -20.608 1.00 22.56 ? 68  DT  F C4    1 
ATOM   1372 O O4    . DT  F 1 8  ? 1.584   12.637  -21.715 1.00 23.88 ? 68  DT  F O4    1 
ATOM   1373 C C5    . DT  F 1 8  ? 1.962   12.278  -19.424 1.00 21.51 ? 68  DT  F C5    1 
ATOM   1374 C C7    . DT  F 1 8  ? 1.905   10.796  -19.553 1.00 21.68 ? 68  DT  F C7    1 
ATOM   1375 C C6    . DT  F 1 8  ? 2.174   12.892  -18.260 1.00 25.09 ? 68  DT  F C6    1 
ATOM   1376 P P     . DC  F 1 9  ? 0.811   16.526  -13.466 1.00 57.87 ? 69  DC  F P     1 
ATOM   1377 O OP1   . DC  F 1 9  ? 0.954   17.336  -12.226 1.00 59.08 ? 69  DC  F OP1   1 
ATOM   1378 O OP2   . DC  F 1 9  ? 0.082   15.213  -13.413 1.00 59.27 ? 69  DC  F OP2   1 
ATOM   1379 O "O5'" . DC  F 1 9  ? 0.276   17.537  -14.577 1.00 54.49 ? 69  DC  F "O5'" 1 
ATOM   1380 C "C5'" . DC  F 1 9  ? 1.113   18.606  -14.986 1.00 48.53 ? 69  DC  F "C5'" 1 
ATOM   1381 C "C4'" . DC  F 1 9  ? 0.460   19.399  -16.086 1.00 47.22 ? 69  DC  F "C4'" 1 
ATOM   1382 O "O4'" . DC  F 1 9  ? 0.329   18.620  -17.297 1.00 44.26 ? 69  DC  F "O4'" 1 
ATOM   1383 C "C3'" . DC  F 1 9  ? -0.932  19.933  -15.771 1.00 47.51 ? 69  DC  F "C3'" 1 
ATOM   1384 O "O3'" . DC  F 1 9  ? -0.960  21.233  -16.381 1.00 53.22 ? 69  DC  F "O3'" 1 
ATOM   1385 C "C2'" . DC  F 1 9  ? -1.845  18.907  -16.433 1.00 42.17 ? 69  DC  F "C2'" 1 
ATOM   1386 C "C1'" . DC  F 1 9  ? -1.033  18.491  -17.672 1.00 37.90 ? 69  DC  F "C1'" 1 
ATOM   1387 N N1    . DC  F 1 9  ? -1.209  17.121  -18.232 1.00 25.54 ? 69  DC  F N1    1 
ATOM   1388 C C2    . DC  F 1 9  ? -1.405  16.983  -19.632 1.00 21.90 ? 69  DC  F C2    1 
ATOM   1389 O O2    . DC  F 1 9  ? -1.427  18.008  -20.333 1.00 21.51 ? 69  DC  F O2    1 
ATOM   1390 N N3    . DC  F 1 9  ? -1.557  15.742  -20.179 1.00 10.63 ? 69  DC  F N3    1 
ATOM   1391 C C4    . DC  F 1 9  ? -1.506  14.664  -19.386 1.00 12.69 ? 69  DC  F C4    1 
ATOM   1392 N N4    . DC  F 1 9  ? -1.638  13.444  -19.967 1.00 8.36  ? 69  DC  F N4    1 
ATOM   1393 C C5    . DC  F 1 9  ? -1.311  14.773  -17.963 1.00 11.22 ? 69  DC  F C5    1 
ATOM   1394 C C6    . DC  F 1 9  ? -1.170  16.010  -17.433 1.00 18.01 ? 69  DC  F C6    1 
ATOM   1395 P P     . DG  F 1 10 ? -1.937  22.385  -15.820 1.00 57.84 ? 70  DG  F P     1 
ATOM   1396 O OP1   . DG  F 1 10 ? -1.295  23.735  -15.886 1.00 53.51 ? 70  DG  F OP1   1 
ATOM   1397 O OP2   . DG  F 1 10 ? -2.504  21.895  -14.534 1.00 57.13 ? 70  DG  F OP2   1 
ATOM   1398 O "O5'" . DG  F 1 10 ? -3.069  22.376  -16.934 1.00 54.83 ? 70  DG  F "O5'" 1 
ATOM   1399 C "C5'" . DG  F 1 10 ? -2.689  22.485  -18.305 1.00 48.40 ? 70  DG  F "C5'" 1 
ATOM   1400 C "C4'" . DG  F 1 10 ? -3.782  21.948  -19.189 1.00 43.55 ? 70  DG  F "C4'" 1 
ATOM   1401 O "O4'" . DG  F 1 10 ? -3.701  20.530  -19.442 1.00 37.47 ? 70  DG  F "O4'" 1 
ATOM   1402 C "C3'" . DG  F 1 10 ? -5.168  22.185  -18.612 1.00 42.78 ? 70  DG  F "C3'" 1 
ATOM   1403 O "O3'" . DG  F 1 10 ? -5.924  22.727  -19.648 1.00 43.70 ? 70  DG  F "O3'" 1 
ATOM   1404 C "C2'" . DG  F 1 10 ? -5.673  20.793  -18.289 1.00 37.59 ? 70  DG  F "C2'" 1 
ATOM   1405 C "C1'" . DG  F 1 10 ? -5.004  20.024  -19.399 1.00 31.24 ? 70  DG  F "C1'" 1 
ATOM   1406 N N9    . DG  F 1 10 ? -4.915  18.590  -19.200 1.00 29.45 ? 70  DG  F N9    1 
ATOM   1407 C C8    . DG  F 1 10 ? -4.817  17.898  -18.010 1.00 21.84 ? 70  DG  F C8    1 
ATOM   1408 N N7    . DG  F 1 10 ? -4.782  16.597  -18.177 1.00 22.79 ? 70  DG  F N7    1 
ATOM   1409 C C5    . DG  F 1 10 ? -4.854  16.428  -19.561 1.00 22.91 ? 70  DG  F C5    1 
ATOM   1410 C C6    . DG  F 1 10 ? -4.850  15.258  -20.326 1.00 19.77 ? 70  DG  F C6    1 
ATOM   1411 O O6    . DG  F 1 10 ? -4.772  14.121  -19.926 1.00 19.58 ? 70  DG  F O6    1 
ATOM   1412 N N1    . DG  F 1 10 ? -4.931  15.525  -21.694 1.00 17.91 ? 70  DG  F N1    1 
ATOM   1413 C C2    . DG  F 1 10 ? -4.994  16.796  -22.245 1.00 18.41 ? 70  DG  F C2    1 
ATOM   1414 N N2    . DG  F 1 10 ? -5.047  16.891  -23.581 1.00 17.77 ? 70  DG  F N2    1 
ATOM   1415 N N3    . DG  F 1 10 ? -5.002  17.902  -21.534 1.00 21.02 ? 70  DG  F N3    1 
ATOM   1416 C C4    . DG  F 1 10 ? -4.929  17.644  -20.204 1.00 23.81 ? 70  DG  F C4    1 
ATOM   1417 P P     . DG  F 1 11 ? -7.261  23.477  -19.305 1.00 45.32 ? 71  DG  F P     1 
ATOM   1418 O OP1   . DG  F 1 11 ? -6.823  24.876  -19.117 1.00 48.54 ? 71  DG  F OP1   1 
ATOM   1419 O OP2   . DG  F 1 11 ? -7.984  22.727  -18.222 1.00 42.48 ? 71  DG  F OP2   1 
ATOM   1420 O "O5'" . DG  F 1 11 ? -8.035  23.361  -20.672 1.00 44.61 ? 71  DG  F "O5'" 1 
ATOM   1421 C "C5'" . DG  F 1 11 ? -7.303  23.407  -21.887 1.00 38.65 ? 71  DG  F "C5'" 1 
ATOM   1422 C "C4'" . DG  F 1 11 ? -7.867  22.391  -22.849 1.00 32.62 ? 71  DG  F "C4'" 1 
ATOM   1423 O "O4'" . DG  F 1 11 ? -7.557  21.046  -22.412 1.00 29.12 ? 71  DG  F "O4'" 1 
ATOM   1424 C "C3'" . DG  F 1 11 ? -9.386  22.459  -22.945 1.00 30.13 ? 71  DG  F "C3'" 1 
ATOM   1425 O "O3'" . DG  F 1 11 ? -9.692  22.638  -24.319 1.00 32.60 ? 71  DG  F "O3'" 1 
ATOM   1426 C "C2'" . DG  F 1 11 ? -9.858  21.135  -22.343 1.00 24.98 ? 71  DG  F "C2'" 1 
ATOM   1427 C "C1'" . DG  F 1 11 ? -8.675  20.215  -22.588 1.00 21.58 ? 71  DG  F "C1'" 1 
ATOM   1428 N N9    . DG  F 1 11 ? -8.493  19.050  -21.717 1.00 19.51 ? 71  DG  F N9    1 
ATOM   1429 C C8    . DG  F 1 11 ? -8.323  19.061  -20.358 1.00 19.53 ? 71  DG  F C8    1 
ATOM   1430 N N7    . DG  F 1 11 ? -8.154  17.852  -19.851 1.00 17.69 ? 71  DG  F N7    1 
ATOM   1431 C C5    . DG  F 1 11 ? -8.225  16.995  -20.940 1.00 11.55 ? 71  DG  F C5    1 
ATOM   1432 C C6    . DG  F 1 11 ? -8.114  15.550  -21.002 1.00 15.30 ? 71  DG  F C6    1 
ATOM   1433 O O6    . DG  F 1 11 ? -7.931  14.768  -20.095 1.00 16.25 ? 71  DG  F O6    1 
ATOM   1434 N N1    . DG  F 1 11 ? -8.244  15.069  -22.291 1.00 8.23  ? 71  DG  F N1    1 
ATOM   1435 C C2    . DG  F 1 11 ? -8.450  15.864  -23.400 1.00 18.49 ? 71  DG  F C2    1 
ATOM   1436 N N2    . DG  F 1 11 ? -8.579  15.207  -24.565 1.00 18.16 ? 71  DG  F N2    1 
ATOM   1437 N N3    . DG  F 1 11 ? -8.538  17.214  -23.369 1.00 16.79 ? 71  DG  F N3    1 
ATOM   1438 C C4    . DG  F 1 11 ? -8.429  17.703  -22.105 1.00 14.81 ? 71  DG  F C4    1 
ATOM   1439 P P     . DT  F 1 12 ? -11.071 23.344  -24.755 1.00 36.04 ? 72  DT  F P     1 
ATOM   1440 O OP1   . DT  F 1 12 ? -10.913 24.187  -25.978 1.00 33.87 ? 72  DT  F OP1   1 
ATOM   1441 O OP2   . DT  F 1 12 ? -11.705 23.940  -23.552 1.00 36.21 ? 72  DT  F OP2   1 
ATOM   1442 O "O5'" . DT  F 1 12 ? -11.856 22.048  -25.231 1.00 33.86 ? 72  DT  F "O5'" 1 
ATOM   1443 C "C5'" . DT  F 1 12 ? -11.285 21.236  -26.238 1.00 27.71 ? 72  DT  F "C5'" 1 
ATOM   1444 C "C4'" . DT  F 1 12 ? -11.866 19.849  -26.182 1.00 25.25 ? 72  DT  F "C4'" 1 
ATOM   1445 O "O4'" . DT  F 1 12 ? -11.412 19.227  -24.967 1.00 24.81 ? 72  DT  F "O4'" 1 
ATOM   1446 C "C3'" . DT  F 1 12 ? -13.400 19.741  -26.150 1.00 25.26 ? 72  DT  F "C3'" 1 
ATOM   1447 O "O3'" . DT  F 1 12 ? -14.038 19.649  -27.417 1.00 22.42 ? 72  DT  F "O3'" 1 
ATOM   1448 C "C2'" . DT  F 1 12 ? -13.686 18.681  -25.091 1.00 25.02 ? 72  DT  F "C2'" 1 
ATOM   1449 C "C1'" . DT  F 1 12 ? -12.290 18.133  -24.762 1.00 24.51 ? 72  DT  F "C1'" 1 
ATOM   1450 N N1    . DT  F 1 12 ? -12.123 17.664  -23.385 1.00 21.39 ? 72  DT  F N1    1 
ATOM   1451 C C2    . DT  F 1 12 ? -11.962 16.308  -23.179 1.00 19.68 ? 72  DT  F C2    1 
ATOM   1452 O O2    . DT  F 1 12 ? -11.913 15.503  -24.086 1.00 18.09 ? 72  DT  F O2    1 
ATOM   1453 N N3    . DT  F 1 12 ? -11.852 15.941  -21.868 1.00 16.44 ? 72  DT  F N3    1 
ATOM   1454 C C4    . DT  F 1 12 ? -11.871 16.782  -20.764 1.00 17.81 ? 72  DT  F C4    1 
ATOM   1455 O O4    . DT  F 1 12 ? -11.774 16.316  -19.644 1.00 23.64 ? 72  DT  F O4    1 
ATOM   1456 C C5    . DT  F 1 12 ? -12.007 18.183  -21.046 1.00 19.66 ? 72  DT  F C5    1 
ATOM   1457 C C7    . DT  F 1 12 ? -11.984 19.152  -19.908 1.00 19.19 ? 72  DT  F C7    1 
ATOM   1458 C C6    . DT  F 1 12 ? -12.135 18.556  -22.326 1.00 21.88 ? 72  DT  F C6    1 
HETATM 1459 O O     . HOH G 2 .  ? -7.572  -21.038 12.534  1.00 23.34 ? 73  HOH A O     1 
HETATM 1460 O O     . HOH G 2 .  ? -7.018  -25.094 19.527  1.00 31.80 ? 79  HOH A O     1 
HETATM 1461 O O     . HOH G 2 .  ? -11.578 -21.817 21.791  1.00 31.25 ? 82  HOH A O     1 
HETATM 1462 O O     . HOH G 2 .  ? -9.008  -25.232 10.142  1.00 31.19 ? 86  HOH A O     1 
HETATM 1463 O O     . HOH G 2 .  ? -0.434  -26.430 17.681  1.00 40.51 ? 87  HOH A O     1 
HETATM 1464 O O     . HOH G 2 .  ? -12.507 -23.789 15.124  1.00 33.62 ? 89  HOH A O     1 
HETATM 1465 O O     . HOH G 2 .  ? -8.822  -15.752 25.228  1.00 13.43 ? 90  HOH A O     1 
HETATM 1466 O O     . HOH G 2 .  ? -14.293 -7.519  28.402  1.00 13.50 ? 99  HOH A O     1 
HETATM 1467 O O     . HOH G 2 .  ? 4.438   -19.037 24.941  1.00 24.28 ? 116 HOH A O     1 
HETATM 1468 O O     . HOH G 2 .  ? 5.792   -20.123 28.104  1.00 15.87 ? 117 HOH A O     1 
HETATM 1469 O O     . HOH G 2 .  ? 11.403  -20.930 19.002  1.00 27.32 ? 121 HOH A O     1 
HETATM 1470 O O     . HOH G 2 .  ? -4.751  2.890   24.481  1.00 23.05 ? 133 HOH A O     1 
HETATM 1471 O O     . HOH G 2 .  ? -6.146  -27.956 20.628  1.00 22.92 ? 134 HOH A O     1 
HETATM 1472 O O     . HOH G 2 .  ? -13.771 -7.482  6.353   1.00 28.47 ? 151 HOH A O     1 
HETATM 1473 O O     . HOH G 2 .  ? -9.596  -4.311  11.330  1.00 24.65 ? 156 HOH A O     1 
HETATM 1474 O O     . HOH G 2 .  ? -4.836  0.048   11.829  1.00 30.49 ? 173 HOH A O     1 
HETATM 1475 O O     . HOH G 2 .  ? -5.924  2.641   16.972  1.00 28.25 ? 174 HOH A O     1 
HETATM 1476 O O     . HOH G 2 .  ? -8.128  -6.780  20.145  1.00 21.77 ? 175 HOH A O     1 
HETATM 1477 O O     . HOH G 2 .  ? -14.432 -15.527 26.082  1.00 27.09 ? 176 HOH A O     1 
HETATM 1478 O O     . HOH G 2 .  ? -18.428 -18.681 22.048  1.00 35.02 ? 182 HOH A O     1 
HETATM 1479 O O     . HOH G 2 .  ? -4.407  -1.026  14.175  1.00 36.91 ? 183 HOH A O     1 
HETATM 1480 O O     . HOH H 2 .  ? -15.916 -18.789 15.608  1.00 29.40 ? 74  HOH B O     1 
HETATM 1481 O O     . HOH H 2 .  ? -18.668 -20.156 13.187  1.00 23.74 ? 75  HOH B O     1 
HETATM 1482 O O     . HOH H 2 .  ? -14.621 -16.899 6.688   1.00 28.72 ? 76  HOH B O     1 
HETATM 1483 O O     . HOH H 2 .  ? -5.237  -11.752 11.770  1.00 24.91 ? 77  HOH B O     1 
HETATM 1484 O O     . HOH H 2 .  ? -3.812  -17.179 15.111  1.00 24.93 ? 78  HOH B O     1 
HETATM 1485 O O     . HOH H 2 .  ? -6.683  -17.942 16.320  1.00 27.24 ? 80  HOH B O     1 
HETATM 1486 O O     . HOH H 2 .  ? -12.699 -16.911 16.520  1.00 29.54 ? 81  HOH B O     1 
HETATM 1487 O O     . HOH H 2 .  ? -4.942  -28.093 27.610  1.00 25.73 ? 83  HOH B O     1 
HETATM 1488 O O     . HOH H 2 .  ? -5.028  -32.672 27.275  1.00 30.18 ? 84  HOH B O     1 
HETATM 1489 O O     . HOH H 2 .  ? -6.894  -35.537 25.254  1.00 27.21 ? 85  HOH B O     1 
HETATM 1490 O O     . HOH H 2 .  ? -1.899  -18.540 17.574  1.00 34.17 ? 88  HOH B O     1 
HETATM 1491 O O     . HOH H 2 .  ? -16.763 -9.490  6.767   1.00 32.08 ? 113 HOH B O     1 
HETATM 1492 O O     . HOH H 2 .  ? 6.876   -15.025 14.795  1.00 28.00 ? 118 HOH B O     1 
HETATM 1493 O O     . HOH H 2 .  ? 5.419   -14.971 17.460  1.00 30.14 ? 119 HOH B O     1 
HETATM 1494 O O     . HOH H 2 .  ? -4.824  -14.213 27.171  1.00 18.11 ? 120 HOH B O     1 
HETATM 1495 O O     . HOH H 2 .  ? 1.471   -6.997  28.445  1.00 11.69 ? 123 HOH B O     1 
HETATM 1496 O O     . HOH H 2 .  ? 2.973   -9.313  21.298  1.00 21.86 ? 124 HOH B O     1 
HETATM 1497 O O     . HOH H 2 .  ? -0.722  -8.383  27.930  1.00 9.82  ? 139 HOH B O     1 
HETATM 1498 O O     . HOH H 2 .  ? 1.367   -9.912  29.161  1.00 15.36 ? 142 HOH B O     1 
HETATM 1499 O O     . HOH H 2 .  ? -7.026  -24.912 4.656   1.00 26.08 ? 152 HOH B O     1 
HETATM 1500 O O     . HOH H 2 .  ? 3.257   -10.172 26.765  1.00 25.59 ? 157 HOH B O     1 
HETATM 1501 O O     . HOH H 2 .  ? -19.478 -15.206 17.360  1.00 33.21 ? 181 HOH B O     1 
HETATM 1502 O O     . HOH H 2 .  ? 2.673   -19.869 31.657  1.00 31.31 ? 184 HOH B O     1 
HETATM 1503 O O     . HOH H 2 .  ? -7.917  -20.425 35.274  1.00 38.00 ? 185 HOH B O     1 
HETATM 1504 O O     . HOH I 2 .  ? 2.038   -10.578 -1.144  1.00 18.30 ? 91  HOH C O     1 
HETATM 1505 O O     . HOH I 2 .  ? 3.473   -8.215  -0.671  1.00 25.42 ? 92  HOH C O     1 
HETATM 1506 O O     . HOH I 2 .  ? 7.263   -5.509  1.566   1.00 23.56 ? 93  HOH C O     1 
HETATM 1507 O O     . HOH I 2 .  ? -4.364  -10.160 -2.362  1.00 25.03 ? 94  HOH C O     1 
HETATM 1508 O O     . HOH I 2 .  ? -5.174  -0.784  -2.418  1.00 23.07 ? 95  HOH C O     1 
HETATM 1509 O O     . HOH I 2 .  ? -7.003  14.078  11.048  1.00 43.10 ? 97  HOH C O     1 
HETATM 1510 O O     . HOH I 2 .  ? 11.644  8.906   15.311  1.00 31.15 ? 107 HOH C O     1 
HETATM 1511 O O     . HOH I 2 .  ? 3.325   7.111   6.451   1.00 32.50 ? 108 HOH C O     1 
HETATM 1512 O O     . HOH I 2 .  ? 1.147   5.222   7.511   1.00 18.82 ? 109 HOH C O     1 
HETATM 1513 O O     . HOH I 2 .  ? -5.878  6.922   -12.196 1.00 31.57 ? 112 HOH C O     1 
HETATM 1514 O O     . HOH I 2 .  ? 2.847   9.736   6.265   1.00 19.82 ? 114 HOH C O     1 
HETATM 1515 O O     . HOH I 2 .  ? 6.375   6.017   7.401   1.00 38.97 ? 115 HOH C O     1 
HETATM 1516 O O     . HOH I 2 .  ? -13.568 0.894   -4.885  1.00 25.51 ? 125 HOH C O     1 
HETATM 1517 O O     . HOH I 2 .  ? 13.693  10.482  15.028  1.00 33.56 ? 130 HOH C O     1 
HETATM 1518 O O     . HOH I 2 .  ? 3.214   3.205   -13.639 1.00 23.45 ? 131 HOH C O     1 
HETATM 1519 O O     . HOH I 2 .  ? 15.523  12.132  19.077  1.00 31.57 ? 146 HOH C O     1 
HETATM 1520 O O     . HOH I 2 .  ? 6.853   10.988  9.259   1.00 25.30 ? 150 HOH C O     1 
HETATM 1521 O O     . HOH I 2 .  ? -14.923 2.497   -8.825  1.00 23.37 ? 159 HOH C O     1 
HETATM 1522 O O     . HOH I 2 .  ? 10.559  -1.304  8.453   1.00 33.09 ? 172 HOH C O     1 
HETATM 1523 O O     . HOH I 2 .  ? 4.623   9.844   8.151   1.00 33.97 ? 177 HOH C O     1 
HETATM 1524 O O     . HOH I 2 .  ? -7.547  5.150   -10.623 1.00 30.01 ? 178 HOH C O     1 
HETATM 1525 O O     . HOH I 2 .  ? -1.171  13.648  10.199  1.00 27.61 ? 180 HOH C O     1 
HETATM 1526 O O     . HOH J 2 .  ? -5.659  1.453   -3.851  1.00 20.16 ? 96  HOH D O     1 
HETATM 1527 O O     . HOH J 2 .  ? -3.790  0.077   24.385  1.00 14.26 ? 98  HOH D O     1 
HETATM 1528 O O     . HOH J 2 .  ? 2.557   11.446  22.383  1.00 33.66 ? 122 HOH D O     1 
HETATM 1529 O O     . HOH J 2 .  ? -3.986  3.971   -7.737  1.00 28.38 ? 126 HOH D O     1 
HETATM 1530 O O     . HOH J 2 .  ? -3.977  -4.489  11.568  1.00 38.12 ? 140 HOH D O     1 
HETATM 1531 O O     . HOH J 2 .  ? -10.469 -0.774  5.766   1.00 17.69 ? 141 HOH D O     1 
HETATM 1532 O O     . HOH J 2 .  ? -2.086  4.276   -9.975  1.00 38.13 ? 145 HOH D O     1 
HETATM 1533 O O     . HOH J 2 .  ? -8.824  -10.856 5.278   1.00 26.67 ? 153 HOH D O     1 
HETATM 1534 O O     . HOH J 2 .  ? 2.207   -7.525  18.538  1.00 30.51 ? 158 HOH D O     1 
HETATM 1535 O O     . HOH J 2 .  ? 4.770   2.116   -3.107  1.00 32.24 ? 162 HOH D O     1 
HETATM 1536 O O     . HOH J 2 .  ? 8.115   -1.771  -5.404  1.00 28.83 ? 163 HOH D O     1 
HETATM 1537 O O     . HOH J 2 .  ? 9.580   -10.116 -13.497 1.00 22.90 ? 164 HOH D O     1 
HETATM 1538 O O     . HOH J 2 .  ? 4.384   -0.189  12.541  1.00 23.62 ? 168 HOH D O     1 
HETATM 1539 O O     . HOH J 2 .  ? 6.254   -12.410 -11.471 1.00 34.59 ? 170 HOH D O     1 
HETATM 1540 O O     . HOH J 2 .  ? -5.082  8.013   -6.576  1.00 32.94 ? 179 HOH D O     1 
HETATM 1541 O O     . HOH K 2 .  ? 18.709  10.788  -21.073 1.00 19.00 ? 102 HOH E O     1 
HETATM 1542 O O     . HOH K 2 .  ? 17.772  6.496   -21.467 1.00 18.37 ? 103 HOH E O     1 
HETATM 1543 O O     . HOH K 2 .  ? 6.074   26.621  -24.394 1.00 30.47 ? 127 HOH E O     1 
HETATM 1544 O O     . HOH K 2 .  ? 5.477   17.718  -27.358 1.00 24.57 ? 128 HOH E O     1 
HETATM 1545 O O     . HOH K 2 .  ? 11.644  25.702  -26.102 1.00 28.71 ? 135 HOH E O     1 
HETATM 1546 O O     . HOH K 2 .  ? -14.992 7.376   -12.771 1.00 36.93 ? 138 HOH E O     1 
HETATM 1547 O O     . HOH K 2 .  ? -12.741 7.571   -17.311 1.00 28.20 ? 143 HOH E O     1 
HETATM 1548 O O     . HOH K 2 .  ? 5.322   21.401  -32.330 1.00 23.00 ? 149 HOH E O     1 
HETATM 1549 O O     . HOH K 2 .  ? -15.802 6.357   -17.585 1.00 21.44 ? 155 HOH E O     1 
HETATM 1550 O O     . HOH K 2 .  ? 20.811  10.015  -23.935 1.00 36.14 ? 161 HOH E O     1 
HETATM 1551 O O     . HOH K 2 .  ? -14.923 3.924   -14.629 1.00 34.66 ? 171 HOH E O     1 
HETATM 1552 O O     . HOH K 2 .  ? 17.601  13.710  -12.727 1.00 35.72 ? 186 HOH E O     1 
HETATM 1553 O O     . HOH L 2 .  ? -3.487  27.690  -20.269 1.00 25.81 ? 100 HOH F O     1 
HETATM 1554 O O     . HOH L 2 .  ? 16.839  9.366   -24.367 1.00 11.71 ? 101 HOH F O     1 
HETATM 1555 O O     . HOH L 2 .  ? 14.744  4.357   -20.714 1.00 26.20 ? 104 HOH F O     1 
HETATM 1556 O O     . HOH L 2 .  ? 8.679   7.060   -28.530 1.00 16.03 ? 105 HOH F O     1 
HETATM 1557 O O     . HOH L 2 .  ? 4.629   7.927   -14.575 1.00 14.45 ? 106 HOH F O     1 
HETATM 1558 O O     . HOH L 2 .  ? -2.023  15.092  -9.471  1.00 31.48 ? 110 HOH F O     1 
HETATM 1559 O O     . HOH L 2 .  ? 0.972   14.775  -10.079 1.00 35.17 ? 111 HOH F O     1 
HETATM 1560 O O     . HOH L 2 .  ? -1.146  14.469  -6.054  1.00 32.33 ? 129 HOH F O     1 
HETATM 1561 O O     . HOH L 2 .  ? -3.086  25.681  -18.316 1.00 36.37 ? 132 HOH F O     1 
HETATM 1562 O O     . HOH L 2 .  ? 9.758   23.788  -25.206 1.00 14.23 ? 136 HOH F O     1 
HETATM 1563 O O     . HOH L 2 .  ? 14.572  26.707  -32.016 1.00 33.49 ? 137 HOH F O     1 
HETATM 1564 O O     . HOH L 2 .  ? 12.222  20.072  -25.067 1.00 30.54 ? 144 HOH F O     1 
HETATM 1565 O O     . HOH L 2 .  ? -4.780  15.361  -12.164 1.00 23.16 ? 147 HOH F O     1 
HETATM 1566 O O     . HOH L 2 .  ? -2.403  22.085  -5.435  1.00 21.86 ? 148 HOH F O     1 
HETATM 1567 O O     . HOH L 2 .  ? 14.163  20.748  -23.327 1.00 25.53 ? 154 HOH F O     1 
HETATM 1568 O O     . HOH L 2 .  ? -2.998  15.972  -13.908 1.00 28.69 ? 160 HOH F O     1 
HETATM 1569 O O     . HOH L 2 .  ? 6.959   1.407   -19.605 1.00 29.15 ? 165 HOH F O     1 
HETATM 1570 O O     . HOH L 2 .  ? -3.994  13.350  -15.853 1.00 31.11 ? 166 HOH F O     1 
HETATM 1571 O O     . HOH L 2 .  ? -2.777  20.112  -13.135 1.00 32.74 ? 167 HOH F O     1 
HETATM 1572 O O     . HOH L 2 .  ? 1.598   19.603  -12.555 1.00 38.21 ? 169 HOH F O     1 
# 
